data_9EQ5
#
_entry.id   9EQ5
#
_cell.length_a   1.00
_cell.length_b   1.00
_cell.length_c   1.00
_cell.angle_alpha   90.00
_cell.angle_beta   90.00
_cell.angle_gamma   90.00
#
_symmetry.space_group_name_H-M   'P 1'
#
loop_
_entity.id
_entity.type
_entity.pdbx_description
1 polymer 'Histidine ammonia-lyase'
2 non-polymer '[(1R)-1-amino-2-phenylethyl]phosphonic acid'
#
_entity_poly.entity_id   1
_entity_poly.type   'polypeptide(L)'
_entity_poly.pdbx_seq_one_letter_code
;MLASSPSGHTNPVLSGAPLSINVVADIGRQRLIPSLTDDEQVLNRVHACRDVVQKAVRNNERIYGITTGFGGMSDIPIPP
QHVAQTQDNLLAFLSTSTGASLDPRHVRAAMALRANVLLQGRSGVRLELIERLVEFLRQDAIPVVCDLGSIG(MDO)DLV
PLGVIARSIIGHPSTTQVKYQGEQADSHDVLQQLNYSALQLEAKEGLALVNGTSFSSAIAANCVFESQRLLSLSLVLQSI
MVRALGGHPEAFHPFVDENKPHPGQGWSAQMMRDLLSYSPNDSKRNGDLAQDRYSLRCLAQYFAPIVEGIAQISQSISTE
MNAVSDNPLIDVDTGRFHQSGNFLGQYVAMSMDQLRRHLGLLAKHLDVQIAQLVAPAFNNGLPASLRGNSSRPFNMGLKG
LQITGNSIMPLLTYLGNPLTEHFPTHAEEFNQNINGLSWGSANLAWRSVQLFQHYLSVASIFAVQAIDLRAGLEADHCDG
RELLGETATELYETVYDLLERNCGQESPFLFNDDEQSLEVDLQMLNGDLAGAGRMHEAVSSVTDSFLAEFCESGGGLEVL
FQGPGGSSGSGHHHHHHHHH
;
_entity_poly.pdbx_strand_id   A,B,C,D
#
# COMPACT_ATOMS: atom_id res chain seq x y z
N ASN A 11 14.41 5.46 41.45
CA ASN A 11 14.84 6.12 40.22
C ASN A 11 15.99 5.37 39.55
N PRO A 12 15.90 5.21 38.23
CA PRO A 12 16.91 4.43 37.52
C PRO A 12 18.28 5.10 37.54
N VAL A 13 19.31 4.27 37.50
CA VAL A 13 20.69 4.72 37.38
C VAL A 13 21.17 4.39 35.98
N LEU A 14 21.67 5.39 35.28
CA LEU A 14 22.21 5.22 33.94
C LEU A 14 23.69 4.87 34.05
N SER A 15 24.06 3.68 33.57
CA SER A 15 25.44 3.24 33.65
C SER A 15 25.92 2.56 32.37
N GLY A 16 25.16 2.62 31.29
CA GLY A 16 25.46 1.87 30.09
C GLY A 16 24.89 0.48 30.08
N ALA A 17 24.39 -0.01 31.21
CA ALA A 17 23.70 -1.29 31.23
C ALA A 17 22.38 -1.18 30.48
N PRO A 18 21.88 -2.30 29.93
CA PRO A 18 20.64 -2.25 29.17
C PRO A 18 19.47 -1.76 30.01
N LEU A 19 18.60 -0.97 29.39
CA LEU A 19 17.39 -0.45 30.00
C LEU A 19 16.18 -1.20 29.46
N SER A 20 15.14 -1.27 30.27
CA SER A 20 13.88 -1.84 29.82
C SER A 20 13.04 -0.76 29.15
N ILE A 21 12.16 -1.19 28.24
CA ILE A 21 11.26 -0.25 27.58
C ILE A 21 10.35 0.42 28.60
N ASN A 22 10.01 -0.28 29.67
CA ASN A 22 9.21 0.32 30.74
C ASN A 22 9.94 1.51 31.37
N VAL A 23 11.21 1.34 31.69
CA VAL A 23 11.97 2.42 32.31
C VAL A 23 12.17 3.57 31.34
N VAL A 24 12.41 3.27 30.06
CA VAL A 24 12.57 4.32 29.06
C VAL A 24 11.29 5.13 28.92
N ALA A 25 10.15 4.45 28.87
CA ALA A 25 8.88 5.15 28.75
C ALA A 25 8.55 5.96 30.00
N ASP A 26 8.91 5.46 31.17
CA ASP A 26 8.65 6.20 32.40
C ASP A 26 9.58 7.41 32.54
N ILE A 27 10.80 7.31 32.03
CA ILE A 27 11.67 8.49 31.94
C ILE A 27 11.08 9.50 30.97
N GLY A 28 10.59 9.04 29.82
CA GLY A 28 9.92 9.91 28.89
C GLY A 28 8.67 10.55 29.47
N ARG A 29 7.96 9.82 30.33
CA ARG A 29 6.72 10.29 30.95
C ARG A 29 6.94 11.11 32.21
N GLN A 30 8.21 11.32 32.61
CA GLN A 30 8.57 12.03 33.84
C GLN A 30 8.08 11.30 35.09
N ARG A 31 7.86 10.00 35.01
CA ARG A 31 7.56 9.21 36.19
C ARG A 31 8.80 8.62 36.84
N LEU A 32 9.96 8.76 36.18
CA LEU A 32 11.25 8.38 36.75
C LEU A 32 12.26 9.46 36.42
N ILE A 33 13.14 9.75 37.35
CA ILE A 33 14.20 10.74 37.17
C ILE A 33 15.52 9.98 37.05
N PRO A 34 16.16 9.98 35.88
CA PRO A 34 17.43 9.27 35.73
C PRO A 34 18.52 9.89 36.60
N SER A 35 19.44 9.05 37.04
CA SER A 35 20.60 9.49 37.78
C SER A 35 21.84 8.92 37.12
N LEU A 36 22.90 9.73 37.04
CA LEU A 36 24.15 9.27 36.47
C LEU A 36 24.86 8.33 37.44
N THR A 37 25.48 7.29 36.89
CA THR A 37 26.14 6.29 37.71
C THR A 37 27.37 6.86 38.41
N ASP A 38 27.65 6.34 39.59
CA ASP A 38 28.89 6.62 40.29
C ASP A 38 29.85 5.44 40.27
N ASP A 39 29.52 4.39 39.52
CA ASP A 39 30.40 3.24 39.39
C ASP A 39 31.73 3.65 38.79
N GLU A 40 32.82 3.25 39.46
CA GLU A 40 34.15 3.65 39.02
C GLU A 40 34.51 3.03 37.68
N GLN A 41 34.12 1.78 37.44
CA GLN A 41 34.51 1.10 36.22
C GLN A 41 33.89 1.77 34.99
N VAL A 42 32.62 2.16 35.07
CA VAL A 42 31.95 2.77 33.92
C VAL A 42 32.58 4.11 33.56
N LEU A 43 32.77 4.97 34.56
CA LEU A 43 33.34 6.28 34.30
C LEU A 43 34.79 6.18 33.89
N ASN A 44 35.52 5.21 34.44
CA ASN A 44 36.90 4.99 34.03
C ASN A 44 36.98 4.53 32.59
N ARG A 45 36.04 3.68 32.16
CA ARG A 45 35.99 3.28 30.76
C ARG A 45 35.70 4.47 29.85
N VAL A 46 34.79 5.35 30.28
CA VAL A 46 34.50 6.55 29.50
C VAL A 46 35.75 7.43 29.37
N HIS A 47 36.47 7.61 30.48
CA HIS A 47 37.70 8.40 30.46
C HIS A 47 38.76 7.76 29.56
N ALA A 48 38.88 6.43 29.61
CA ALA A 48 39.86 5.74 28.78
C ALA A 48 39.51 5.86 27.31
N CYS A 49 38.22 5.81 26.97
CA CYS A 49 37.82 6.01 25.59
C CYS A 49 38.19 7.41 25.10
N ARG A 50 37.92 8.41 25.93
CA ARG A 50 38.33 9.77 25.58
C ARG A 50 39.85 9.87 25.46
N ASP A 51 40.59 9.12 26.28
CA ASP A 51 42.04 9.09 26.18
C ASP A 51 42.50 8.50 24.86
N VAL A 52 41.83 7.43 24.41
CA VAL A 52 42.16 6.85 23.11
C VAL A 52 41.95 7.87 22.01
N VAL A 53 40.83 8.61 22.07
CA VAL A 53 40.59 9.66 21.08
C VAL A 53 41.69 10.72 21.13
N GLN A 54 42.08 11.14 22.34
CA GLN A 54 43.13 12.13 22.50
C GLN A 54 44.44 11.65 21.90
N LYS A 55 44.80 10.39 22.15
CA LYS A 55 46.04 9.85 21.61
C LYS A 55 46.00 9.77 20.09
N ALA A 56 44.83 9.44 19.54
CA ALA A 56 44.70 9.42 18.08
C ALA A 56 44.84 10.81 17.49
N VAL A 57 44.33 11.83 18.18
CA VAL A 57 44.48 13.20 17.70
C VAL A 57 45.92 13.67 17.81
N ARG A 58 46.59 13.33 18.91
CA ARG A 58 47.94 13.84 19.16
C ARG A 58 48.93 13.33 18.11
N ASN A 59 48.81 12.06 17.72
CA ASN A 59 49.71 11.47 16.74
C ASN A 59 49.24 11.69 15.30
N ASN A 60 48.17 12.45 15.10
CA ASN A 60 47.63 12.74 13.78
C ASN A 60 47.30 11.46 13.02
N GLU A 61 46.78 10.47 13.72
CA GLU A 61 46.37 9.24 13.08
C GLU A 61 45.17 9.48 12.18
N ARG A 62 45.19 8.88 11.00
CA ARG A 62 44.10 9.03 10.03
C ARG A 62 42.93 8.15 10.47
N ILE A 63 41.85 8.79 10.91
CA ILE A 63 40.65 8.08 11.37
C ILE A 63 39.43 8.81 10.82
N TYR A 64 38.43 8.05 10.39
CA TYR A 64 37.22 8.66 9.85
C TYR A 64 36.53 9.50 10.91
N GLY A 65 35.96 10.62 10.47
CA GLY A 65 35.29 11.53 11.39
C GLY A 65 36.21 12.46 12.12
N ILE A 66 37.21 11.91 12.81
CA ILE A 66 38.15 12.73 13.56
C ILE A 66 38.97 13.61 12.61
N THR A 67 39.58 12.99 11.60
CA THR A 67 40.48 13.71 10.71
C THR A 67 40.05 13.70 9.25
N THR A 68 38.91 13.10 8.92
CA THR A 68 38.42 13.07 7.56
C THR A 68 37.11 13.84 7.47
N GLY A 69 36.56 13.90 6.26
CA GLY A 69 35.23 14.44 6.06
C GLY A 69 34.17 13.47 6.54
N PHE A 70 32.92 13.88 6.39
CA PHE A 70 31.80 13.08 6.83
C PHE A 70 31.31 12.21 5.67
N GLY A 71 30.12 11.62 5.82
CA GLY A 71 29.69 10.48 5.02
C GLY A 71 30.00 10.53 3.53
N GLY A 72 29.39 11.45 2.80
CA GLY A 72 29.64 11.53 1.37
C GLY A 72 30.90 12.27 1.00
N MET A 73 31.41 13.13 1.88
CA MET A 73 32.61 13.91 1.62
C MET A 73 33.77 13.47 2.50
N SER A 74 33.85 12.18 2.83
CA SER A 74 34.95 11.65 3.62
C SER A 74 36.24 11.54 2.83
N ASP A 75 36.19 11.78 1.52
CA ASP A 75 37.42 11.81 0.71
C ASP A 75 38.28 13.04 0.99
N ILE A 76 37.73 14.05 1.66
CA ILE A 76 38.44 15.30 1.89
C ILE A 76 39.13 15.22 3.25
N PRO A 77 40.46 15.26 3.31
CA PRO A 77 41.15 15.26 4.60
C PRO A 77 40.96 16.59 5.33
N ILE A 78 41.08 16.53 6.64
CA ILE A 78 40.96 17.69 7.51
C ILE A 78 42.27 17.87 8.25
N PRO A 79 42.90 19.05 8.17
CA PRO A 79 44.17 19.26 8.88
C PRO A 79 43.96 19.26 10.39
N PRO A 80 45.00 18.96 11.16
CA PRO A 80 44.82 18.81 12.62
C PRO A 80 44.22 20.03 13.30
N GLN A 81 44.66 21.24 12.92
CA GLN A 81 44.21 22.44 13.63
C GLN A 81 42.70 22.66 13.50
N HIS A 82 42.07 22.08 12.48
CA HIS A 82 40.64 22.23 12.26
C HIS A 82 39.83 21.08 12.85
N VAL A 83 40.49 20.05 13.40
CA VAL A 83 39.79 18.84 13.83
C VAL A 83 38.60 19.19 14.73
N ALA A 84 38.87 19.88 15.83
CA ALA A 84 37.81 20.25 16.75
C ALA A 84 36.73 21.07 16.04
N GLN A 85 37.15 22.05 15.24
CA GLN A 85 36.19 22.88 14.53
C GLN A 85 35.25 22.01 13.71
N THR A 86 35.79 20.97 13.06
CA THR A 86 34.98 20.10 12.24
C THR A 86 33.75 19.62 13.01
N GLN A 87 33.96 19.17 14.25
CA GLN A 87 32.85 18.67 15.05
C GLN A 87 31.80 19.76 15.24
N ASP A 88 32.23 20.96 15.65
CA ASP A 88 31.29 22.06 15.77
C ASP A 88 30.59 22.31 14.45
N ASN A 89 31.36 22.31 13.35
CA ASN A 89 30.78 22.57 12.05
C ASN A 89 29.74 21.52 11.70
N LEU A 90 29.92 20.29 12.16
CA LEU A 90 28.92 19.25 11.94
C LEU A 90 27.56 19.73 12.43
N LEU A 91 27.51 20.18 13.68
CA LEU A 91 26.24 20.62 14.23
C LEU A 91 25.68 21.83 13.50
N ALA A 92 26.55 22.61 12.85
CA ALA A 92 26.07 23.74 12.06
C ALA A 92 25.32 23.27 10.83
N PHE A 93 25.82 22.26 10.12
CA PHE A 93 25.16 21.91 8.87
C PHE A 93 24.06 20.86 9.06
N LEU A 94 23.94 20.28 10.25
CA LEU A 94 22.84 19.39 10.57
C LEU A 94 21.62 20.11 11.12
N SER A 95 21.68 21.44 11.25
CA SER A 95 20.57 22.24 11.75
C SER A 95 19.54 22.43 10.64
N THR A 96 18.81 21.35 10.36
CA THR A 96 17.81 21.33 9.29
C THR A 96 16.56 20.62 9.77
N SER A 97 16.20 20.82 11.04
CA SER A 97 15.04 20.17 11.64
C SER A 97 13.79 21.02 11.41
N THR A 98 12.76 20.43 10.82
CA THR A 98 11.52 21.12 10.52
C THR A 98 10.34 20.18 10.74
N GLY A 99 9.15 20.73 10.59
CA GLY A 99 7.92 19.97 10.75
C GLY A 99 7.23 20.27 12.06
N ALA A 100 6.29 19.40 12.41
CA ALA A 100 5.60 19.51 13.68
C ALA A 100 6.51 19.09 14.83
N SER A 101 6.31 19.74 15.97
CA SER A 101 7.12 19.41 17.14
C SER A 101 6.79 18.03 17.66
N LEU A 102 7.82 17.30 18.09
CA LEU A 102 7.64 15.98 18.65
C LEU A 102 7.05 16.04 20.06
N ASP A 103 6.42 14.95 20.47
CA ASP A 103 6.02 14.80 21.85
C ASP A 103 7.25 14.82 22.74
N PRO A 104 7.29 15.66 23.78
CA PRO A 104 8.48 15.73 24.64
C PRO A 104 8.86 14.39 25.29
N ARG A 105 7.93 13.45 25.39
CA ARG A 105 8.27 12.12 25.87
C ARG A 105 9.34 11.48 25.00
N HIS A 106 9.21 11.62 23.68
CA HIS A 106 10.22 11.10 22.76
C HIS A 106 11.57 11.73 23.00
N VAL A 107 11.60 13.04 23.24
CA VAL A 107 12.87 13.74 23.42
C VAL A 107 13.53 13.34 24.74
N ARG A 108 12.73 13.22 25.81
CA ARG A 108 13.28 12.75 27.08
C ARG A 108 13.84 11.35 26.95
N ALA A 109 13.09 10.45 26.30
CA ALA A 109 13.55 9.09 26.11
C ALA A 109 14.83 9.05 25.27
N ALA A 110 14.91 9.88 24.24
CA ALA A 110 16.11 9.93 23.41
C ALA A 110 17.31 10.44 24.18
N MET A 111 17.12 11.46 25.03
CA MET A 111 18.23 11.95 25.84
C MET A 111 18.72 10.87 26.80
N ALA A 112 17.79 10.17 27.46
CA ALA A 112 18.19 9.10 28.37
C ALA A 112 18.91 7.98 27.64
N LEU A 113 18.37 7.56 26.49
CA LEU A 113 18.99 6.48 25.72
C LEU A 113 20.36 6.88 25.19
N ARG A 114 20.52 8.12 24.74
CA ARG A 114 21.82 8.56 24.25
C ARG A 114 22.85 8.63 25.36
N ALA A 115 22.46 9.14 26.53
CA ALA A 115 23.39 9.13 27.66
C ALA A 115 23.78 7.71 28.03
N ASN A 116 22.80 6.79 28.04
CA ASN A 116 23.08 5.40 28.37
C ASN A 116 24.02 4.77 27.34
N VAL A 117 23.81 5.06 26.05
CA VAL A 117 24.69 4.54 25.01
C VAL A 117 26.11 5.07 25.17
N LEU A 118 26.25 6.38 25.41
CA LEU A 118 27.56 6.96 25.56
C LEU A 118 28.27 6.46 26.81
N LEU A 119 27.51 6.06 27.83
CA LEU A 119 28.11 5.55 29.05
C LEU A 119 28.78 4.19 28.88
N GLN A 120 28.58 3.51 27.75
CA GLN A 120 29.22 2.22 27.53
C GLN A 120 30.68 2.33 27.15
N GLY A 121 31.18 3.54 26.91
CA GLY A 121 32.60 3.73 26.66
C GLY A 121 33.11 3.25 25.32
N ARG A 122 32.32 3.43 24.26
CA ARG A 122 32.75 3.11 22.91
C ARG A 122 32.76 4.32 21.98
N SER A 123 32.27 5.46 22.42
CA SER A 123 32.05 6.61 21.56
C SER A 123 33.12 7.69 21.68
N GLY A 124 33.95 7.65 22.73
CA GLY A 124 35.02 8.62 22.87
C GLY A 124 34.59 10.00 23.29
N VAL A 125 33.41 10.13 23.91
CA VAL A 125 32.95 11.44 24.37
C VAL A 125 33.59 11.77 25.72
N ARG A 126 33.62 13.07 26.02
CA ARG A 126 33.91 13.50 27.38
C ARG A 126 32.75 13.16 28.29
N LEU A 127 33.07 12.85 29.55
CA LEU A 127 32.01 12.56 30.52
C LEU A 127 31.11 13.75 30.74
N GLU A 128 31.64 14.97 30.59
CA GLU A 128 30.85 16.17 30.82
C GLU A 128 29.68 16.28 29.87
N LEU A 129 29.80 15.78 28.65
CA LEU A 129 28.66 15.76 27.73
C LEU A 129 27.54 14.87 28.26
N ILE A 130 27.90 13.68 28.75
CA ILE A 130 26.92 12.78 29.34
C ILE A 130 26.28 13.41 30.57
N GLU A 131 27.09 14.10 31.38
CA GLU A 131 26.58 14.78 32.56
C GLU A 131 25.59 15.88 32.17
N ARG A 132 25.91 16.64 31.12
CA ARG A 132 24.99 17.67 30.65
C ARG A 132 23.69 17.08 30.15
N LEU A 133 23.76 15.97 29.41
CA LEU A 133 22.55 15.28 28.98
C LEU A 133 21.69 14.88 30.17
N VAL A 134 22.31 14.23 31.16
CA VAL A 134 21.57 13.74 32.32
C VAL A 134 21.00 14.90 33.11
N GLU A 135 21.75 16.00 33.22
CA GLU A 135 21.29 17.13 34.02
C GLU A 135 20.17 17.89 33.33
N PHE A 136 20.24 18.02 32.01
CA PHE A 136 19.11 18.55 31.26
C PHE A 136 17.87 17.72 31.48
N LEU A 137 18.02 16.39 31.46
CA LEU A 137 16.88 15.51 31.71
C LEU A 137 16.36 15.66 33.14
N ARG A 138 17.25 15.78 34.12
CA ARG A 138 16.84 15.90 35.51
C ARG A 138 16.18 17.24 35.79
N GLN A 139 16.68 18.31 35.19
CA GLN A 139 16.11 19.64 35.35
C GLN A 139 14.86 19.84 34.51
N ASP A 140 14.48 18.86 33.69
CA ASP A 140 13.32 18.96 32.80
C ASP A 140 13.48 20.14 31.83
N ALA A 141 14.69 20.31 31.32
CA ALA A 141 14.98 21.28 30.26
C ALA A 141 15.06 20.46 28.96
N ILE A 142 13.95 20.37 28.25
CA ILE A 142 13.78 19.44 27.14
C ILE A 142 13.82 20.22 25.84
N PRO A 143 14.79 19.96 24.96
CA PRO A 143 14.83 20.66 23.68
C PRO A 143 13.59 20.38 22.85
N VAL A 144 13.14 21.40 22.13
CA VAL A 144 12.07 21.24 21.15
C VAL A 144 12.65 20.62 19.89
N VAL A 145 12.14 19.48 19.49
CA VAL A 145 12.62 18.76 18.31
C VAL A 145 11.44 18.54 17.38
N CYS A 146 11.63 18.87 16.11
CA CYS A 146 10.59 18.68 15.10
C CYS A 146 10.71 17.30 14.46
N ASP A 147 9.67 16.91 13.73
CA ASP A 147 9.49 15.52 13.35
C ASP A 147 10.03 15.18 11.96
N LEU A 148 10.68 16.11 11.27
CA LEU A 148 11.26 15.84 9.96
C LEU A 148 12.77 16.03 10.00
N GLY A 149 13.48 15.17 9.28
CA GLY A 149 14.90 15.39 9.08
C GLY A 149 15.80 14.18 9.15
N SER A 150 15.26 12.99 9.41
CA SER A 150 16.07 11.81 9.61
C SER A 150 15.56 10.65 8.77
N ILE A 151 16.50 9.81 8.30
CA ILE A 151 16.18 8.63 7.51
C ILE A 151 16.62 7.34 8.20
N GLY A 152 16.95 7.40 9.48
CA GLY A 152 17.28 6.19 10.23
C GLY A 152 18.62 5.57 9.91
N ASP A 154 20.32 9.48 12.50
CA ASP A 154 19.55 10.41 13.32
C ASP A 154 20.30 11.70 13.56
N LEU A 155 20.98 12.15 12.51
CA LEU A 155 21.92 13.26 12.63
C LEU A 155 21.21 14.55 13.07
N VAL A 156 20.09 14.87 12.43
CA VAL A 156 19.42 16.16 12.66
C VAL A 156 18.67 16.18 13.99
N PRO A 157 17.78 15.21 14.27
CA PRO A 157 17.07 15.26 15.57
C PRO A 157 18.00 15.17 16.76
N LEU A 158 19.04 14.34 16.68
CA LEU A 158 20.01 14.28 17.77
C LEU A 158 20.89 15.52 17.81
N GLY A 159 21.13 16.13 16.66
CA GLY A 159 21.86 17.39 16.63
C GLY A 159 21.14 18.50 17.33
N VAL A 160 19.81 18.48 17.29
CA VAL A 160 19.04 19.46 18.06
C VAL A 160 19.39 19.34 19.55
N ILE A 161 19.39 18.12 20.07
CA ILE A 161 19.71 17.91 21.48
C ILE A 161 21.15 18.30 21.78
N ALA A 162 22.08 17.94 20.89
CA ALA A 162 23.48 18.27 21.11
C ALA A 162 23.70 19.78 21.15
N ARG A 163 23.13 20.49 20.17
CA ARG A 163 23.23 21.95 20.16
C ARG A 163 22.57 22.56 21.38
N SER A 164 21.48 21.97 21.86
CA SER A 164 20.83 22.48 23.07
C SER A 164 21.73 22.34 24.27
N ILE A 165 22.39 21.19 24.44
CA ILE A 165 23.14 20.96 25.66
C ILE A 165 24.53 21.58 25.64
N ILE A 166 25.07 21.90 24.46
CA ILE A 166 26.40 22.53 24.42
C ILE A 166 26.34 24.03 24.21
N GLY A 167 25.16 24.61 24.02
CA GLY A 167 25.06 26.02 23.71
C GLY A 167 25.67 26.38 22.37
N HIS A 168 25.37 25.59 21.34
CA HIS A 168 25.88 25.84 20.00
C HIS A 168 25.27 27.12 19.43
N PRO A 169 26.04 27.87 18.63
CA PRO A 169 25.50 29.11 18.04
C PRO A 169 24.28 28.90 17.17
N SER A 170 24.10 27.72 16.58
CA SER A 170 22.83 27.42 15.91
C SER A 170 21.78 27.18 16.98
N THR A 171 21.15 28.26 17.43
CA THR A 171 20.27 28.23 18.59
C THR A 171 19.09 27.30 18.38
N THR A 172 18.77 26.51 19.41
CA THR A 172 17.58 25.69 19.46
C THR A 172 16.60 26.26 20.48
N GLN A 173 15.42 25.66 20.53
CA GLN A 173 14.39 26.03 21.49
C GLN A 173 14.28 24.94 22.55
N VAL A 174 14.33 25.34 23.81
CA VAL A 174 14.31 24.41 24.93
C VAL A 174 13.16 24.78 25.85
N LYS A 175 12.34 23.80 26.20
CA LYS A 175 11.27 23.98 27.17
C LYS A 175 11.83 23.72 28.57
N TYR A 176 11.73 24.72 29.44
CA TYR A 176 12.25 24.65 30.79
C TYR A 176 11.35 25.44 31.72
N GLN A 177 11.04 24.86 32.87
CA GLN A 177 10.17 25.48 33.87
C GLN A 177 8.84 25.94 33.25
N GLY A 178 8.33 25.15 32.32
CA GLY A 178 7.05 25.45 31.70
C GLY A 178 7.08 26.50 30.62
N GLU A 179 8.25 27.05 30.28
CA GLU A 179 8.34 28.10 29.29
C GLU A 179 9.36 27.71 28.23
N GLN A 180 9.11 28.12 26.99
CA GLN A 180 10.02 27.85 25.88
C GLN A 180 10.98 29.02 25.72
N ALA A 181 12.27 28.74 25.64
CA ALA A 181 13.29 29.78 25.58
C ALA A 181 14.40 29.35 24.65
N ASP A 182 15.31 30.28 24.39
CA ASP A 182 16.51 29.96 23.62
C ASP A 182 17.42 29.04 24.42
N SER A 183 18.13 28.17 23.69
CA SER A 183 19.03 27.23 24.34
C SER A 183 20.07 27.94 25.19
N HIS A 184 20.49 29.14 24.78
CA HIS A 184 21.47 29.90 25.56
C HIS A 184 20.88 30.37 26.88
N ASP A 185 19.63 30.82 26.88
CA ASP A 185 18.97 31.24 28.12
C ASP A 185 18.83 30.07 29.09
N VAL A 186 18.39 28.92 28.58
CA VAL A 186 18.25 27.74 29.44
C VAL A 186 19.61 27.30 29.97
N LEU A 187 20.64 27.33 29.11
CA LEU A 187 21.99 27.01 29.55
C LEU A 187 22.43 27.90 30.70
N GLN A 188 22.20 29.21 30.57
CA GLN A 188 22.57 30.13 31.63
C GLN A 188 21.77 29.85 32.90
N GLN A 189 20.47 29.55 32.76
CA GLN A 189 19.65 29.24 33.92
C GLN A 189 20.12 27.96 34.62
N LEU A 190 20.75 27.05 33.89
CA LEU A 190 21.29 25.82 34.46
C LEU A 190 22.73 25.99 34.92
N ASN A 191 23.26 27.21 34.87
CA ASN A 191 24.64 27.52 35.28
C ASN A 191 25.66 26.74 34.45
N TYR A 192 25.35 26.51 33.17
CA TYR A 192 26.27 25.90 32.23
C TYR A 192 26.79 26.97 31.29
N SER A 193 28.06 26.83 30.90
CA SER A 193 28.64 27.68 29.87
C SER A 193 28.62 26.95 28.53
N ALA A 194 28.85 27.71 27.47
CA ALA A 194 28.97 27.11 26.15
C ALA A 194 30.14 26.14 26.11
N LEU A 195 29.95 25.03 25.43
CA LEU A 195 30.95 23.98 25.37
C LEU A 195 31.45 23.82 23.94
N GLN A 196 32.77 23.80 23.77
CA GLN A 196 33.37 23.54 22.48
C GLN A 196 33.69 22.06 22.37
N LEU A 197 33.24 21.45 21.28
CA LEU A 197 33.39 20.02 21.11
C LEU A 197 34.83 19.64 20.78
N GLU A 198 35.27 18.53 21.35
CA GLU A 198 36.57 17.96 21.00
C GLU A 198 36.38 17.00 19.83
N ALA A 199 37.42 16.27 19.48
CA ALA A 199 37.36 15.39 18.32
C ALA A 199 36.35 14.27 18.53
N LYS A 200 35.56 14.02 17.48
CA LYS A 200 34.64 12.89 17.38
C LYS A 200 33.42 13.07 18.28
N GLU A 201 33.43 14.10 19.13
CA GLU A 201 32.36 14.24 20.12
C GLU A 201 31.04 14.62 19.46
N GLY A 202 31.06 15.60 18.56
CA GLY A 202 29.85 15.98 17.87
C GLY A 202 29.28 14.85 17.04
N LEU A 203 30.16 14.12 16.36
CA LEU A 203 29.72 12.94 15.61
C LEU A 203 29.18 11.87 16.54
N ALA A 204 29.85 11.64 17.68
CA ALA A 204 29.39 10.62 18.61
C ALA A 204 28.06 10.97 19.26
N LEU A 205 27.71 12.25 19.35
CA LEU A 205 26.42 12.61 19.93
C LEU A 205 25.25 12.33 18.99
N VAL A 206 25.47 12.34 17.68
CA VAL A 206 24.38 12.33 16.72
C VAL A 206 24.38 11.10 15.82
N ASN A 207 25.43 10.28 15.84
CA ASN A 207 25.59 9.21 14.85
C ASN A 207 25.06 7.89 15.40
N GLY A 208 23.74 7.85 15.61
CA GLY A 208 23.14 6.65 16.16
C GLY A 208 21.65 6.61 15.91
N THR A 209 21.02 5.58 16.46
CA THR A 209 19.59 5.35 16.30
C THR A 209 18.79 5.67 17.55
N SER A 210 19.37 6.47 18.46
CA SER A 210 18.77 6.66 19.78
C SER A 210 17.40 7.33 19.71
N PHE A 211 17.24 8.31 18.81
CA PHE A 211 15.97 9.02 18.74
C PHE A 211 14.88 8.15 18.14
N SER A 212 15.20 7.46 17.03
CA SER A 212 14.27 6.49 16.46
C SER A 212 13.93 5.40 17.47
N SER A 213 14.94 4.91 18.20
CA SER A 213 14.71 3.89 19.21
C SER A 213 13.86 4.42 20.36
N ALA A 214 13.98 5.70 20.67
CA ALA A 214 13.18 6.29 21.75
C ALA A 214 11.72 6.38 21.36
N ILE A 215 11.46 6.88 20.15
CA ILE A 215 10.08 6.92 19.66
C ILE A 215 9.50 5.52 19.58
N ALA A 216 10.31 4.56 19.10
CA ALA A 216 9.85 3.17 19.01
C ALA A 216 9.58 2.56 20.38
N ALA A 217 10.41 2.88 21.37
CA ALA A 217 10.20 2.36 22.72
C ALA A 217 8.92 2.91 23.33
N ASN A 218 8.65 4.21 23.12
CA ASN A 218 7.37 4.76 23.56
C ASN A 218 6.20 4.08 22.85
N CYS A 219 6.34 3.86 21.54
CA CYS A 219 5.29 3.17 20.78
C CYS A 219 5.06 1.77 21.31
N VAL A 220 6.13 1.05 21.65
CA VAL A 220 6.02 -0.32 22.14
C VAL A 220 5.37 -0.37 23.51
N PHE A 221 5.77 0.53 24.42
CA PHE A 221 5.15 0.62 25.73
C PHE A 221 3.64 0.87 25.61
N GLU A 222 3.28 1.87 24.80
CA GLU A 222 1.88 2.18 24.59
C GLU A 222 1.16 1.01 23.95
N SER A 223 1.79 0.33 23.00
CA SER A 223 1.14 -0.75 22.27
C SER A 223 0.90 -1.96 23.16
N GLN A 224 1.83 -2.25 24.08
CA GLN A 224 1.58 -3.31 25.05
C GLN A 224 0.37 -2.98 25.91
N ARG A 225 0.30 -1.74 26.41
CA ARG A 225 -0.84 -1.35 27.22
C ARG A 225 -2.14 -1.39 26.42
N LEU A 226 -2.08 -0.95 25.16
CA LEU A 226 -3.27 -0.91 24.32
C LEU A 226 -3.72 -2.30 23.91
N LEU A 227 -2.78 -3.23 23.74
CA LEU A 227 -3.15 -4.62 23.50
C LEU A 227 -3.88 -5.20 24.70
N SER A 228 -3.36 -4.94 25.91
CA SER A 228 -4.06 -5.43 27.10
C SER A 228 -5.46 -4.84 27.22
N LEU A 229 -5.58 -3.53 26.98
CA LEU A 229 -6.87 -2.87 27.06
C LEU A 229 -7.83 -3.39 25.98
N SER A 230 -7.31 -3.63 24.78
CA SER A 230 -8.12 -4.20 23.70
C SER A 230 -8.63 -5.57 24.09
N LEU A 231 -7.79 -6.41 24.70
CA LEU A 231 -8.23 -7.73 25.09
C LEU A 231 -9.32 -7.67 26.15
N VAL A 232 -9.18 -6.77 27.13
CA VAL A 232 -10.21 -6.67 28.17
C VAL A 232 -11.51 -6.13 27.58
N LEU A 233 -11.43 -5.14 26.69
CA LEU A 233 -12.64 -4.62 26.05
C LEU A 233 -13.29 -5.69 25.18
N GLN A 234 -12.49 -6.53 24.53
CA GLN A 234 -13.02 -7.65 23.77
C GLN A 234 -13.75 -8.63 24.67
N SER A 235 -13.19 -8.92 25.84
CA SER A 235 -13.88 -9.81 26.77
C SER A 235 -15.22 -9.22 27.20
N ILE A 236 -15.24 -7.91 27.47
CA ILE A 236 -16.49 -7.25 27.84
C ILE A 236 -17.51 -7.33 26.70
N MET A 237 -17.08 -7.08 25.46
CA MET A 237 -17.99 -7.14 24.32
C MET A 237 -18.50 -8.56 24.09
N VAL A 238 -17.62 -9.56 24.25
CA VAL A 238 -18.02 -10.95 24.11
C VAL A 238 -19.06 -11.32 25.16
N ARG A 239 -18.87 -10.85 26.39
CA ARG A 239 -19.87 -11.07 27.42
C ARG A 239 -21.18 -10.35 27.10
N ALA A 240 -21.09 -9.16 26.51
CA ALA A 240 -22.29 -8.39 26.17
C ALA A 240 -23.06 -9.06 25.04
N LEU A 241 -22.36 -9.67 24.08
CA LEU A 241 -23.02 -10.42 23.03
C LEU A 241 -23.56 -11.76 23.51
N GLY A 242 -23.26 -12.14 24.74
CA GLY A 242 -23.60 -13.49 25.19
C GLY A 242 -22.79 -14.55 24.48
N GLY A 243 -21.53 -14.27 24.17
CA GLY A 243 -20.70 -15.23 23.48
C GLY A 243 -20.42 -16.45 24.34
N HIS A 244 -20.18 -17.57 23.67
CA HIS A 244 -19.95 -18.82 24.37
C HIS A 244 -18.48 -18.95 24.76
N PRO A 245 -18.17 -19.13 26.05
CA PRO A 245 -16.76 -19.33 26.46
C PRO A 245 -16.13 -20.60 25.90
N GLU A 246 -16.90 -21.45 25.20
CA GLU A 246 -16.34 -22.68 24.64
C GLU A 246 -15.19 -22.40 23.68
N ALA A 247 -15.18 -21.22 23.07
CA ALA A 247 -14.11 -20.87 22.14
C ALA A 247 -12.75 -20.81 22.83
N PHE A 248 -12.72 -20.67 24.15
CA PHE A 248 -11.47 -20.48 24.88
C PHE A 248 -11.15 -21.66 25.80
N HIS A 249 -11.72 -22.83 25.53
CA HIS A 249 -11.38 -24.01 26.30
C HIS A 249 -9.91 -24.35 26.11
N PRO A 250 -9.24 -24.86 27.15
CA PRO A 250 -7.81 -25.19 27.02
C PRO A 250 -7.52 -26.18 25.92
N PHE A 251 -8.45 -27.09 25.60
CA PHE A 251 -8.22 -28.09 24.57
C PHE A 251 -8.00 -27.45 23.20
N VAL A 252 -8.65 -26.31 22.93
CA VAL A 252 -8.55 -25.69 21.62
C VAL A 252 -7.14 -25.14 21.38
N ASP A 253 -6.61 -24.37 22.33
CA ASP A 253 -5.26 -23.85 22.18
C ASP A 253 -4.20 -24.92 22.41
N GLU A 254 -4.54 -25.98 23.14
CA GLU A 254 -3.62 -27.10 23.30
C GLU A 254 -3.31 -27.76 21.96
N ASN A 255 -4.27 -27.78 21.06
CA ASN A 255 -4.11 -28.41 19.75
C ASN A 255 -3.63 -27.43 18.68
N LYS A 256 -3.48 -26.14 19.01
CA LYS A 256 -2.88 -25.16 18.11
C LYS A 256 -1.90 -24.30 18.90
N PRO A 257 -0.75 -24.86 19.26
CA PRO A 257 0.11 -24.28 20.31
C PRO A 257 0.92 -23.05 19.90
N HIS A 258 0.26 -22.10 19.26
CA HIS A 258 0.86 -20.77 19.15
C HIS A 258 0.91 -20.15 20.54
N PRO A 259 2.07 -19.64 20.98
CA PRO A 259 2.13 -19.03 22.32
C PRO A 259 1.14 -17.88 22.49
N GLY A 260 0.97 -17.06 21.46
CA GLY A 260 0.01 -15.98 21.53
C GLY A 260 -1.40 -16.49 21.73
N GLN A 261 -1.77 -17.57 21.04
CA GLN A 261 -3.10 -18.13 21.18
C GLN A 261 -3.32 -18.68 22.58
N GLY A 262 -2.33 -19.38 23.12
CA GLY A 262 -2.45 -19.90 24.46
C GLY A 262 -2.60 -18.81 25.51
N TRP A 263 -1.75 -17.78 25.42
CA TRP A 263 -1.84 -16.69 26.37
C TRP A 263 -3.16 -15.93 26.23
N SER A 264 -3.60 -15.69 24.99
CA SER A 264 -4.86 -14.98 24.77
C SER A 264 -6.05 -15.78 25.28
N ALA A 265 -6.05 -17.10 25.06
CA ALA A 265 -7.13 -17.93 25.56
C ALA A 265 -7.14 -17.98 27.08
N GLN A 266 -5.95 -18.06 27.70
CA GLN A 266 -5.88 -18.02 29.15
C GLN A 266 -6.41 -16.70 29.70
N MET A 267 -6.06 -15.60 29.04
CA MET A 267 -6.58 -14.30 29.45
C MET A 267 -8.10 -14.24 29.32
N MET A 268 -8.63 -14.75 28.21
CA MET A 268 -10.09 -14.74 28.03
C MET A 268 -10.78 -15.61 29.06
N ARG A 269 -10.19 -16.75 29.41
CA ARG A 269 -10.75 -17.58 30.47
C ARG A 269 -10.74 -16.85 31.81
N ASP A 270 -9.65 -16.14 32.12
CA ASP A 270 -9.61 -15.37 33.34
C ASP A 270 -10.65 -14.26 33.34
N LEU A 271 -10.81 -13.57 32.22
CA LEU A 271 -11.66 -12.38 32.16
C LEU A 271 -13.14 -12.72 32.13
N LEU A 272 -13.51 -13.83 31.51
CA LEU A 272 -14.91 -14.20 31.40
C LEU A 272 -15.40 -14.93 32.64
N ALA A 286 -25.98 -22.13 16.47
CA ALA A 286 -25.22 -23.29 16.93
C ALA A 286 -23.82 -22.88 17.37
N GLN A 287 -23.25 -21.90 16.67
CA GLN A 287 -21.91 -21.41 16.97
C GLN A 287 -21.89 -19.90 16.82
N ASP A 288 -20.97 -19.28 17.58
CA ASP A 288 -20.79 -17.84 17.46
C ASP A 288 -20.10 -17.50 16.14
N ARG A 289 -20.24 -16.25 15.73
CA ARG A 289 -19.52 -15.77 14.57
C ARG A 289 -18.03 -15.68 14.88
N TYR A 290 -17.23 -15.52 13.83
CA TYR A 290 -15.80 -15.75 13.93
C TYR A 290 -15.11 -14.74 14.84
N SER A 291 -15.58 -13.49 14.85
CA SER A 291 -14.96 -12.46 15.68
C SER A 291 -14.99 -12.83 17.16
N LEU A 292 -15.91 -13.70 17.58
CA LEU A 292 -15.96 -14.22 18.93
C LEU A 292 -15.31 -15.61 19.04
N ARG A 293 -15.66 -16.52 18.13
CA ARG A 293 -15.22 -17.90 18.23
C ARG A 293 -13.75 -18.09 17.87
N CYS A 294 -13.21 -17.22 17.01
CA CYS A 294 -11.81 -17.30 16.60
C CYS A 294 -10.98 -16.17 17.20
N LEU A 295 -11.37 -15.67 18.37
CA LEU A 295 -10.74 -14.50 18.95
C LEU A 295 -9.28 -14.76 19.34
N ALA A 296 -9.03 -15.88 20.03
CA ALA A 296 -7.67 -16.20 20.43
C ALA A 296 -6.77 -16.45 19.22
N GLN A 297 -7.29 -17.14 18.20
CA GLN A 297 -6.52 -17.37 16.99
C GLN A 297 -6.20 -16.06 16.28
N TYR A 298 -7.15 -15.12 16.27
CA TYR A 298 -6.90 -13.81 15.70
C TYR A 298 -5.85 -13.04 16.48
N PHE A 299 -5.90 -13.16 17.82
CA PHE A 299 -4.97 -12.41 18.67
C PHE A 299 -3.55 -12.95 18.59
N ALA A 300 -3.39 -14.27 18.49
CA ALA A 300 -2.10 -14.95 18.58
C ALA A 300 -0.98 -14.26 17.82
N PRO A 301 -1.09 -14.03 16.50
CA PRO A 301 0.00 -13.36 15.79
C PRO A 301 0.24 -11.94 16.26
N ILE A 302 -0.81 -11.22 16.65
CA ILE A 302 -0.62 -9.86 17.17
C ILE A 302 0.17 -9.88 18.47
N VAL A 303 -0.20 -10.78 19.38
CA VAL A 303 0.49 -10.89 20.67
C VAL A 303 1.96 -11.24 20.45
N GLU A 304 2.22 -12.26 19.64
CA GLU A 304 3.60 -12.70 19.43
C GLU A 304 4.41 -11.66 18.67
N GLY A 305 3.80 -10.97 17.70
CA GLY A 305 4.51 -9.93 16.98
C GLY A 305 4.84 -8.75 17.85
N ILE A 306 3.92 -8.35 18.74
CA ILE A 306 4.20 -7.27 19.67
C ILE A 306 5.33 -7.65 20.61
N ALA A 307 5.35 -8.90 21.07
CA ALA A 307 6.46 -9.37 21.91
C ALA A 307 7.80 -9.32 21.14
N GLN A 308 7.80 -9.80 19.90
CA GLN A 308 9.02 -9.79 19.10
C GLN A 308 9.51 -8.36 18.87
N ILE A 309 8.60 -7.44 18.55
CA ILE A 309 8.96 -6.05 18.34
C ILE A 309 9.51 -5.44 19.62
N SER A 310 8.90 -5.76 20.77
CA SER A 310 9.42 -5.28 22.04
C SER A 310 10.86 -5.72 22.23
N GLN A 311 11.13 -7.00 22.02
CA GLN A 311 12.49 -7.51 22.21
C GLN A 311 13.48 -6.86 21.25
N SER A 312 13.09 -6.71 19.98
CA SER A 312 14.02 -6.15 19.00
C SER A 312 14.28 -4.67 19.26
N ILE A 313 13.25 -3.91 19.64
CA ILE A 313 13.44 -2.50 19.95
C ILE A 313 14.29 -2.34 21.20
N SER A 314 14.07 -3.20 22.21
CA SER A 314 14.90 -3.14 23.40
C SER A 314 16.35 -3.46 23.09
N THR A 315 16.60 -4.42 22.19
CA THR A 315 17.97 -4.70 21.77
C THR A 315 18.58 -3.52 21.04
N GLU A 316 17.82 -2.90 20.14
CA GLU A 316 18.35 -1.79 19.36
C GLU A 316 18.68 -0.59 20.24
N MET A 317 17.78 -0.24 21.15
CA MET A 317 17.96 0.98 21.95
C MET A 317 19.09 0.85 22.96
N ASN A 318 19.49 -0.36 23.29
CA ASN A 318 20.59 -0.59 24.23
C ASN A 318 21.90 -0.87 23.53
N ALA A 319 21.93 -0.84 22.20
CA ALA A 319 23.14 -1.06 21.43
C ALA A 319 23.91 0.24 21.27
N VAL A 320 25.21 0.12 21.05
CA VAL A 320 26.06 1.25 20.71
C VAL A 320 25.98 1.45 19.20
N SER A 321 25.33 2.54 18.78
CA SER A 321 25.10 2.79 17.36
C SER A 321 26.11 3.75 16.76
N ASP A 322 27.13 4.17 17.50
CA ASP A 322 28.13 5.09 16.97
C ASP A 322 28.98 4.40 15.90
N ASN A 323 29.38 5.16 14.88
CA ASN A 323 30.10 4.55 13.76
C ASN A 323 31.55 4.24 14.15
N PRO A 324 32.39 5.20 14.52
CA PRO A 324 33.72 4.80 14.97
C PRO A 324 33.60 4.20 16.36
N LEU A 325 33.68 2.87 16.44
CA LEU A 325 33.61 2.18 17.72
C LEU A 325 35.02 2.06 18.28
N ILE A 326 35.21 2.56 19.49
CA ILE A 326 36.51 2.53 20.14
C ILE A 326 36.52 1.39 21.13
N ASP A 327 37.48 0.47 20.97
CA ASP A 327 37.71 -0.59 21.93
C ASP A 327 38.90 -0.15 22.80
N VAL A 328 38.64 0.09 24.08
CA VAL A 328 39.68 0.51 25.00
C VAL A 328 40.51 -0.64 25.50
N ASP A 329 39.99 -1.87 25.45
CA ASP A 329 40.78 -3.04 25.83
C ASP A 329 41.88 -3.33 24.83
N THR A 330 41.75 -2.86 23.60
CA THR A 330 42.80 -2.93 22.60
C THR A 330 43.22 -1.56 22.08
N GLY A 331 42.47 -0.51 22.38
CA GLY A 331 42.76 0.81 21.86
C GLY A 331 42.59 0.94 20.37
N ARG A 332 41.58 0.28 19.80
CA ARG A 332 41.40 0.25 18.36
C ARG A 332 40.14 0.99 17.95
N PHE A 333 40.13 1.44 16.71
CA PHE A 333 38.98 2.08 16.08
C PHE A 333 38.41 1.12 15.05
N HIS A 334 37.09 0.92 15.10
CA HIS A 334 36.39 0.01 14.22
C HIS A 334 35.34 0.78 13.43
N GLN A 335 35.39 0.66 12.11
CA GLN A 335 34.30 1.17 11.28
C GLN A 335 33.04 0.35 11.52
N SER A 336 31.91 1.03 11.59
CA SER A 336 30.66 0.39 11.97
C SER A 336 29.52 0.89 11.10
N GLY A 337 28.48 0.07 11.03
CA GLY A 337 27.24 0.45 10.39
C GLY A 337 26.10 0.36 11.37
N ASN A 338 26.42 0.40 12.66
CA ASN A 338 25.44 0.25 13.72
C ASN A 338 24.47 1.42 13.81
N PHE A 339 24.75 2.53 13.11
CA PHE A 339 23.82 3.65 13.02
C PHE A 339 22.62 3.36 12.11
N LEU A 340 22.64 2.26 11.38
CA LEU A 340 21.52 1.94 10.48
C LEU A 340 20.35 1.40 11.29
N GLY A 341 19.18 2.01 11.12
CA GLY A 341 18.02 1.64 11.88
C GLY A 341 16.98 0.84 11.13
N GLN A 342 17.45 -0.06 10.25
CA GLN A 342 16.53 -0.87 9.45
C GLN A 342 15.60 -1.70 10.33
N TYR A 343 16.13 -2.27 11.40
CA TYR A 343 15.33 -3.10 12.29
C TYR A 343 14.22 -2.28 12.93
N VAL A 344 14.53 -1.07 13.38
CA VAL A 344 13.50 -0.20 13.97
C VAL A 344 12.41 0.11 12.94
N ALA A 345 12.82 0.41 11.71
CA ALA A 345 11.85 0.73 10.66
C ALA A 345 10.90 -0.43 10.42
N MET A 346 11.43 -1.63 10.24
CA MET A 346 10.59 -2.79 9.97
C MET A 346 9.72 -3.16 11.17
N SER A 347 10.27 -3.06 12.38
CA SER A 347 9.47 -3.34 13.57
C SER A 347 8.33 -2.35 13.72
N MET A 348 8.56 -1.07 13.39
CA MET A 348 7.49 -0.10 13.51
C MET A 348 6.43 -0.30 12.43
N ASP A 349 6.83 -0.70 11.23
CA ASP A 349 5.85 -1.08 10.21
C ASP A 349 4.96 -2.23 10.74
N GLN A 350 5.59 -3.24 11.33
CA GLN A 350 4.83 -4.37 11.85
C GLN A 350 3.92 -3.96 12.99
N LEU A 351 4.39 -3.06 13.86
CA LEU A 351 3.58 -2.60 14.98
C LEU A 351 2.36 -1.82 14.50
N ARG A 352 2.53 -1.00 13.47
CA ARG A 352 1.37 -0.33 12.88
C ARG A 352 0.37 -1.34 12.33
N ARG A 353 0.87 -2.40 11.68
CA ARG A 353 -0.03 -3.47 11.23
C ARG A 353 -0.80 -4.06 12.41
N HIS A 354 -0.11 -4.34 13.52
CA HIS A 354 -0.76 -4.95 14.67
C HIS A 354 -1.85 -4.05 15.23
N LEU A 355 -1.57 -2.75 15.35
CA LEU A 355 -2.59 -1.82 15.83
C LEU A 355 -3.78 -1.75 14.89
N GLY A 356 -3.53 -1.75 13.58
CA GLY A 356 -4.63 -1.75 12.63
C GLY A 356 -5.50 -2.99 12.75
N LEU A 357 -4.88 -4.15 12.92
CA LEU A 357 -5.65 -5.39 13.04
C LEU A 357 -6.45 -5.43 14.34
N LEU A 358 -5.87 -4.96 15.45
CA LEU A 358 -6.64 -4.85 16.68
C LEU A 358 -7.85 -3.94 16.50
N ALA A 359 -7.64 -2.79 15.85
CA ALA A 359 -8.74 -1.85 15.64
C ALA A 359 -9.83 -2.46 14.75
N LYS A 360 -9.44 -3.20 13.71
CA LYS A 360 -10.43 -3.79 12.82
C LYS A 360 -11.23 -4.89 13.51
N HIS A 361 -10.56 -5.69 14.35
CA HIS A 361 -11.30 -6.68 15.13
C HIS A 361 -12.30 -6.02 16.07
N LEU A 362 -11.88 -4.94 16.74
CA LEU A 362 -12.81 -4.23 17.62
C LEU A 362 -13.98 -3.63 16.82
N ASP A 363 -13.70 -3.10 15.63
CA ASP A 363 -14.77 -2.53 14.82
C ASP A 363 -15.77 -3.59 14.37
N VAL A 364 -15.27 -4.77 14.01
CA VAL A 364 -16.16 -5.87 13.66
C VAL A 364 -17.02 -6.26 14.86
N GLN A 365 -16.42 -6.33 16.05
CA GLN A 365 -17.18 -6.66 17.25
C GLN A 365 -18.25 -5.61 17.54
N ILE A 366 -17.92 -4.33 17.36
CA ILE A 366 -18.90 -3.27 17.58
C ILE A 366 -20.03 -3.34 16.56
N ALA A 367 -19.69 -3.62 15.30
CA ALA A 367 -20.73 -3.79 14.28
C ALA A 367 -21.66 -4.93 14.65
N GLN A 368 -21.13 -5.99 15.25
CA GLN A 368 -21.98 -7.04 15.80
C GLN A 368 -22.87 -6.50 16.91
N LEU A 369 -22.29 -5.70 17.81
CA LEU A 369 -23.02 -5.21 18.99
C LEU A 369 -24.15 -4.26 18.64
N VAL A 370 -24.07 -3.54 17.52
CA VAL A 370 -25.09 -2.53 17.23
C VAL A 370 -26.23 -3.03 16.36
N ALA A 371 -26.06 -4.16 15.67
CA ALA A 371 -27.05 -4.63 14.69
C ALA A 371 -27.95 -5.68 15.32
N PRO A 372 -29.26 -5.43 15.42
CA PRO A 372 -30.15 -6.43 16.03
C PRO A 372 -30.14 -7.78 15.34
N ALA A 373 -29.77 -7.84 14.06
CA ALA A 373 -29.61 -9.12 13.39
C ALA A 373 -28.54 -9.97 14.07
N PHE A 374 -27.55 -9.33 14.69
CA PHE A 374 -26.47 -10.01 15.36
C PHE A 374 -26.36 -9.67 16.84
N ASN A 375 -27.25 -8.81 17.36
CA ASN A 375 -27.17 -8.35 18.74
C ASN A 375 -27.38 -9.48 19.74
N ASN A 376 -28.17 -10.50 19.37
CA ASN A 376 -28.69 -11.48 20.32
C ASN A 376 -29.54 -10.80 21.40
N GLY A 377 -30.34 -9.82 20.98
CA GLY A 377 -31.32 -9.20 21.86
C GLY A 377 -31.00 -7.79 22.32
N LEU A 378 -29.88 -7.22 21.92
CA LEU A 378 -29.57 -5.86 22.33
C LEU A 378 -30.29 -4.84 21.46
N PRO A 379 -30.58 -3.65 22.00
CA PRO A 379 -31.26 -2.63 21.21
C PRO A 379 -30.39 -2.11 20.06
N ALA A 380 -31.07 -1.68 19.00
CA ALA A 380 -30.38 -1.17 17.82
C ALA A 380 -29.55 0.06 18.17
N SER A 381 -28.29 0.06 17.73
CA SER A 381 -27.31 1.10 18.02
C SER A 381 -27.10 1.29 19.51
N LEU A 382 -27.45 0.28 20.31
CA LEU A 382 -27.29 0.31 21.76
C LEU A 382 -27.98 1.51 22.39
N ARG A 383 -29.16 1.85 21.87
CA ARG A 383 -29.95 2.93 22.46
C ARG A 383 -30.40 2.55 23.86
N GLY A 384 -30.36 3.52 24.77
CA GLY A 384 -30.64 3.24 26.17
C GLY A 384 -32.11 3.27 26.55
N ASN A 385 -32.90 4.13 25.91
CA ASN A 385 -34.32 4.28 26.24
C ASN A 385 -35.16 3.96 25.03
N SER A 386 -36.06 2.99 25.17
CA SER A 386 -37.01 2.66 24.12
C SER A 386 -38.25 3.54 24.14
N SER A 387 -38.47 4.31 25.21
CA SER A 387 -39.67 5.15 25.29
C SER A 387 -39.59 6.32 24.32
N ARG A 388 -38.40 6.93 24.18
CA ARG A 388 -38.19 7.96 23.18
C ARG A 388 -37.98 7.29 21.82
N PRO A 389 -38.97 7.36 20.92
CA PRO A 389 -38.86 6.62 19.66
C PRO A 389 -37.73 7.10 18.76
N PHE A 390 -37.23 8.31 18.96
CA PHE A 390 -36.21 8.88 18.09
C PHE A 390 -34.81 8.78 18.67
N ASN A 391 -34.62 8.02 19.75
CA ASN A 391 -33.29 7.81 20.30
C ASN A 391 -32.44 6.98 19.35
N MET A 392 -31.26 7.50 19.01
CA MET A 392 -30.27 6.81 18.21
C MET A 392 -29.01 6.73 19.07
N GLY A 393 -28.92 5.69 19.90
CA GLY A 393 -27.97 5.65 20.99
C GLY A 393 -26.52 5.94 20.65
N LEU A 394 -25.86 5.01 19.95
CA LEU A 394 -24.44 5.15 19.67
C LEU A 394 -24.17 5.06 18.17
N LYS A 395 -25.10 5.54 17.36
CA LYS A 395 -24.92 5.51 15.91
C LYS A 395 -23.78 6.43 15.48
N GLY A 396 -23.80 7.68 15.95
CA GLY A 396 -22.71 8.60 15.63
C GLY A 396 -21.38 8.13 16.18
N LEU A 397 -21.41 7.52 17.36
CA LEU A 397 -20.19 6.94 17.93
C LEU A 397 -19.65 5.81 17.06
N GLN A 398 -20.54 4.96 16.54
CA GLN A 398 -20.08 3.92 15.63
C GLN A 398 -19.49 4.52 14.36
N ILE A 399 -20.09 5.60 13.87
CA ILE A 399 -19.53 6.26 12.69
C ILE A 399 -18.13 6.80 12.99
N THR A 400 -17.95 7.34 14.19
CA THR A 400 -16.62 7.82 14.59
C THR A 400 -15.61 6.68 14.60
N GLY A 401 -16.00 5.53 15.16
CA GLY A 401 -15.12 4.37 15.12
C GLY A 401 -14.82 3.92 13.71
N ASN A 402 -15.84 3.92 12.85
CA ASN A 402 -15.66 3.54 11.45
C ASN A 402 -14.80 4.52 10.68
N SER A 403 -14.69 5.76 11.16
CA SER A 403 -13.77 6.71 10.55
C SER A 403 -12.35 6.55 11.06
N ILE A 404 -12.19 6.10 12.30
CA ILE A 404 -10.85 5.98 12.87
C ILE A 404 -10.17 4.69 12.41
N MET A 405 -10.89 3.56 12.45
CA MET A 405 -10.26 2.26 12.20
C MET A 405 -9.55 2.17 10.84
N PRO A 406 -10.15 2.58 9.71
CA PRO A 406 -9.44 2.47 8.44
C PRO A 406 -8.17 3.29 8.37
N LEU A 407 -8.05 4.38 9.15
CA LEU A 407 -6.79 5.09 9.21
C LEU A 407 -5.69 4.20 9.77
N LEU A 408 -5.99 3.44 10.83
CA LEU A 408 -5.01 2.51 11.38
C LEU A 408 -4.69 1.40 10.39
N THR A 409 -5.72 0.85 9.73
CA THR A 409 -5.48 -0.20 8.74
C THR A 409 -4.62 0.33 7.59
N TYR A 410 -4.88 1.56 7.16
CA TYR A 410 -4.08 2.21 6.12
C TYR A 410 -2.64 2.40 6.58
N LEU A 411 -2.44 2.83 7.82
CA LEU A 411 -1.10 2.94 8.37
C LEU A 411 -0.42 1.59 8.52
N GLY A 412 -1.17 0.50 8.38
CA GLY A 412 -0.55 -0.81 8.26
C GLY A 412 0.37 -0.97 7.05
N ASN A 413 0.27 -0.08 6.06
CA ASN A 413 1.17 -0.14 4.92
C ASN A 413 2.61 0.15 5.37
N PRO A 414 3.60 -0.51 4.78
CA PRO A 414 4.98 -0.29 5.21
C PRO A 414 5.62 0.92 4.55
N LEU A 415 6.45 1.61 5.32
CA LEU A 415 7.24 2.73 4.81
C LEU A 415 8.66 2.32 4.44
N THR A 416 9.20 1.27 5.07
CA THR A 416 10.59 0.88 4.85
C THR A 416 10.86 0.60 3.37
N GLU A 417 9.89 0.01 2.67
CA GLU A 417 10.09 -0.32 1.26
C GLU A 417 10.39 0.91 0.41
N HIS A 418 9.85 2.08 0.79
CA HIS A 418 10.15 3.30 0.06
C HIS A 418 11.44 3.94 0.53
N PHE A 419 12.52 3.16 0.64
CA PHE A 419 13.59 4.00 1.15
C PHE A 419 14.42 4.56 0.01
N PRO A 420 14.91 5.80 0.15
CA PRO A 420 15.66 6.42 -0.94
C PRO A 420 17.04 5.80 -1.09
N THR A 421 17.38 5.44 -2.33
CA THR A 421 18.68 4.88 -2.64
C THR A 421 19.67 5.93 -3.12
N HIS A 422 19.23 7.17 -3.30
CA HIS A 422 20.07 8.27 -3.73
C HIS A 422 20.45 9.18 -2.56
N ALA A 423 20.11 8.79 -1.34
CA ALA A 423 20.25 9.69 -0.19
C ALA A 423 21.70 10.03 0.09
N GLU A 424 21.94 11.31 0.40
CA GLU A 424 23.23 11.81 0.88
C GLU A 424 24.34 11.50 -0.12
N GLU A 425 24.22 12.11 -1.30
CA GLU A 425 25.21 11.97 -2.38
C GLU A 425 25.42 10.50 -2.77
N PHE A 426 24.35 9.73 -2.72
CA PHE A 426 24.34 8.30 -3.04
C PHE A 426 25.19 7.47 -2.09
N ASN A 427 25.72 8.07 -1.03
CA ASN A 427 26.51 7.32 -0.05
C ASN A 427 25.63 6.49 0.87
N GLN A 428 24.47 7.01 1.25
CA GLN A 428 23.51 6.28 2.07
C GLN A 428 22.47 5.61 1.18
N ASN A 429 22.94 4.70 0.34
CA ASN A 429 22.05 4.05 -0.63
C ASN A 429 21.11 3.04 0.02
N ILE A 430 21.42 2.60 1.24
CA ILE A 430 20.43 1.94 2.11
C ILE A 430 20.37 2.74 3.40
N ASN A 431 19.17 3.14 3.80
CA ASN A 431 18.99 3.84 5.06
C ASN A 431 17.96 3.18 5.97
N GLY A 432 16.74 2.97 5.50
CA GLY A 432 15.71 2.33 6.29
C GLY A 432 14.48 3.16 6.60
N LEU A 433 14.67 4.45 6.87
CA LEU A 433 13.58 5.36 7.24
C LEU A 433 12.95 4.97 8.58
N SER A 434 13.78 4.61 9.55
CA SER A 434 13.26 4.26 10.87
C SER A 434 12.61 5.45 11.56
N TRP A 435 13.11 6.66 11.30
CA TRP A 435 12.55 7.86 11.89
C TRP A 435 11.11 8.08 11.43
N GLY A 436 10.89 8.08 10.11
CA GLY A 436 9.54 8.24 9.60
C GLY A 436 8.62 7.12 10.03
N SER A 437 9.13 5.88 10.03
CA SER A 437 8.32 4.74 10.43
C SER A 437 7.91 4.85 11.90
N ALA A 438 8.83 5.26 12.77
CA ALA A 438 8.50 5.40 14.19
C ALA A 438 7.51 6.53 14.42
N ASN A 439 7.65 7.64 13.68
CA ASN A 439 6.67 8.72 13.82
C ASN A 439 5.29 8.29 13.32
N LEU A 440 5.24 7.50 12.24
CA LEU A 440 3.98 6.92 11.80
C LEU A 440 3.41 5.99 12.87
N ALA A 441 4.26 5.21 13.52
CA ALA A 441 3.80 4.31 14.58
C ALA A 441 3.20 5.08 15.74
N TRP A 442 3.80 6.22 16.09
CA TRP A 442 3.23 7.05 17.15
C TRP A 442 1.89 7.65 16.72
N ARG A 443 1.79 8.04 15.44
CA ARG A 443 0.49 8.46 14.90
C ARG A 443 -0.56 7.35 15.06
N SER A 444 -0.16 6.11 14.77
CA SER A 444 -1.04 4.96 14.96
C SER A 444 -1.43 4.83 16.43
N VAL A 445 -0.48 5.03 17.34
CA VAL A 445 -0.77 4.93 18.76
C VAL A 445 -1.83 5.96 19.18
N GLN A 446 -1.68 7.20 18.71
CA GLN A 446 -2.65 8.24 19.04
C GLN A 446 -4.03 7.90 18.48
N LEU A 447 -4.08 7.46 17.22
CA LEU A 447 -5.34 7.07 16.61
C LEU A 447 -6.00 5.93 17.37
N PHE A 448 -5.20 4.95 17.80
CA PHE A 448 -5.76 3.81 18.51
C PHE A 448 -6.20 4.18 19.92
N GLN A 449 -5.57 5.19 20.53
CA GLN A 449 -6.06 5.69 21.81
C GLN A 449 -7.44 6.30 21.66
N HIS A 450 -7.62 7.14 20.63
CA HIS A 450 -8.96 7.67 20.35
C HIS A 450 -9.95 6.54 20.09
N TYR A 451 -9.54 5.56 19.28
CA TYR A 451 -10.41 4.45 18.94
C TYR A 451 -10.79 3.65 20.18
N LEU A 452 -9.85 3.46 21.11
CA LEU A 452 -10.14 2.70 22.30
C LEU A 452 -11.04 3.47 23.26
N SER A 453 -10.99 4.79 23.24
CA SER A 453 -12.02 5.55 23.96
C SER A 453 -13.41 5.24 23.41
N VAL A 454 -13.53 5.26 22.08
CA VAL A 454 -14.81 4.90 21.45
C VAL A 454 -15.24 3.49 21.85
N ALA A 455 -14.31 2.53 21.76
CA ALA A 455 -14.62 1.14 22.08
C ALA A 455 -14.96 0.95 23.54
N SER A 456 -14.35 1.72 24.44
CA SER A 456 -14.68 1.62 25.86
C SER A 456 -16.11 2.06 26.11
N ILE A 457 -16.53 3.15 25.48
CA ILE A 457 -17.92 3.58 25.64
C ILE A 457 -18.87 2.51 25.10
N PHE A 458 -18.54 1.93 23.94
CA PHE A 458 -19.37 0.88 23.37
C PHE A 458 -19.46 -0.32 24.30
N ALA A 459 -18.34 -0.74 24.87
CA ALA A 459 -18.32 -1.91 25.75
C ALA A 459 -19.16 -1.67 27.00
N VAL A 460 -18.99 -0.50 27.62
CA VAL A 460 -19.72 -0.22 28.86
C VAL A 460 -21.22 -0.18 28.60
N GLN A 461 -21.64 0.53 27.53
CA GLN A 461 -23.06 0.59 27.21
C GLN A 461 -23.61 -0.79 26.89
N ALA A 462 -22.88 -1.58 26.11
CA ALA A 462 -23.35 -2.90 25.72
C ALA A 462 -23.52 -3.81 26.93
N ILE A 463 -22.56 -3.78 27.85
CA ILE A 463 -22.65 -4.67 29.01
C ILE A 463 -23.77 -4.23 29.94
N ASP A 464 -24.01 -2.91 30.06
CA ASP A 464 -25.15 -2.44 30.84
C ASP A 464 -26.47 -2.91 30.23
N LEU A 465 -26.59 -2.80 28.91
CA LEU A 465 -27.82 -3.25 28.26
C LEU A 465 -28.01 -4.76 28.38
N ARG A 466 -26.92 -5.52 28.29
CA ARG A 466 -27.03 -6.97 28.47
C ARG A 466 -27.46 -7.32 29.89
N ALA A 467 -26.90 -6.64 30.89
CA ALA A 467 -27.33 -6.87 32.27
C ALA A 467 -28.81 -6.54 32.44
N GLY A 468 -29.26 -5.42 31.85
CA GLY A 468 -30.68 -5.10 31.91
C GLY A 468 -31.54 -6.16 31.26
N LEU A 469 -31.07 -6.73 30.14
CA LEU A 469 -31.85 -7.75 29.45
C LEU A 469 -31.94 -9.04 30.26
N GLU A 470 -30.84 -9.47 30.85
CA GLU A 470 -30.83 -10.67 31.67
C GLU A 470 -31.38 -10.37 33.07
N GLY A 476 -24.37 -4.13 35.24
CA GLY A 476 -23.30 -4.43 34.30
C GLY A 476 -22.17 -5.20 34.94
N ARG A 477 -21.74 -4.76 36.12
CA ARG A 477 -20.64 -5.39 36.84
C ARG A 477 -20.97 -6.82 37.25
N GLU A 478 -22.25 -7.17 37.34
CA GLU A 478 -22.63 -8.52 37.72
C GLU A 478 -22.25 -9.56 36.68
N LEU A 479 -22.05 -9.14 35.44
CA LEU A 479 -21.71 -10.06 34.36
C LEU A 479 -20.21 -10.15 34.12
N LEU A 480 -19.40 -9.39 34.85
CA LEU A 480 -17.99 -9.23 34.52
C LEU A 480 -17.10 -9.80 35.61
N GLY A 481 -15.91 -10.23 35.22
CA GLY A 481 -14.89 -10.68 36.13
C GLY A 481 -14.21 -9.50 36.81
N GLU A 482 -13.15 -9.81 37.56
CA GLU A 482 -12.51 -8.78 38.39
C GLU A 482 -11.84 -7.70 37.54
N THR A 483 -11.02 -8.10 36.57
CA THR A 483 -10.33 -7.11 35.76
C THR A 483 -11.30 -6.30 34.91
N ALA A 484 -12.29 -6.98 34.31
CA ALA A 484 -13.28 -6.27 33.51
C ALA A 484 -14.16 -5.38 34.38
N THR A 485 -14.50 -5.82 35.59
CA THR A 485 -15.23 -4.96 36.51
C THR A 485 -14.41 -3.73 36.88
N GLU A 486 -13.11 -3.92 37.12
CA GLU A 486 -12.24 -2.81 37.48
C GLU A 486 -12.16 -1.79 36.33
N LEU A 487 -12.03 -2.29 35.09
CA LEU A 487 -12.03 -1.38 33.95
C LEU A 487 -13.36 -0.66 33.80
N TYR A 488 -14.48 -1.38 33.98
CA TYR A 488 -15.80 -0.77 33.89
C TYR A 488 -15.98 0.32 34.93
N GLU A 489 -15.56 0.05 36.17
CA GLU A 489 -15.67 1.04 37.23
C GLU A 489 -14.75 2.22 36.99
N THR A 490 -13.56 1.98 36.44
CA THR A 490 -12.66 3.08 36.10
C THR A 490 -13.29 3.98 35.04
N VAL A 491 -13.91 3.38 34.03
CA VAL A 491 -14.57 4.17 32.99
C VAL A 491 -15.74 4.96 33.58
N TYR A 492 -16.51 4.32 34.46
CA TYR A 492 -17.62 5.02 35.11
C TYR A 492 -17.14 6.18 35.96
N ASP A 493 -16.01 6.02 36.65
CA ASP A 493 -15.50 7.07 37.53
C ASP A 493 -14.87 8.20 36.73
N LEU A 494 -14.18 7.88 35.64
CA LEU A 494 -13.59 8.92 34.81
C LEU A 494 -14.66 9.84 34.21
N LEU A 495 -15.80 9.26 33.83
CA LEU A 495 -16.89 10.01 33.25
C LEU A 495 -17.88 10.53 34.29
N GLU A 496 -17.63 10.26 35.57
CA GLU A 496 -18.46 10.75 36.68
C GLU A 496 -19.90 10.29 36.55
N ARG A 497 -20.07 8.97 36.49
CA ARG A 497 -21.40 8.36 36.47
C ARG A 497 -21.58 7.49 37.72
N PRO A 504 -28.82 2.51 32.30
CA PRO A 504 -27.53 2.16 31.71
C PRO A 504 -26.62 3.38 31.58
N PHE A 505 -25.44 3.20 30.97
CA PHE A 505 -24.50 4.30 30.83
C PHE A 505 -25.11 5.48 30.08
N LEU A 506 -25.80 5.19 28.98
CA LEU A 506 -26.47 6.20 28.19
C LEU A 506 -27.94 5.82 28.07
N PHE A 507 -28.82 6.74 28.42
CA PHE A 507 -30.25 6.48 28.45
C PHE A 507 -31.00 7.29 27.40
N ASN A 508 -30.90 8.61 27.43
CA ASN A 508 -31.42 9.47 26.39
C ASN A 508 -30.26 10.18 25.70
N ASP A 509 -30.42 10.41 24.39
CA ASP A 509 -29.34 10.99 23.61
C ASP A 509 -28.98 12.41 24.07
N ASP A 510 -29.95 13.15 24.60
CA ASP A 510 -29.73 14.54 24.94
C ASP A 510 -29.24 14.74 26.37
N GLU A 511 -29.00 13.66 27.12
CA GLU A 511 -28.62 13.77 28.52
C GLU A 511 -27.12 13.91 28.73
N GLN A 512 -26.32 13.83 27.67
CA GLN A 512 -24.87 13.97 27.80
C GLN A 512 -24.31 14.33 26.44
N SER A 513 -23.03 14.71 26.44
CA SER A 513 -22.27 14.89 25.21
C SER A 513 -21.18 13.84 25.18
N LEU A 514 -21.23 12.96 24.19
CA LEU A 514 -20.23 11.92 24.08
C LEU A 514 -18.84 12.48 23.76
N GLU A 515 -18.76 13.68 23.21
CA GLU A 515 -17.47 14.31 22.96
C GLU A 515 -16.69 14.50 24.24
N VAL A 516 -17.35 14.97 25.30
CA VAL A 516 -16.69 15.17 26.59
C VAL A 516 -16.17 13.85 27.14
N ASP A 517 -16.99 12.80 27.05
CA ASP A 517 -16.57 11.49 27.53
C ASP A 517 -15.37 10.97 26.75
N LEU A 518 -15.41 11.11 25.42
CA LEU A 518 -14.29 10.67 24.60
C LEU A 518 -13.02 11.44 24.95
N GLN A 519 -13.14 12.76 25.18
CA GLN A 519 -12.00 13.55 25.57
C GLN A 519 -11.44 13.08 26.92
N MET A 520 -12.32 12.78 27.87
CA MET A 520 -11.88 12.32 29.19
C MET A 520 -11.13 11.00 29.07
N LEU A 521 -11.69 10.03 28.35
CA LEU A 521 -11.05 8.74 28.22
C LEU A 521 -9.73 8.84 27.46
N ASN A 522 -9.70 9.65 26.40
CA ASN A 522 -8.46 9.83 25.64
C ASN A 522 -7.39 10.52 26.47
N GLY A 523 -7.77 11.54 27.24
CA GLY A 523 -6.81 12.20 28.10
C GLY A 523 -6.28 11.27 29.18
N ASP A 524 -7.14 10.38 29.69
CA ASP A 524 -6.66 9.38 30.64
C ASP A 524 -5.66 8.44 29.99
N LEU A 525 -5.98 7.92 28.80
CA LEU A 525 -5.06 7.00 28.13
C LEU A 525 -3.74 7.66 27.81
N ALA A 526 -3.78 8.93 27.39
CA ALA A 526 -2.58 9.68 27.09
C ALA A 526 -1.86 10.18 28.32
N GLY A 527 -2.56 10.34 29.44
CA GLY A 527 -1.99 10.95 30.63
C GLY A 527 -1.80 10.02 31.82
N ALA A 528 -2.71 10.11 32.79
CA ALA A 528 -2.55 9.38 34.05
C ALA A 528 -2.66 7.87 33.84
N GLY A 529 -3.46 7.42 32.88
CA GLY A 529 -3.60 6.01 32.63
C GLY A 529 -4.29 5.21 33.72
N ARG A 530 -5.40 5.72 34.25
CA ARG A 530 -6.19 4.93 35.19
C ARG A 530 -6.78 3.70 34.53
N MET A 531 -7.14 3.80 33.25
CA MET A 531 -7.62 2.63 32.50
C MET A 531 -6.50 1.62 32.29
N HIS A 532 -5.26 2.09 32.13
CA HIS A 532 -4.13 1.17 32.05
C HIS A 532 -3.87 0.48 33.38
N GLU A 533 -4.07 1.20 34.49
CA GLU A 533 -3.97 0.58 35.80
C GLU A 533 -5.06 -0.45 36.01
N ALA A 534 -6.26 -0.19 35.50
CA ALA A 534 -7.37 -1.13 35.70
C ALA A 534 -7.12 -2.47 35.02
N VAL A 535 -6.35 -2.48 33.93
CA VAL A 535 -6.04 -3.71 33.21
C VAL A 535 -4.58 -4.12 33.41
N SER A 536 -3.94 -3.63 34.48
CA SER A 536 -2.52 -3.89 34.68
C SER A 536 -2.21 -5.36 34.89
N SER A 537 -3.16 -6.15 35.37
CA SER A 537 -2.92 -7.58 35.54
C SER A 537 -2.66 -8.25 34.20
N VAL A 538 -3.43 -7.88 33.17
CA VAL A 538 -3.24 -8.45 31.84
C VAL A 538 -1.90 -8.02 31.25
N THR A 539 -1.54 -6.75 31.43
CA THR A 539 -0.25 -6.26 30.95
C THR A 539 0.91 -6.98 31.63
N ASP A 540 0.80 -7.17 32.95
CA ASP A 540 1.83 -7.90 33.68
C ASP A 540 1.90 -9.36 33.23
N SER A 541 0.75 -9.97 32.97
CA SER A 541 0.74 -11.34 32.46
C SER A 541 1.43 -11.43 31.12
N PHE A 542 1.17 -10.45 30.23
CA PHE A 542 1.84 -10.44 28.93
C PHE A 542 3.35 -10.27 29.09
N LEU A 543 3.77 -9.37 29.99
CA LEU A 543 5.20 -9.17 30.19
C LEU A 543 5.87 -10.41 30.78
N ALA A 544 5.20 -11.07 31.73
CA ALA A 544 5.76 -12.27 32.33
C ALA A 544 5.84 -13.42 31.32
N GLU A 545 4.82 -13.57 30.49
CA GLU A 545 4.83 -14.64 29.50
C GLU A 545 5.81 -14.36 28.38
N PHE A 546 5.85 -13.12 27.91
CA PHE A 546 6.66 -12.77 26.75
C PHE A 546 7.74 -11.76 27.13
N ASN B 11 -15.77 41.21 -2.87
CA ASN B 11 -16.19 40.12 -2.01
C ASN B 11 -17.28 39.28 -2.65
N PRO B 12 -17.16 37.96 -2.55
CA PRO B 12 -18.12 37.08 -3.21
C PRO B 12 -19.51 37.18 -2.60
N VAL B 13 -20.51 36.95 -3.44
CA VAL B 13 -21.90 36.87 -3.01
C VAL B 13 -22.33 35.42 -3.08
N LEU B 14 -22.84 34.89 -1.98
CA LEU B 14 -23.34 33.53 -1.92
C LEU B 14 -24.81 33.52 -2.32
N SER B 15 -25.12 32.81 -3.40
CA SER B 15 -26.49 32.76 -3.89
C SER B 15 -26.91 31.36 -4.33
N GLY B 16 -26.11 30.34 -4.05
CA GLY B 16 -26.36 29.01 -4.56
C GLY B 16 -25.74 28.76 -5.92
N ALA B 17 -25.25 29.79 -6.60
CA ALA B 17 -24.53 29.60 -7.83
C ALA B 17 -23.19 28.92 -7.55
N PRO B 18 -22.65 28.19 -8.53
CA PRO B 18 -21.37 27.50 -8.30
C PRO B 18 -20.24 28.46 -7.95
N LEU B 19 -19.39 28.02 -7.03
CA LEU B 19 -18.22 28.77 -6.60
C LEU B 19 -16.97 28.14 -7.19
N SER B 20 -15.94 28.95 -7.39
CA SER B 20 -14.66 28.44 -7.83
C SER B 20 -13.82 28.03 -6.62
N ILE B 21 -12.92 27.08 -6.84
CA ILE B 21 -12.03 26.64 -5.77
C ILE B 21 -11.17 27.79 -5.27
N ASN B 22 -10.84 28.73 -6.16
CA ASN B 22 -10.09 29.92 -5.75
C ASN B 22 -10.86 30.73 -4.72
N VAL B 23 -12.15 30.97 -4.98
CA VAL B 23 -12.96 31.76 -4.06
C VAL B 23 -13.17 31.01 -2.75
N VAL B 24 -13.37 29.70 -2.82
CA VAL B 24 -13.54 28.91 -1.60
C VAL B 24 -12.28 28.96 -0.74
N ALA B 25 -11.12 28.82 -1.37
CA ALA B 25 -9.87 28.88 -0.62
C ALA B 25 -9.62 30.27 -0.05
N ASP B 26 -9.98 31.32 -0.78
CA ASP B 26 -9.78 32.67 -0.27
C ASP B 26 -10.76 33.00 0.86
N ILE B 27 -11.96 32.44 0.83
CA ILE B 27 -12.87 32.54 1.97
C ILE B 27 -12.28 31.80 3.17
N GLY B 28 -11.74 30.60 2.94
CA GLY B 28 -11.07 29.88 4.00
C GLY B 28 -9.86 30.61 4.55
N ARG B 29 -9.15 31.34 3.70
CA ARG B 29 -7.95 32.08 4.07
C ARG B 29 -8.24 33.46 4.63
N GLN B 30 -9.52 33.85 4.73
CA GLN B 30 -9.95 35.18 5.18
C GLN B 30 -9.47 36.29 4.24
N ARG B 31 -9.19 35.97 2.99
CA ARG B 31 -8.90 37.00 1.99
C ARG B 31 -10.14 37.47 1.26
N LEU B 32 -11.29 36.82 1.49
CA LEU B 32 -12.57 37.26 0.97
C LEU B 32 -13.61 37.10 2.07
N ILE B 33 -14.53 38.04 2.15
CA ILE B 33 -15.62 38.01 3.12
C ILE B 33 -16.91 37.70 2.37
N PRO B 34 -17.51 36.54 2.56
CA PRO B 34 -18.76 36.21 1.86
C PRO B 34 -19.88 37.15 2.28
N SER B 35 -20.79 37.39 1.34
CA SER B 35 -21.99 38.15 1.60
C SER B 35 -23.19 37.35 1.13
N LEU B 36 -24.27 37.40 1.91
CA LEU B 36 -25.49 36.71 1.53
C LEU B 36 -26.19 37.45 0.41
N THR B 37 -26.75 36.70 -0.53
CA THR B 37 -27.40 37.30 -1.69
C THR B 37 -28.67 38.05 -1.29
N ASP B 38 -28.97 39.10 -2.04
CA ASP B 38 -30.24 39.80 -1.93
C ASP B 38 -31.16 39.52 -3.11
N ASP B 39 -30.77 38.59 -3.99
CA ASP B 39 -31.61 38.22 -5.12
C ASP B 39 -32.93 37.67 -4.64
N GLU B 40 -34.02 38.21 -5.19
CA GLU B 40 -35.36 37.81 -4.75
C GLU B 40 -35.66 36.36 -5.12
N GLN B 41 -35.21 35.91 -6.29
CA GLN B 41 -35.54 34.56 -6.73
C GLN B 41 -34.92 33.51 -5.83
N VAL B 42 -33.66 33.70 -5.43
CA VAL B 42 -32.98 32.71 -4.59
C VAL B 42 -33.65 32.59 -3.23
N LEU B 43 -33.88 33.73 -2.58
CA LEU B 43 -34.49 33.70 -1.26
C LEU B 43 -35.94 33.23 -1.32
N ASN B 44 -36.65 33.57 -2.40
CA ASN B 44 -38.01 33.07 -2.58
C ASN B 44 -38.03 31.56 -2.75
N ARG B 45 -37.05 31.01 -3.48
CA ARG B 45 -36.95 29.56 -3.61
C ARG B 45 -36.67 28.91 -2.26
N VAL B 46 -35.81 29.53 -1.45
CA VAL B 46 -35.54 28.99 -0.12
C VAL B 46 -36.81 28.99 0.73
N HIS B 47 -37.57 30.09 0.68
CA HIS B 47 -38.82 30.18 1.42
C HIS B 47 -39.83 29.14 0.93
N ALA B 48 -39.91 28.93 -0.38
CA ALA B 48 -40.84 27.95 -0.93
C ALA B 48 -40.45 26.54 -0.53
N CYS B 49 -39.15 26.25 -0.48
CA CYS B 49 -38.71 24.93 0.00
C CYS B 49 -39.12 24.71 1.45
N ARG B 50 -38.91 25.72 2.29
CA ARG B 50 -39.36 25.62 3.67
C ARG B 50 -40.88 25.47 3.75
N ASP B 51 -41.61 26.11 2.84
CA ASP B 51 -43.06 25.96 2.78
C ASP B 51 -43.47 24.54 2.43
N VAL B 52 -42.74 23.92 1.50
CA VAL B 52 -43.01 22.51 1.16
C VAL B 52 -42.80 21.63 2.38
N VAL B 53 -41.72 21.87 3.13
CA VAL B 53 -41.49 21.10 4.35
C VAL B 53 -42.62 21.32 5.35
N GLN B 54 -43.06 22.57 5.51
CA GLN B 54 -44.15 22.87 6.43
C GLN B 54 -45.43 22.15 6.04
N LYS B 55 -45.75 22.15 4.74
CA LYS B 55 -46.95 21.47 4.27
C LYS B 55 -46.86 19.97 4.49
N ALA B 56 -45.67 19.40 4.30
CA ALA B 56 -45.50 17.97 4.56
C ALA B 56 -45.67 17.65 6.03
N VAL B 57 -45.22 18.54 6.92
CA VAL B 57 -45.39 18.32 8.35
C VAL B 57 -46.86 18.47 8.75
N ARG B 58 -47.55 19.45 8.19
CA ARG B 58 -48.92 19.75 8.60
C ARG B 58 -49.86 18.59 8.27
N ASN B 59 -49.68 17.98 7.10
CA ASN B 59 -50.54 16.87 6.69
C ASN B 59 -50.03 15.52 7.18
N ASN B 60 -48.98 15.50 8.00
CA ASN B 60 -48.41 14.27 8.55
C ASN B 60 -48.02 13.29 7.44
N GLU B 61 -47.48 13.82 6.35
CA GLU B 61 -47.01 12.97 5.27
C GLU B 61 -45.80 12.18 5.72
N ARG B 62 -45.76 10.91 5.35
CA ARG B 62 -44.65 10.02 5.71
C ARG B 62 -43.47 10.33 4.80
N ILE B 63 -42.42 10.91 5.37
CA ILE B 63 -41.21 11.27 4.63
C ILE B 63 -40.00 10.93 5.49
N TYR B 64 -38.97 10.38 4.84
CA TYR B 64 -37.77 10.01 5.58
C TYR B 64 -37.13 11.23 6.23
N GLY B 65 -36.59 11.03 7.42
CA GLY B 65 -35.97 12.13 8.16
C GLY B 65 -36.95 12.99 8.91
N ILE B 66 -37.95 13.52 8.21
CA ILE B 66 -38.94 14.38 8.85
C ILE B 66 -39.76 13.59 9.87
N THR B 67 -40.32 12.45 9.44
CA THR B 67 -41.22 11.69 10.29
C THR B 67 -40.74 10.27 10.56
N THR B 68 -39.58 9.87 10.06
CA THR B 68 -39.05 8.54 10.30
C THR B 68 -37.76 8.65 11.11
N GLY B 69 -37.19 7.49 11.42
CA GLY B 69 -35.87 7.44 12.03
C GLY B 69 -34.79 7.77 11.01
N PHE B 70 -33.56 7.74 11.48
CA PHE B 70 -32.41 8.06 10.65
C PHE B 70 -31.86 6.78 10.02
N GLY B 71 -30.66 6.86 9.45
CA GLY B 71 -30.17 5.87 8.50
C GLY B 71 -30.43 4.41 8.81
N GLY B 72 -29.84 3.88 9.87
CA GLY B 72 -30.04 2.48 10.21
C GLY B 72 -31.32 2.21 10.98
N MET B 73 -31.88 3.22 11.64
CA MET B 73 -33.10 3.08 12.42
C MET B 73 -34.27 3.84 11.79
N SER B 74 -34.32 3.89 10.46
CA SER B 74 -35.42 4.53 9.76
C SER B 74 -36.69 3.68 9.75
N ASP B 75 -36.62 2.45 10.25
CA ASP B 75 -37.80 1.62 10.40
C ASP B 75 -38.71 2.09 11.53
N ILE B 76 -38.23 2.97 12.41
CA ILE B 76 -38.98 3.40 13.57
C ILE B 76 -39.71 4.70 13.21
N PRO B 77 -41.03 4.72 13.19
CA PRO B 77 -41.77 5.96 12.94
C PRO B 77 -41.64 6.93 14.11
N ILE B 78 -41.80 8.21 13.79
CA ILE B 78 -41.74 9.28 14.78
C ILE B 78 -43.08 9.99 14.78
N PRO B 79 -43.75 10.11 15.93
CA PRO B 79 -45.04 10.81 15.97
C PRO B 79 -44.88 12.29 15.69
N PRO B 80 -45.93 12.96 15.22
CA PRO B 80 -45.79 14.37 14.81
C PRO B 80 -45.25 15.29 15.89
N GLN B 81 -45.72 15.13 17.14
CA GLN B 81 -45.33 16.06 18.20
C GLN B 81 -43.83 16.03 18.48
N HIS B 82 -43.15 14.94 18.12
CA HIS B 82 -41.72 14.81 18.34
C HIS B 82 -40.89 15.20 17.13
N VAL B 83 -41.52 15.52 16.00
CA VAL B 83 -40.80 15.74 14.75
C VAL B 83 -39.65 16.72 14.96
N ALA B 84 -39.98 17.93 15.41
CA ALA B 84 -38.95 18.94 15.64
C ALA B 84 -37.88 18.43 16.61
N GLN B 85 -38.31 17.82 17.71
CA GLN B 85 -37.35 17.30 18.68
C GLN B 85 -36.36 16.37 18.01
N THR B 86 -36.86 15.52 17.10
CA THR B 86 -35.99 14.58 16.42
C THR B 86 -34.76 15.29 15.84
N GLN B 87 -35.00 16.41 15.16
CA GLN B 87 -33.89 17.14 14.55
C GLN B 87 -32.89 17.57 15.62
N ASP B 88 -33.37 18.19 16.70
CA ASP B 88 -32.47 18.54 17.78
C ASP B 88 -31.74 17.31 18.30
N ASN B 89 -32.48 16.21 18.48
CA ASN B 89 -31.87 15.00 19.00
C ASN B 89 -30.78 14.49 18.07
N LEU B 90 -30.94 14.71 16.77
CA LEU B 90 -29.90 14.33 15.82
C LEU B 90 -28.57 14.95 16.24
N LEU B 91 -28.56 16.27 16.44
CA LEU B 91 -27.33 16.95 16.82
C LEU B 91 -26.80 16.46 18.15
N ALA B 92 -27.67 15.94 19.01
CA ALA B 92 -27.21 15.39 20.28
C ALA B 92 -26.40 14.12 20.08
N PHE B 93 -26.85 13.22 19.20
CA PHE B 93 -26.15 11.96 19.11
C PHE B 93 -25.02 11.97 18.08
N LEU B 94 -24.90 13.04 17.30
CA LEU B 94 -23.79 13.23 16.38
C LEU B 94 -22.61 13.95 17.03
N SER B 95 -22.72 14.32 18.30
CA SER B 95 -21.65 15.00 19.02
C SER B 95 -20.60 13.97 19.45
N THR B 96 -19.82 13.52 18.47
CA THR B 96 -18.80 12.51 18.67
C THR B 96 -17.53 12.88 17.93
N SER B 97 -17.22 14.18 17.89
CA SER B 97 -16.05 14.69 17.18
C SER B 97 -14.83 14.67 18.09
N THR B 98 -13.76 14.02 17.65
CA THR B 98 -12.53 13.90 18.42
C THR B 98 -11.33 13.97 17.49
N GLY B 99 -10.14 13.96 18.09
CA GLY B 99 -8.92 14.02 17.35
C GLY B 99 -8.26 15.40 17.42
N ALA B 100 -7.31 15.60 16.52
CA ALA B 100 -6.65 16.89 16.41
C ALA B 100 -7.58 17.91 15.76
N SER B 101 -7.45 19.17 16.17
CA SER B 101 -8.28 20.22 15.62
C SER B 101 -7.91 20.49 14.17
N LEU B 102 -8.93 20.74 13.35
CA LEU B 102 -8.71 21.03 11.94
C LEU B 102 -8.17 22.46 11.76
N ASP B 103 -7.53 22.67 10.63
CA ASP B 103 -7.15 24.01 10.23
C ASP B 103 -8.41 24.85 10.05
N PRO B 104 -8.51 26.03 10.68
CA PRO B 104 -9.72 26.84 10.55
C PRO B 104 -10.07 27.21 9.11
N ARG B 105 -9.10 27.17 8.19
CA ARG B 105 -9.42 27.38 6.78
C ARG B 105 -10.44 26.37 6.29
N HIS B 106 -10.28 25.10 6.68
CA HIS B 106 -11.23 24.08 6.30
C HIS B 106 -12.62 24.38 6.84
N VAL B 107 -12.70 24.86 8.09
CA VAL B 107 -14.00 25.12 8.71
C VAL B 107 -14.68 26.33 8.04
N ARG B 108 -13.92 27.38 7.74
CA ARG B 108 -14.48 28.52 7.03
C ARG B 108 -14.99 28.11 5.66
N ALA B 109 -14.19 27.32 4.93
CA ALA B 109 -14.60 26.87 3.61
C ALA B 109 -15.85 25.99 3.69
N ALA B 110 -15.93 25.13 4.70
CA ALA B 110 -17.10 24.28 4.87
C ALA B 110 -18.34 25.10 5.19
N MET B 111 -18.22 26.13 6.04
CA MET B 111 -19.36 26.98 6.34
C MET B 111 -19.84 27.70 5.08
N ALA B 112 -18.91 28.25 4.30
CA ALA B 112 -19.29 28.93 3.06
C ALA B 112 -19.96 27.98 2.08
N LEU B 113 -19.38 26.79 1.91
CA LEU B 113 -19.92 25.81 0.97
C LEU B 113 -21.29 25.32 1.42
N ARG B 114 -21.48 25.10 2.72
CA ARG B 114 -22.78 24.66 3.20
C ARG B 114 -23.84 25.73 3.03
N ALA B 115 -23.51 26.98 3.33
CA ALA B 115 -24.47 28.06 3.08
C ALA B 115 -24.82 28.14 1.60
N ASN B 116 -23.81 28.01 0.72
CA ASN B 116 -24.05 28.06 -0.71
C ASN B 116 -24.94 26.90 -1.16
N VAL B 117 -24.71 25.70 -0.63
CA VAL B 117 -25.53 24.55 -0.97
C VAL B 117 -26.98 24.75 -0.52
N LEU B 118 -27.17 25.23 0.72
CA LEU B 118 -28.50 25.45 1.22
C LEU B 118 -29.23 26.55 0.48
N LEU B 119 -28.49 27.51 -0.09
CA LEU B 119 -29.11 28.59 -0.84
C LEU B 119 -29.72 28.14 -2.16
N GLN B 120 -29.46 26.91 -2.61
CA GLN B 120 -30.05 26.43 -3.85
C GLN B 120 -31.51 26.03 -3.71
N GLY B 121 -32.04 26.01 -2.49
CA GLY B 121 -33.46 25.75 -2.30
C GLY B 121 -33.91 24.32 -2.53
N ARG B 122 -33.10 23.34 -2.13
CA ARG B 122 -33.48 21.94 -2.21
C ARG B 122 -33.50 21.25 -0.85
N SER B 123 -33.06 21.92 0.21
CA SER B 123 -32.86 21.30 1.51
C SER B 123 -33.98 21.58 2.51
N GLY B 124 -34.83 22.58 2.25
CA GLY B 124 -35.93 22.86 3.15
C GLY B 124 -35.56 23.55 4.44
N VAL B 125 -34.41 24.22 4.48
CA VAL B 125 -34.01 24.93 5.69
C VAL B 125 -34.69 26.30 5.75
N ARG B 126 -34.78 26.84 6.96
CA ARG B 126 -35.13 28.24 7.12
C ARG B 126 -33.97 29.11 6.65
N LEU B 127 -34.32 30.28 6.09
CA LEU B 127 -33.29 31.21 5.65
C LEU B 127 -32.43 31.68 6.81
N GLU B 128 -33.00 31.74 8.02
CA GLU B 128 -32.26 32.23 9.18
C GLU B 128 -31.06 31.36 9.50
N LEU B 129 -31.13 30.06 9.23
CA LEU B 129 -29.96 29.20 9.42
C LEU B 129 -28.84 29.58 8.48
N ILE B 130 -29.17 29.83 7.21
CA ILE B 130 -28.17 30.27 6.24
C ILE B 130 -27.60 31.62 6.65
N GLU B 131 -28.45 32.51 7.14
CA GLU B 131 -27.99 33.82 7.60
C GLU B 131 -27.04 33.67 8.79
N ARG B 132 -27.35 32.77 9.72
CA ARG B 132 -26.46 32.54 10.85
C ARG B 132 -25.11 31.98 10.40
N LEU B 133 -25.12 31.04 9.45
CA LEU B 133 -23.88 30.54 8.89
C LEU B 133 -23.05 31.66 8.30
N VAL B 134 -23.67 32.49 7.45
CA VAL B 134 -22.95 33.56 6.78
C VAL B 134 -22.44 34.57 7.78
N GLU B 135 -23.23 34.86 8.82
CA GLU B 135 -22.83 35.88 9.79
C GLU B 135 -21.72 35.38 10.69
N PHE B 136 -21.75 34.10 11.07
CA PHE B 136 -20.62 33.51 11.77
C PHE B 136 -19.36 33.61 10.94
N LEU B 137 -19.47 33.33 9.64
CA LEU B 137 -18.31 33.45 8.76
C LEU B 137 -17.83 34.91 8.65
N ARG B 138 -18.75 35.86 8.56
CA ARG B 138 -18.38 37.26 8.42
C ARG B 138 -17.78 37.81 9.71
N GLN B 139 -18.31 37.40 10.86
CA GLN B 139 -17.78 37.83 12.15
C GLN B 139 -16.51 37.09 12.54
N ASP B 140 -16.08 36.11 11.75
CA ASP B 140 -14.90 35.29 12.04
C ASP B 140 -15.06 34.56 13.38
N ALA B 141 -16.26 34.05 13.61
CA ALA B 141 -16.55 33.18 14.75
C ALA B 141 -16.58 31.75 14.19
N ILE B 142 -15.44 31.08 14.27
CA ILE B 142 -15.21 29.82 13.57
C ILE B 142 -15.24 28.68 14.58
N PRO B 143 -16.18 27.74 14.46
CA PRO B 143 -16.20 26.61 15.39
C PRO B 143 -14.93 25.78 15.31
N VAL B 144 -14.49 25.29 16.45
CA VAL B 144 -13.39 24.33 16.51
C VAL B 144 -13.92 22.96 16.13
N VAL B 145 -13.35 22.37 15.10
CA VAL B 145 -13.77 21.06 14.60
C VAL B 145 -12.56 20.14 14.60
N CYS B 146 -12.74 18.95 15.15
CA CYS B 146 -11.66 17.97 15.19
C CYS B 146 -11.71 17.07 13.95
N ASP B 147 -10.64 16.32 13.73
CA ASP B 147 -10.39 15.69 12.45
C ASP B 147 -10.89 14.24 12.36
N LEU B 148 -11.55 13.71 13.38
CA LEU B 148 -12.08 12.37 13.35
C LEU B 148 -13.59 12.38 13.48
N GLY B 149 -14.25 11.49 12.76
CA GLY B 149 -15.68 11.29 12.97
C GLY B 149 -16.54 11.10 11.74
N SER B 150 -15.96 11.15 10.54
CA SER B 150 -16.74 11.10 9.32
C SER B 150 -16.17 10.07 8.35
N ILE B 151 -17.06 9.42 7.60
CA ILE B 151 -16.67 8.43 6.60
C ILE B 151 -17.09 8.85 5.19
N GLY B 152 -17.46 10.11 4.99
CA GLY B 152 -17.77 10.60 3.66
C GLY B 152 -19.08 10.13 3.07
N ASP B 154 -20.98 13.35 6.37
CA ASP B 154 -20.27 14.35 7.15
C ASP B 154 -21.07 14.81 8.35
N LEU B 155 -21.74 13.84 8.96
CA LEU B 155 -22.71 14.12 10.01
C LEU B 155 -22.07 14.83 11.21
N VAL B 156 -20.94 14.30 11.68
CA VAL B 156 -20.32 14.79 12.92
C VAL B 156 -19.60 16.12 12.72
N PRO B 157 -18.69 16.25 11.73
CA PRO B 157 -18.03 17.55 11.55
C PRO B 157 -18.98 18.68 11.21
N LEU B 158 -20.00 18.41 10.39
CA LEU B 158 -20.99 19.43 10.09
C LEU B 158 -21.92 19.68 11.28
N GLY B 159 -22.14 18.65 12.09
CA GLY B 159 -22.92 18.83 13.31
C GLY B 159 -22.25 19.75 14.29
N VAL B 160 -20.92 19.76 14.31
CA VAL B 160 -20.21 20.72 15.15
C VAL B 160 -20.59 22.15 14.75
N ILE B 161 -20.57 22.43 13.44
CA ILE B 161 -20.92 23.77 12.96
C ILE B 161 -22.39 24.08 13.25
N ALA B 162 -23.28 23.10 13.04
CA ALA B 162 -24.69 23.34 13.28
C ALA B 162 -24.97 23.65 14.75
N ARG B 163 -24.38 22.85 15.65
CA ARG B 163 -24.53 23.10 17.09
C ARG B 163 -23.94 24.44 17.47
N SER B 164 -22.84 24.84 16.83
CA SER B 164 -22.24 26.14 17.12
C SER B 164 -23.17 27.28 16.72
N ILE B 165 -23.79 27.19 15.55
CA ILE B 165 -24.57 28.33 15.07
C ILE B 165 -25.98 28.37 15.64
N ILE B 166 -26.50 27.26 16.17
CA ILE B 166 -27.84 27.29 16.76
C ILE B 166 -27.83 27.37 18.27
N GLY B 167 -26.66 27.33 18.91
CA GLY B 167 -26.62 27.29 20.35
C GLY B 167 -27.19 26.02 20.94
N HIS B 168 -26.84 24.87 20.37
CA HIS B 168 -27.32 23.59 20.85
C HIS B 168 -26.74 23.29 22.24
N PRO B 169 -27.51 22.62 23.10
CA PRO B 169 -27.00 22.29 24.44
C PRO B 169 -25.74 21.44 24.44
N SER B 170 -25.51 20.64 23.40
CA SER B 170 -24.21 19.97 23.26
C SER B 170 -23.18 21.03 22.85
N THR B 171 -22.60 21.68 23.85
CA THR B 171 -21.75 22.85 23.62
C THR B 171 -20.53 22.51 22.79
N THR B 172 -20.22 23.38 21.83
CA THR B 172 -19.01 23.32 21.04
C THR B 172 -18.08 24.46 21.44
N GLN B 173 -16.88 24.44 20.88
CA GLN B 173 -15.89 25.49 21.09
C GLN B 173 -15.77 26.32 19.82
N VAL B 174 -15.87 27.63 19.97
CA VAL B 174 -15.85 28.56 18.85
C VAL B 174 -14.74 29.58 19.07
N LYS B 175 -13.90 29.76 18.07
CA LYS B 175 -12.86 30.79 18.10
C LYS B 175 -13.45 32.09 17.57
N TYR B 176 -13.41 33.13 18.38
CA TYR B 176 -13.97 34.43 18.03
C TYR B 176 -13.12 35.51 18.67
N GLN B 177 -12.82 36.55 17.88
CA GLN B 177 -12.00 37.67 18.34
C GLN B 177 -10.68 37.20 18.94
N GLY B 178 -10.11 36.15 18.36
CA GLY B 178 -8.83 35.65 18.80
C GLY B 178 -8.86 34.79 20.04
N GLU B 179 -10.04 34.52 20.61
CA GLU B 179 -10.14 33.72 21.82
C GLU B 179 -11.11 32.58 21.61
N GLN B 180 -10.83 31.45 22.24
CA GLN B 180 -11.71 30.29 22.17
C GLN B 180 -12.69 30.32 23.32
N ALA B 181 -13.98 30.14 23.01
CA ALA B 181 -15.03 30.23 24.02
C ALA B 181 -16.10 29.20 23.75
N ASP B 182 -17.04 29.09 24.68
CA ASP B 182 -18.20 28.23 24.48
C ASP B 182 -19.10 28.82 23.40
N SER B 183 -19.76 27.92 22.66
CA SER B 183 -20.64 28.35 21.59
C SER B 183 -21.73 29.28 22.11
N HIS B 184 -22.18 29.09 23.34
CA HIS B 184 -23.21 29.96 23.92
C HIS B 184 -22.68 31.37 24.15
N ASP B 185 -21.44 31.49 24.62
CA ASP B 185 -20.83 32.81 24.82
C ASP B 185 -20.68 33.55 23.50
N VAL B 186 -20.19 32.85 22.47
CA VAL B 186 -20.03 33.47 21.16
C VAL B 186 -21.38 33.87 20.59
N LEU B 187 -22.39 32.99 20.75
CA LEU B 187 -23.75 33.32 20.31
C LEU B 187 -24.24 34.60 20.96
N GLN B 188 -24.06 34.72 22.27
CA GLN B 188 -24.49 35.93 22.96
C GLN B 188 -23.71 37.14 22.48
N GLN B 189 -22.40 37.00 22.24
CA GLN B 189 -21.61 38.11 21.74
C GLN B 189 -22.05 38.54 20.34
N LEU B 190 -22.63 37.63 19.57
CA LEU B 190 -23.15 37.94 18.24
C LEU B 190 -24.60 38.36 18.27
N ASN B 191 -25.17 38.54 19.47
CA ASN B 191 -26.57 38.94 19.65
C ASN B 191 -27.54 37.95 19.01
N TYR B 192 -27.18 36.66 19.04
CA TYR B 192 -28.06 35.59 18.60
C TYR B 192 -28.59 34.84 19.80
N SER B 193 -29.84 34.40 19.71
CA SER B 193 -30.42 33.52 20.72
C SER B 193 -30.33 32.08 20.26
N ALA B 194 -30.57 31.17 21.19
CA ALA B 194 -30.63 29.76 20.85
C ALA B 194 -31.76 29.50 19.88
N LEU B 195 -31.51 28.62 18.92
CA LEU B 195 -32.47 28.34 17.86
C LEU B 195 -32.92 26.88 17.97
N GLN B 196 -34.23 26.67 17.95
CA GLN B 196 -34.79 25.33 17.92
C GLN B 196 -35.05 24.93 16.47
N LEU B 197 -34.55 23.77 16.10
CA LEU B 197 -34.65 23.32 14.72
C LEU B 197 -36.06 22.88 14.37
N GLU B 198 -36.49 23.22 13.15
CA GLU B 198 -37.74 22.73 12.62
C GLU B 198 -37.49 21.40 11.91
N ALA B 199 -38.50 20.89 11.23
CA ALA B 199 -38.38 19.58 10.58
C ALA B 199 -37.34 19.62 9.48
N LYS B 200 -36.51 18.56 9.45
CA LYS B 200 -35.55 18.29 8.39
C LYS B 200 -34.36 19.25 8.42
N GLU B 201 -34.42 20.27 9.27
CA GLU B 201 -33.39 21.30 9.26
C GLU B 201 -32.07 20.77 9.79
N GLY B 202 -32.10 20.08 10.92
CA GLY B 202 -30.88 19.51 11.47
C GLY B 202 -30.25 18.50 10.53
N LEU B 203 -31.09 17.66 9.91
CA LEU B 203 -30.59 16.73 8.91
C LEU B 203 -30.03 17.46 7.70
N ALA B 204 -30.72 18.51 7.24
CA ALA B 204 -30.25 19.25 6.07
C ALA B 204 -28.96 20.00 6.33
N LEU B 205 -28.65 20.33 7.58
CA LEU B 205 -27.40 21.02 7.87
C LEU B 205 -26.20 20.08 7.80
N VAL B 206 -26.38 18.79 8.05
CA VAL B 206 -25.26 17.88 8.25
C VAL B 206 -25.19 16.77 7.21
N ASN B 207 -26.21 16.60 6.38
CA ASN B 207 -26.31 15.42 5.51
C ASN B 207 -25.74 15.74 4.13
N GLY B 208 -24.44 15.98 4.08
CA GLY B 208 -23.80 16.32 2.83
C GLY B 208 -22.31 16.11 2.87
N THR B 209 -21.66 16.48 1.77
CA THR B 209 -20.22 16.32 1.61
C THR B 209 -19.47 17.64 1.72
N SER B 210 -20.10 18.66 2.32
CA SER B 210 -19.55 20.02 2.27
C SER B 210 -18.20 20.12 2.98
N PHE B 211 -18.05 19.43 4.12
CA PHE B 211 -16.80 19.54 4.87
C PHE B 211 -15.66 18.82 4.16
N SER B 212 -15.93 17.60 3.68
CA SER B 212 -14.95 16.89 2.86
C SER B 212 -14.60 17.68 1.61
N SER B 213 -15.61 18.27 0.96
CA SER B 213 -15.38 19.08 -0.23
C SER B 213 -14.58 20.33 0.10
N ALA B 214 -14.75 20.88 1.30
CA ALA B 214 -14.01 22.08 1.68
C ALA B 214 -12.53 21.76 1.90
N ILE B 215 -12.26 20.68 2.62
CA ILE B 215 -10.87 20.25 2.80
C ILE B 215 -10.24 19.93 1.45
N ALA B 216 -10.99 19.25 0.57
CA ALA B 216 -10.49 18.91 -0.75
C ALA B 216 -10.24 20.15 -1.60
N ALA B 217 -11.11 21.16 -1.50
CA ALA B 217 -10.92 22.39 -2.26
C ALA B 217 -9.67 23.14 -1.80
N ASN B 218 -9.44 23.18 -0.48
CA ASN B 218 -8.20 23.77 0.02
C ASN B 218 -6.99 22.98 -0.48
N CYS B 219 -7.08 21.65 -0.45
CA CYS B 219 -5.99 20.81 -0.96
C CYS B 219 -5.73 21.07 -2.43
N VAL B 220 -6.78 21.24 -3.23
CA VAL B 220 -6.63 21.47 -4.67
C VAL B 220 -6.02 22.83 -4.95
N PHE B 221 -6.48 23.87 -4.26
CA PHE B 221 -5.89 25.20 -4.40
C PHE B 221 -4.40 25.17 -4.08
N GLU B 222 -4.05 24.58 -2.94
CA GLU B 222 -2.66 24.48 -2.55
C GLU B 222 -1.87 23.66 -3.56
N SER B 223 -2.46 22.57 -4.07
CA SER B 223 -1.74 21.68 -4.97
C SER B 223 -1.49 22.34 -6.32
N GLN B 224 -2.43 23.15 -6.80
CA GLN B 224 -2.18 23.92 -8.02
C GLN B 224 -1.00 24.86 -7.82
N ARG B 225 -1.00 25.58 -6.70
CA ARG B 225 0.11 26.50 -6.43
C ARG B 225 1.43 25.75 -6.28
N LEU B 226 1.40 24.59 -5.62
CA LEU B 226 2.60 23.81 -5.39
C LEU B 226 3.11 23.17 -6.67
N LEU B 227 2.21 22.79 -7.57
CA LEU B 227 2.63 22.31 -8.88
C LEU B 227 3.35 23.40 -9.65
N SER B 228 2.80 24.62 -9.64
CA SER B 228 3.47 25.73 -10.33
C SER B 228 4.85 26.00 -9.73
N LEU B 229 4.92 26.02 -8.40
CA LEU B 229 6.19 26.26 -7.72
C LEU B 229 7.20 25.14 -8.01
N SER B 230 6.72 23.89 -8.02
CA SER B 230 7.58 22.76 -8.36
C SER B 230 8.13 22.91 -9.76
N LEU B 231 7.30 23.31 -10.72
CA LEU B 231 7.77 23.47 -12.09
C LEU B 231 8.83 24.56 -12.19
N VAL B 232 8.63 25.68 -11.50
CA VAL B 232 9.62 26.75 -11.57
C VAL B 232 10.93 26.32 -10.90
N LEU B 233 10.83 25.63 -9.75
CA LEU B 233 12.04 25.13 -9.10
C LEU B 233 12.76 24.11 -9.96
N GLN B 234 12.00 23.28 -10.68
CA GLN B 234 12.60 22.34 -11.63
C GLN B 234 13.33 23.07 -12.74
N SER B 235 12.75 24.15 -13.26
CA SER B 235 13.44 24.92 -14.29
C SER B 235 14.75 25.50 -13.75
N ILE B 236 14.72 26.00 -12.51
CA ILE B 236 15.93 26.53 -11.90
C ILE B 236 16.98 25.44 -11.73
N MET B 237 16.58 24.25 -11.27
CA MET B 237 17.52 23.16 -11.09
C MET B 237 18.08 22.68 -12.42
N VAL B 238 17.24 22.61 -13.46
CA VAL B 238 17.70 22.23 -14.79
C VAL B 238 18.71 23.23 -15.31
N ARG B 239 18.48 24.52 -15.09
CA ARG B 239 19.45 25.52 -15.47
C ARG B 239 20.74 25.39 -14.66
N ALA B 240 20.63 25.04 -13.39
CA ALA B 240 21.81 24.88 -12.54
C ALA B 240 22.64 23.67 -12.96
N LEU B 241 21.99 22.60 -13.40
CA LEU B 241 22.70 21.44 -13.92
C LEU B 241 23.27 21.68 -15.30
N GLY B 242 22.95 22.81 -15.93
CA GLY B 242 23.32 23.01 -17.32
C GLY B 242 22.58 22.08 -18.25
N GLY B 243 21.31 21.79 -17.96
CA GLY B 243 20.54 20.91 -18.79
C GLY B 243 20.27 21.51 -20.16
N HIS B 244 20.09 20.64 -21.14
CA HIS B 244 19.88 21.08 -22.51
C HIS B 244 18.41 21.39 -22.75
N PRO B 245 18.07 22.61 -23.17
CA PRO B 245 16.66 22.93 -23.49
C PRO B 245 16.09 22.11 -24.65
N GLU B 246 16.90 21.30 -25.33
CA GLU B 246 16.41 20.49 -26.45
C GLU B 246 15.28 19.57 -26.02
N ALA B 247 15.24 19.18 -24.74
CA ALA B 247 14.18 18.32 -24.25
C ALA B 247 12.81 18.95 -24.37
N PHE B 248 12.73 20.27 -24.49
CA PHE B 248 11.45 20.98 -24.47
C PHE B 248 11.15 21.64 -25.81
N HIS B 249 11.77 21.18 -26.89
CA HIS B 249 11.45 21.71 -28.20
C HIS B 249 10.00 21.40 -28.54
N PRO B 250 9.32 22.30 -29.26
CA PRO B 250 7.90 22.06 -29.60
C PRO B 250 7.67 20.79 -30.38
N PHE B 251 8.65 20.34 -31.18
CA PHE B 251 8.47 19.13 -31.97
C PHE B 251 8.28 17.90 -31.10
N VAL B 252 8.89 17.87 -29.91
CA VAL B 252 8.81 16.69 -29.06
C VAL B 252 7.39 16.51 -28.51
N ASP B 253 6.81 17.58 -27.95
CA ASP B 253 5.45 17.47 -27.45
C ASP B 253 4.42 17.46 -28.57
N GLU B 254 4.77 18.00 -29.74
CA GLU B 254 3.88 17.91 -30.90
C GLU B 254 3.64 16.46 -31.30
N ASN B 255 4.63 15.61 -31.12
CA ASN B 255 4.52 14.20 -31.49
C ASN B 255 4.04 13.31 -30.34
N LYS B 256 3.83 13.87 -29.15
CA LYS B 256 3.23 13.15 -28.03
C LYS B 256 2.20 14.06 -27.36
N PRO B 257 1.05 14.27 -28.01
CA PRO B 257 0.15 15.38 -27.67
C PRO B 257 -0.70 15.17 -26.41
N HIS B 258 -0.05 14.75 -25.34
CA HIS B 258 -0.68 14.87 -24.03
C HIS B 258 -0.80 16.35 -23.68
N PRO B 259 -1.99 16.84 -23.30
CA PRO B 259 -2.11 18.26 -22.95
C PRO B 259 -1.17 18.68 -21.83
N GLY B 260 -1.00 17.83 -20.82
CA GLY B 260 -0.07 18.14 -19.75
C GLY B 260 1.35 18.29 -20.24
N GLN B 261 1.76 17.41 -21.16
CA GLN B 261 3.12 17.49 -21.70
C GLN B 261 3.31 18.77 -22.50
N GLY B 262 2.33 19.14 -23.32
CA GLY B 262 2.43 20.37 -24.09
C GLY B 262 2.52 21.60 -23.20
N TRP B 263 1.64 21.68 -22.20
CA TRP B 263 1.66 22.82 -21.30
C TRP B 263 2.96 22.87 -20.50
N SER B 264 3.43 21.72 -20.02
CA SER B 264 4.67 21.67 -19.24
C SER B 264 5.87 22.07 -20.09
N ALA B 265 5.92 21.60 -21.34
CA ALA B 265 7.02 21.97 -22.22
C ALA B 265 6.98 23.46 -22.56
N GLN B 266 5.78 24.01 -22.78
CA GLN B 266 5.66 25.44 -23.03
C GLN B 266 6.13 26.24 -21.81
N MET B 267 5.77 25.79 -20.62
CA MET B 267 6.23 26.46 -19.40
C MET B 267 7.75 26.39 -19.28
N MET B 268 8.34 25.23 -19.55
CA MET B 268 9.79 25.09 -19.47
C MET B 268 10.48 25.97 -20.50
N ARG B 269 9.92 26.07 -21.70
CA ARG B 269 10.48 26.98 -22.70
C ARG B 269 10.40 28.43 -22.24
N ASP B 270 9.29 28.83 -21.63
CA ASP B 270 9.18 30.18 -21.10
C ASP B 270 10.18 30.42 -19.98
N LEU B 271 10.35 29.45 -19.08
CA LEU B 271 11.15 29.65 -17.88
C LEU B 271 12.65 29.61 -18.17
N LEU B 272 13.07 28.81 -19.13
CA LEU B 272 14.50 28.68 -19.45
C LEU B 272 14.97 29.77 -20.38
N ALA B 286 26.25 12.91 -24.09
CA ALA B 286 25.51 13.12 -25.34
C ALA B 286 24.09 13.57 -25.06
N GLN B 287 23.51 13.06 -23.98
CA GLN B 287 22.15 13.39 -23.59
C GLN B 287 22.06 13.53 -22.08
N ASP B 288 21.12 14.36 -21.64
CA ASP B 288 20.88 14.50 -20.21
C ASP B 288 20.23 13.25 -19.65
N ARG B 289 20.33 13.09 -18.34
CA ARG B 289 19.63 12.01 -17.66
C ARG B 289 18.13 12.28 -17.68
N TYR B 290 17.35 11.25 -17.36
CA TYR B 290 15.93 11.27 -17.64
C TYR B 290 15.18 12.32 -16.84
N SER B 291 15.61 12.58 -15.60
CA SER B 291 14.92 13.57 -14.77
C SER B 291 14.93 14.96 -15.41
N LEU B 292 15.87 15.23 -16.31
CA LEU B 292 15.89 16.46 -17.08
C LEU B 292 15.29 16.29 -18.48
N ARG B 293 15.70 15.24 -19.18
CA ARG B 293 15.30 15.07 -20.58
C ARG B 293 13.85 14.63 -20.73
N CYS B 294 13.30 13.92 -19.74
CA CYS B 294 11.93 13.46 -19.77
C CYS B 294 11.04 14.23 -18.81
N LEU B 295 11.38 15.49 -18.53
CA LEU B 295 10.69 16.25 -17.50
C LEU B 295 9.23 16.54 -17.88
N ALA B 296 9.00 16.99 -19.11
CA ALA B 296 7.63 17.28 -19.54
C ALA B 296 6.78 16.02 -19.58
N GLN B 297 7.35 14.90 -20.05
CA GLN B 297 6.63 13.64 -20.07
C GLN B 297 6.29 13.18 -18.66
N TYR B 298 7.20 13.38 -17.71
CA TYR B 298 6.93 13.05 -16.31
C TYR B 298 5.82 13.94 -15.75
N PHE B 299 5.84 15.23 -16.11
CA PHE B 299 4.86 16.17 -15.56
C PHE B 299 3.46 15.94 -16.12
N ALA B 300 3.36 15.58 -17.40
CA ALA B 300 2.08 15.50 -18.12
C ALA B 300 0.96 14.84 -17.33
N PRO B 301 1.11 13.60 -16.86
CA PRO B 301 0.01 12.99 -16.10
C PRO B 301 -0.29 13.71 -14.80
N ILE B 302 0.72 14.27 -14.13
CA ILE B 302 0.47 15.02 -12.90
C ILE B 302 -0.35 16.26 -13.19
N VAL B 303 0.02 17.01 -14.23
CA VAL B 303 -0.70 18.23 -14.60
C VAL B 303 -2.15 17.89 -14.94
N GLU B 304 -2.36 16.90 -15.81
CA GLU B 304 -3.71 16.57 -16.23
C GLU B 304 -4.54 15.99 -15.09
N GLY B 305 -3.92 15.18 -14.22
CA GLY B 305 -4.64 14.65 -13.08
C GLY B 305 -5.04 15.72 -12.09
N ILE B 306 -4.16 16.69 -11.85
CA ILE B 306 -4.50 17.80 -10.97
C ILE B 306 -5.65 18.61 -11.55
N ALA B 307 -5.63 18.83 -12.87
CA ALA B 307 -6.76 19.52 -13.51
C ALA B 307 -8.07 18.74 -13.36
N GLN B 308 -8.02 17.42 -13.59
CA GLN B 308 -9.22 16.59 -13.46
C GLN B 308 -9.75 16.63 -12.03
N ILE B 309 -8.86 16.52 -11.05
CA ILE B 309 -9.27 16.56 -9.66
C ILE B 309 -9.87 17.91 -9.31
N SER B 310 -9.29 19.00 -9.83
CA SER B 310 -9.86 20.32 -9.61
C SER B 310 -11.28 20.38 -10.12
N GLN B 311 -11.51 19.92 -11.35
CA GLN B 311 -12.85 19.96 -11.91
C GLN B 311 -13.83 19.10 -11.12
N SER B 312 -13.42 17.90 -10.73
CA SER B 312 -14.33 17.02 -10.02
C SER B 312 -14.66 17.54 -8.63
N ILE B 313 -13.66 18.09 -7.92
CA ILE B 313 -13.91 18.65 -6.60
C ILE B 313 -14.80 19.88 -6.70
N SER B 314 -14.58 20.71 -7.73
CA SER B 314 -15.44 21.86 -7.93
C SER B 314 -16.88 21.45 -8.22
N THR B 315 -17.07 20.38 -9.00
CA THR B 315 -18.41 19.87 -9.24
C THR B 315 -19.04 19.35 -7.96
N GLU B 316 -18.28 18.61 -7.16
CA GLU B 316 -18.84 18.03 -5.93
C GLU B 316 -19.22 19.11 -4.93
N MET B 317 -18.36 20.11 -4.73
CA MET B 317 -18.60 21.11 -3.69
C MET B 317 -19.75 22.04 -4.04
N ASN B 318 -20.12 22.13 -5.31
CA ASN B 318 -21.24 22.96 -5.73
C ASN B 318 -22.52 22.18 -5.91
N ALA B 319 -22.51 20.88 -5.64
CA ALA B 319 -23.69 20.04 -5.74
C ALA B 319 -24.50 20.10 -4.46
N VAL B 320 -25.79 19.81 -4.58
CA VAL B 320 -26.67 19.67 -3.43
C VAL B 320 -26.55 18.23 -2.94
N SER B 321 -25.92 18.04 -1.78
CA SER B 321 -25.67 16.70 -1.25
C SER B 321 -26.69 16.25 -0.22
N ASP B 322 -27.75 17.03 0.01
CA ASP B 322 -28.76 16.64 0.99
C ASP B 322 -29.55 15.43 0.50
N ASN B 323 -29.96 14.56 1.42
CA ASN B 323 -30.62 13.32 1.02
C ASN B 323 -32.07 13.59 0.59
N PRO B 324 -32.95 14.11 1.44
CA PRO B 324 -34.28 14.44 0.92
C PRO B 324 -34.18 15.69 0.07
N LEU B 325 -34.22 15.52 -1.25
CA LEU B 325 -34.15 16.64 -2.16
C LEU B 325 -35.58 17.12 -2.42
N ILE B 326 -35.82 18.40 -2.17
CA ILE B 326 -37.14 18.98 -2.36
C ILE B 326 -37.13 19.74 -3.67
N ASP B 327 -38.06 19.38 -4.56
CA ASP B 327 -38.28 20.12 -5.79
C ASP B 327 -39.50 21.01 -5.56
N VAL B 328 -39.29 22.32 -5.56
CA VAL B 328 -40.37 23.27 -5.34
C VAL B 328 -41.18 23.52 -6.60
N ASP B 329 -40.61 23.25 -7.78
CA ASP B 329 -41.37 23.38 -9.02
C ASP B 329 -42.44 22.31 -9.15
N THR B 330 -42.28 21.18 -8.45
CA THR B 330 -43.30 20.16 -8.36
C THR B 330 -43.76 19.89 -6.93
N GLY B 331 -43.05 20.41 -5.94
CA GLY B 331 -43.37 20.14 -4.55
C GLY B 331 -43.16 18.70 -4.14
N ARG B 332 -42.11 18.06 -4.64
CA ARG B 332 -41.90 16.64 -4.40
C ARG B 332 -40.64 16.42 -3.56
N PHE B 333 -40.62 15.28 -2.89
CA PHE B 333 -39.47 14.83 -2.11
C PHE B 333 -38.84 13.66 -2.84
N HIS B 334 -37.52 13.72 -3.00
CA HIS B 334 -36.76 12.70 -3.71
C HIS B 334 -35.72 12.11 -2.78
N GLN B 335 -35.72 10.79 -2.64
CA GLN B 335 -34.63 10.11 -1.96
C GLN B 335 -33.35 10.24 -2.77
N SER B 336 -32.24 10.47 -2.09
CA SER B 336 -30.98 10.77 -2.75
C SER B 336 -29.84 10.05 -2.06
N GLY B 337 -28.76 9.86 -2.83
CA GLY B 337 -27.53 9.35 -2.29
C GLY B 337 -26.41 10.33 -2.53
N ASN B 338 -26.77 11.59 -2.74
CA ASN B 338 -25.81 12.63 -3.07
C ASN B 338 -24.89 12.97 -1.91
N PHE B 339 -25.18 12.49 -0.70
CA PHE B 339 -24.30 12.64 0.45
C PHE B 339 -23.06 11.74 0.37
N LEU B 340 -23.02 10.81 -0.58
CA LEU B 340 -21.88 9.91 -0.69
C LEU B 340 -20.70 10.64 -1.34
N GLY B 341 -19.55 10.62 -0.68
CA GLY B 341 -18.40 11.35 -1.14
C GLY B 341 -17.31 10.49 -1.76
N GLN B 342 -17.72 9.45 -2.49
CA GLN B 342 -16.76 8.54 -3.11
C GLN B 342 -15.83 9.28 -4.06
N TYR B 343 -16.36 10.20 -4.85
CA TYR B 343 -15.56 10.95 -5.80
C TYR B 343 -14.49 11.78 -5.09
N VAL B 344 -14.86 12.43 -3.99
CA VAL B 344 -13.88 13.21 -3.22
C VAL B 344 -12.78 12.29 -2.69
N ALA B 345 -13.15 11.13 -2.17
CA ALA B 345 -12.17 10.19 -1.63
C ALA B 345 -11.17 9.77 -2.70
N MET B 346 -11.66 9.36 -3.86
CA MET B 346 -10.76 8.90 -4.92
C MET B 346 -9.92 10.03 -5.48
N SER B 347 -10.50 11.23 -5.63
CA SER B 347 -9.74 12.37 -6.10
C SER B 347 -8.63 12.74 -5.13
N MET B 348 -8.89 12.65 -3.83
CA MET B 348 -7.86 12.98 -2.86
C MET B 348 -6.77 11.92 -2.82
N ASP B 349 -7.12 10.65 -2.99
CA ASP B 349 -6.09 9.62 -3.16
C ASP B 349 -5.20 9.95 -4.35
N GLN B 350 -5.80 10.32 -5.48
CA GLN B 350 -5.02 10.63 -6.67
C GLN B 350 -4.15 11.87 -6.44
N LEU B 351 -4.68 12.88 -5.75
CA LEU B 351 -3.91 14.09 -5.48
C LEU B 351 -2.71 13.81 -4.59
N ARG B 352 -2.87 12.94 -3.59
CA ARG B 352 -1.72 12.54 -2.80
C ARG B 352 -0.67 11.84 -3.65
N ARG B 353 -1.12 10.98 -4.58
CA ARG B 353 -0.19 10.38 -5.53
C ARG B 353 0.58 11.44 -6.30
N HIS B 354 -0.13 12.46 -6.80
CA HIS B 354 0.51 13.50 -7.60
C HIS B 354 1.56 14.25 -6.80
N LEU B 355 1.23 14.60 -5.55
CA LEU B 355 2.19 15.29 -4.71
C LEU B 355 3.41 14.42 -4.42
N GLY B 356 3.20 13.13 -4.18
CA GLY B 356 4.32 12.23 -3.97
C GLY B 356 5.22 12.14 -5.18
N LEU B 357 4.65 12.08 -6.38
CA LEU B 357 5.46 11.99 -7.59
C LEU B 357 6.22 13.28 -7.85
N LEU B 358 5.60 14.44 -7.62
CA LEU B 358 6.33 15.70 -7.71
C LEU B 358 7.51 15.73 -6.75
N ALA B 359 7.28 15.30 -5.51
CA ALA B 359 8.35 15.31 -4.52
C ALA B 359 9.48 14.36 -4.92
N LYS B 360 9.15 13.18 -5.45
CA LYS B 360 10.18 12.23 -5.84
C LYS B 360 11.00 12.73 -7.03
N HIS B 361 10.34 13.38 -8.00
CA HIS B 361 11.09 13.98 -9.10
C HIS B 361 12.03 15.07 -8.59
N LEU B 362 11.56 15.91 -7.67
CA LEU B 362 12.43 16.94 -7.11
C LEU B 362 13.61 16.32 -6.34
N ASP B 363 13.35 15.23 -5.60
CA ASP B 363 14.42 14.58 -4.86
C ASP B 363 15.47 13.98 -5.79
N VAL B 364 15.02 13.39 -6.89
CA VAL B 364 15.96 12.87 -7.88
C VAL B 364 16.80 14.00 -8.46
N GLN B 365 16.17 15.13 -8.77
CA GLN B 365 16.90 16.28 -9.30
C GLN B 365 17.93 16.80 -8.29
N ILE B 366 17.56 16.84 -7.01
CA ILE B 366 18.49 17.31 -5.99
C ILE B 366 19.65 16.32 -5.83
N ALA B 367 19.36 15.02 -5.87
CA ALA B 367 20.43 14.02 -5.82
C ALA B 367 21.39 14.21 -6.98
N GLN B 368 20.88 14.57 -8.15
CA GLN B 368 21.75 14.94 -9.26
C GLN B 368 22.59 16.16 -8.92
N LEU B 369 21.96 17.18 -8.32
CA LEU B 369 22.63 18.45 -8.04
C LEU B 369 23.74 18.33 -7.01
N VAL B 370 23.67 17.37 -6.09
CA VAL B 370 24.66 17.31 -5.02
C VAL B 370 25.85 16.40 -5.32
N ALA B 371 25.73 15.50 -6.30
CA ALA B 371 26.76 14.49 -6.54
C ALA B 371 27.68 14.94 -7.66
N PRO B 372 28.98 15.13 -7.41
CA PRO B 372 29.88 15.57 -8.48
C PRO B 372 29.94 14.64 -9.67
N ALA B 373 29.61 13.36 -9.50
CA ALA B 373 29.51 12.45 -10.64
C ALA B 373 28.45 12.93 -11.62
N PHE B 374 27.43 13.62 -11.15
CA PHE B 374 26.35 14.11 -11.97
C PHE B 374 26.19 15.63 -11.91
N ASN B 375 27.03 16.33 -11.14
CA ASN B 375 26.90 17.77 -10.96
C ASN B 375 27.11 18.54 -12.25
N ASN B 376 27.95 18.02 -13.16
CA ASN B 376 28.48 18.78 -14.28
C ASN B 376 29.27 20.00 -13.79
N GLY B 377 30.06 19.81 -12.73
CA GLY B 377 30.99 20.80 -12.26
C GLY B 377 30.61 21.51 -10.97
N LEU B 378 29.48 21.20 -10.37
CA LEU B 378 29.11 21.84 -9.12
C LEU B 378 29.81 21.21 -7.94
N PRO B 379 30.04 21.97 -6.86
CA PRO B 379 30.71 21.40 -5.69
C PRO B 379 29.86 20.34 -4.99
N ALA B 380 30.55 19.40 -4.35
CA ALA B 380 29.88 18.32 -3.64
C ALA B 380 29.00 18.86 -2.52
N SER B 381 27.75 18.39 -2.48
CA SER B 381 26.73 18.84 -1.54
C SER B 381 26.47 20.33 -1.64
N LEU B 382 26.83 20.94 -2.77
CA LEU B 382 26.63 22.36 -3.03
C LEU B 382 27.26 23.22 -1.94
N ARG B 383 28.44 22.83 -1.48
CA ARG B 383 29.18 23.63 -0.51
C ARG B 383 29.60 24.95 -1.14
N GLY B 384 29.50 26.02 -0.35
CA GLY B 384 29.75 27.35 -0.88
C GLY B 384 31.21 27.78 -0.88
N ASN B 385 31.99 27.35 0.10
CA ASN B 385 33.39 27.75 0.23
C ASN B 385 34.28 26.52 0.17
N SER B 386 35.20 26.51 -0.79
CA SER B 386 36.19 25.45 -0.88
C SER B 386 37.40 25.68 0.02
N SER B 387 37.57 26.89 0.57
CA SER B 387 38.73 27.16 1.41
C SER B 387 38.63 26.43 2.75
N ARG B 388 37.43 26.36 3.33
CA ARG B 388 37.21 25.56 4.53
C ARG B 388 37.07 24.10 4.13
N PRO B 389 38.08 23.26 4.39
CA PRO B 389 38.03 21.88 3.90
C PRO B 389 36.91 21.05 4.50
N PHE B 390 36.36 21.45 5.64
CA PHE B 390 35.35 20.68 6.34
C PHE B 390 33.94 21.18 6.09
N ASN B 391 33.75 22.08 5.13
CA ASN B 391 32.41 22.54 4.78
C ASN B 391 31.61 21.42 4.13
N MET B 392 30.43 21.15 4.67
CA MET B 392 29.48 20.20 4.11
C MET B 392 28.21 20.98 3.83
N GLY B 393 28.13 21.60 2.66
CA GLY B 393 27.15 22.63 2.40
C GLY B 393 25.70 22.30 2.69
N LEU B 394 25.09 21.42 1.89
CA LEU B 394 23.68 21.12 2.04
C LEU B 394 23.45 19.62 2.23
N LYS B 395 24.39 18.95 2.88
CA LYS B 395 24.25 17.51 3.12
C LYS B 395 23.10 17.23 4.07
N GLY B 396 23.06 17.92 5.21
CA GLY B 396 21.94 17.73 6.14
C GLY B 396 20.61 18.15 5.54
N LEU B 397 20.63 19.19 4.71
CA LEU B 397 19.41 19.60 4.01
C LEU B 397 18.95 18.51 3.04
N GLN B 398 19.88 17.88 2.34
CA GLN B 398 19.48 16.78 1.47
C GLN B 398 18.91 15.62 2.28
N ILE B 399 19.48 15.36 3.46
CA ILE B 399 18.94 14.31 4.31
C ILE B 399 17.52 14.65 4.74
N THR B 400 17.27 15.93 5.04
CA THR B 400 15.91 16.36 5.40
C THR B 400 14.94 16.12 4.25
N GLY B 401 15.36 16.48 3.03
CA GLY B 401 14.52 16.19 1.87
C GLY B 401 14.28 14.70 1.68
N ASN B 402 15.32 13.89 1.88
CA ASN B 402 15.19 12.44 1.76
C ASN B 402 14.32 11.84 2.85
N SER B 403 14.15 12.55 3.97
CA SER B 403 13.23 12.09 4.99
C SER B 403 11.80 12.51 4.70
N ILE B 404 11.62 13.64 4.01
CA ILE B 404 10.27 14.13 3.76
C ILE B 404 9.65 13.42 2.56
N MET B 405 10.40 13.27 1.46
CA MET B 405 9.82 12.75 0.21
C MET B 405 9.16 11.37 0.36
N PRO B 406 9.78 10.37 0.99
CA PRO B 406 9.11 9.07 1.11
C PRO B 406 7.81 9.11 1.89
N LEU B 407 7.63 10.08 2.80
CA LEU B 407 6.34 10.23 3.45
C LEU B 407 5.25 10.58 2.45
N LEU B 408 5.55 11.48 1.51
CA LEU B 408 4.59 11.81 0.46
C LEU B 408 4.34 10.61 -0.46
N THR B 409 5.40 9.92 -0.85
CA THR B 409 5.23 8.73 -1.68
C THR B 409 4.39 7.67 -0.98
N TYR B 410 4.62 7.49 0.32
CA TYR B 410 3.82 6.56 1.13
C TYR B 410 2.37 6.99 1.19
N LEU B 411 2.12 8.29 1.36
CA LEU B 411 0.76 8.80 1.34
C LEU B 411 0.12 8.67 -0.03
N GLY B 412 0.90 8.36 -1.06
CA GLY B 412 0.32 7.98 -2.34
C GLY B 412 -0.53 6.72 -2.30
N ASN B 413 -0.44 5.93 -1.24
CA ASN B 413 -1.31 4.78 -1.10
C ASN B 413 -2.76 5.21 -0.94
N PRO B 414 -3.72 4.48 -1.50
CA PRO B 414 -5.12 4.89 -1.41
C PRO B 414 -5.78 4.44 -0.12
N LEU B 415 -6.65 5.30 0.40
CA LEU B 415 -7.46 4.98 1.56
C LEU B 415 -8.85 4.49 1.20
N THR B 416 -9.37 4.89 0.04
CA THR B 416 -10.74 4.56 -0.35
C THR B 416 -10.96 3.05 -0.35
N GLU B 417 -9.96 2.28 -0.77
CA GLU B 417 -10.10 0.82 -0.83
C GLU B 417 -10.42 0.22 0.52
N HIS B 418 -9.94 0.81 1.60
CA HIS B 418 -10.25 0.32 2.94
C HIS B 418 -11.58 0.86 3.45
N PHE B 419 -12.63 0.79 2.62
CA PHE B 419 -13.75 1.41 3.32
C PHE B 419 -14.57 0.38 4.07
N PRO B 420 -15.11 0.74 5.23
CA PRO B 420 -15.84 -0.26 6.03
C PRO B 420 -17.19 -0.57 5.41
N THR B 421 -17.48 -1.86 5.29
CA THR B 421 -18.76 -2.32 4.76
C THR B 421 -19.77 -2.63 5.85
N HIS B 422 -19.36 -2.57 7.11
CA HIS B 422 -20.22 -2.81 8.26
C HIS B 422 -20.67 -1.51 8.91
N ALA B 423 -20.36 -0.36 8.31
CA ALA B 423 -20.55 0.92 8.96
C ALA B 423 -22.03 1.21 9.20
N GLU B 424 -22.32 1.75 10.39
CA GLU B 424 -23.63 2.27 10.76
C GLU B 424 -24.71 1.20 10.62
N GLU B 425 -24.58 0.15 11.44
CA GLU B 425 -25.53 -0.96 11.48
C GLU B 425 -25.68 -1.63 10.11
N PHE B 426 -24.59 -1.69 9.36
CA PHE B 426 -24.52 -2.27 8.03
C PHE B 426 -25.37 -1.52 7.01
N ASN B 427 -25.94 -0.38 7.38
CA ASN B 427 -26.73 0.41 6.44
C ASN B 427 -25.85 1.18 5.48
N GLN B 428 -24.72 1.69 5.95
CA GLN B 428 -23.76 2.40 5.10
C GLN B 428 -22.66 1.44 4.64
N ASN B 429 -23.09 0.42 3.89
CA ASN B 429 -22.15 -0.62 3.47
C ASN B 429 -21.20 -0.14 2.38
N ILE B 430 -21.52 0.96 1.70
CA ILE B 430 -20.54 1.73 0.93
C ILE B 430 -20.55 3.15 1.46
N ASN B 431 -19.37 3.66 1.82
CA ASN B 431 -19.24 5.03 2.28
C ASN B 431 -18.23 5.84 1.48
N GLY B 432 -16.98 5.38 1.40
CA GLY B 432 -15.96 6.07 0.65
C GLY B 432 -14.76 6.57 1.44
N LEU B 433 -15.00 7.08 2.66
CA LEU B 433 -13.96 7.65 3.51
C LEU B 433 -13.36 8.91 2.89
N SER B 434 -14.21 9.77 2.32
CA SER B 434 -13.70 11.02 1.75
C SER B 434 -13.12 11.93 2.81
N TRP B 435 -13.65 11.89 4.03
CA TRP B 435 -13.15 12.71 5.12
C TRP B 435 -11.71 12.35 5.46
N GLY B 436 -11.44 11.07 5.71
CA GLY B 436 -10.09 10.64 6.00
C GLY B 436 -9.14 10.88 4.85
N SER B 437 -9.61 10.63 3.62
CA SER B 437 -8.78 10.84 2.44
C SER B 437 -8.41 12.32 2.29
N ALA B 438 -9.37 13.22 2.50
CA ALA B 438 -9.08 14.65 2.39
C ALA B 438 -8.14 15.12 3.48
N ASN B 439 -8.30 14.60 4.70
CA ASN B 439 -7.36 14.97 5.76
C ASN B 439 -5.95 14.45 5.47
N LEU B 440 -5.85 13.24 4.90
CA LEU B 440 -4.56 12.75 4.45
C LEU B 440 -3.98 13.64 3.36
N ALA B 441 -4.83 14.10 2.44
CA ALA B 441 -4.36 14.99 1.37
C ALA B 441 -3.82 16.30 1.93
N TRP B 442 -4.47 16.83 2.96
CA TRP B 442 -3.96 18.04 3.59
C TRP B 442 -2.63 17.78 4.30
N ARG B 443 -2.50 16.60 4.93
CA ARG B 443 -1.21 16.20 5.48
C ARG B 443 -0.13 16.18 4.39
N SER B 444 -0.48 15.65 3.22
CA SER B 444 0.44 15.66 2.08
C SER B 444 0.79 17.09 1.68
N VAL B 445 -0.19 17.98 1.68
CA VAL B 445 0.07 19.37 1.32
C VAL B 445 1.07 20.01 2.28
N GLN B 446 0.89 19.77 3.58
CA GLN B 446 1.82 20.33 4.57
C GLN B 446 3.23 19.76 4.39
N LEU B 447 3.33 18.45 4.19
CA LEU B 447 4.61 17.82 3.96
C LEU B 447 5.29 18.37 2.72
N PHE B 448 4.52 18.59 1.65
CA PHE B 448 5.09 19.08 0.41
C PHE B 448 5.47 20.56 0.52
N GLN B 449 4.80 21.32 1.38
CA GLN B 449 5.24 22.69 1.64
C GLN B 449 6.61 22.70 2.31
N HIS B 450 6.79 21.85 3.33
CA HIS B 450 8.11 21.72 3.94
C HIS B 450 9.15 21.29 2.92
N TYR B 451 8.79 20.30 2.09
CA TYR B 451 9.71 19.79 1.10
C TYR B 451 10.08 20.87 0.09
N LEU B 452 9.12 21.71 -0.30
CA LEU B 452 9.40 22.75 -1.27
C LEU B 452 10.25 23.86 -0.67
N SER B 453 10.15 24.09 0.64
CA SER B 453 11.13 24.98 1.27
C SER B 453 12.55 24.43 1.11
N VAL B 454 12.71 23.13 1.38
CA VAL B 454 14.01 22.48 1.19
C VAL B 454 14.48 22.63 -0.26
N ALA B 455 13.59 22.33 -1.21
CA ALA B 455 13.93 22.39 -2.63
C ALA B 455 14.25 23.81 -3.09
N SER B 456 13.58 24.81 -2.52
CA SER B 456 13.87 26.20 -2.87
C SER B 456 15.28 26.57 -2.44
N ILE B 457 15.68 26.17 -1.24
CA ILE B 457 17.05 26.46 -0.81
C ILE B 457 18.05 25.76 -1.74
N PHE B 458 17.77 24.50 -2.09
CA PHE B 458 18.65 23.78 -2.99
C PHE B 458 18.76 24.47 -4.34
N ALA B 459 17.62 24.91 -4.90
CA ALA B 459 17.63 25.55 -6.21
C ALA B 459 18.43 26.85 -6.18
N VAL B 460 18.20 27.68 -5.17
CA VAL B 460 18.89 28.97 -5.10
C VAL B 460 20.39 28.77 -4.97
N GLN B 461 20.81 27.88 -4.06
CA GLN B 461 22.24 27.62 -3.90
C GLN B 461 22.85 27.07 -5.18
N ALA B 462 22.16 26.12 -5.83
CA ALA B 462 22.70 25.51 -7.04
C ALA B 462 22.86 26.53 -8.15
N ILE B 463 21.87 27.41 -8.33
CA ILE B 463 21.96 28.38 -9.41
C ILE B 463 23.04 29.41 -9.12
N ASP B 464 23.23 29.79 -7.85
CA ASP B 464 24.32 30.69 -7.50
C ASP B 464 25.68 30.05 -7.80
N LEU B 465 25.84 28.77 -7.45
CA LEU B 465 27.10 28.09 -7.72
C LEU B 465 27.34 27.94 -9.22
N ARG B 466 26.28 27.67 -9.99
CA ARG B 466 26.43 27.57 -11.44
C ARG B 466 26.84 28.92 -12.04
N ALA B 467 26.23 30.01 -11.58
CA ALA B 467 26.62 31.33 -12.05
C ALA B 467 28.08 31.61 -11.71
N GLY B 468 28.51 31.26 -10.50
CA GLY B 468 29.91 31.42 -10.15
C GLY B 468 30.83 30.62 -11.04
N LEU B 469 30.41 29.40 -11.41
CA LEU B 469 31.25 28.55 -12.25
C LEU B 469 31.36 29.11 -13.67
N GLU B 470 30.26 29.57 -14.24
CA GLU B 470 30.26 30.15 -15.57
C GLU B 470 30.77 31.60 -15.53
N GLY B 476 23.48 34.66 -10.00
CA GLY B 476 22.45 33.65 -10.15
C GLY B 476 21.33 34.09 -11.07
N ARG B 477 20.85 35.32 -10.86
CA ARG B 477 19.75 35.86 -11.65
C ARG B 477 20.12 36.01 -13.13
N GLU B 478 21.41 36.08 -13.45
CA GLU B 478 21.83 36.21 -14.83
C GLU B 478 21.51 34.99 -15.67
N LEU B 479 21.33 33.83 -15.03
CA LEU B 479 21.05 32.59 -15.74
C LEU B 479 19.57 32.29 -15.83
N LEU B 480 18.71 33.11 -15.24
CA LEU B 480 17.30 32.78 -15.06
C LEU B 480 16.41 33.71 -15.85
N GLY B 481 15.23 33.20 -16.23
CA GLY B 481 14.22 33.98 -16.87
C GLY B 481 13.47 34.85 -15.87
N GLU B 482 12.41 35.48 -16.34
CA GLU B 482 11.70 36.46 -15.51
C GLU B 482 11.03 35.82 -14.31
N THR B 483 10.24 34.76 -14.54
CA THR B 483 9.53 34.12 -13.43
C THR B 483 10.51 33.47 -12.45
N ALA B 484 11.54 32.79 -12.97
CA ALA B 484 12.53 32.18 -12.10
C ALA B 484 13.34 33.22 -11.35
N THR B 485 13.67 34.35 -12.01
CA THR B 485 14.34 35.44 -11.32
C THR B 485 13.47 36.00 -10.21
N GLU B 486 12.17 36.16 -10.47
CA GLU B 486 11.26 36.68 -9.48
C GLU B 486 11.17 35.75 -8.27
N LEU B 487 11.10 34.43 -8.52
CA LEU B 487 11.09 33.48 -7.42
C LEU B 487 12.41 33.52 -6.64
N TYR B 488 13.54 33.59 -7.35
CA TYR B 488 14.85 33.66 -6.70
C TYR B 488 14.96 34.90 -5.82
N GLU B 489 14.51 36.05 -6.33
CA GLU B 489 14.56 37.29 -5.55
C GLU B 489 13.60 37.23 -4.37
N THR B 490 12.44 36.61 -4.54
CA THR B 490 11.52 36.45 -3.42
C THR B 490 12.14 35.60 -2.33
N VAL B 491 12.81 34.51 -2.71
CA VAL B 491 13.47 33.67 -1.72
C VAL B 491 14.59 34.44 -1.02
N TYR B 492 15.36 35.21 -1.79
CA TYR B 492 16.42 36.01 -1.19
C TYR B 492 15.88 37.05 -0.23
N ASP B 493 14.74 37.66 -0.55
CA ASP B 493 14.17 38.70 0.30
C ASP B 493 13.52 38.11 1.55
N LEU B 494 12.88 36.95 1.42
CA LEU B 494 12.28 36.31 2.58
C LEU B 494 13.33 35.94 3.62
N LEU B 495 14.50 35.50 3.16
CA LEU B 495 15.58 35.10 4.03
C LEU B 495 16.52 36.25 4.38
N GLU B 496 16.24 37.46 3.86
CA GLU B 496 17.01 38.66 4.16
C GLU B 496 18.49 38.49 3.77
N ARG B 497 18.70 38.19 2.49
CA ARG B 497 20.05 38.11 1.93
C ARG B 497 20.23 39.17 0.86
N PRO B 504 27.78 33.17 -2.81
CA PRO B 504 26.52 32.48 -3.07
C PRO B 504 25.57 32.56 -1.88
N PHE B 505 24.42 31.88 -1.98
CA PHE B 505 23.44 31.92 -0.89
C PHE B 505 24.04 31.42 0.42
N LEU B 506 24.76 30.32 0.37
CA LEU B 506 25.43 29.74 1.52
C LEU B 506 26.91 29.61 1.21
N PHE B 507 27.75 30.16 2.07
CA PHE B 507 29.20 30.19 1.86
C PHE B 507 29.93 29.33 2.87
N ASN B 508 29.78 29.61 4.16
CA ASN B 508 30.30 28.76 5.22
C ASN B 508 29.15 28.18 6.01
N ASP B 509 29.33 26.95 6.49
CA ASP B 509 28.26 26.25 7.17
C ASP B 509 27.83 26.96 8.46
N ASP B 510 28.76 27.65 9.12
CA ASP B 510 28.48 28.24 10.42
C ASP B 510 27.95 29.66 10.33
N GLU B 511 27.73 30.18 9.13
CA GLU B 511 27.30 31.57 8.96
C GLU B 511 25.80 31.75 9.01
N GLN B 512 25.03 30.67 9.10
CA GLN B 512 23.57 30.77 9.18
C GLN B 512 23.03 29.48 9.78
N SER B 513 21.75 29.51 10.11
CA SER B 513 21.01 28.31 10.50
C SER B 513 19.96 28.05 9.44
N LEU B 514 20.07 26.91 8.77
CA LEU B 514 19.11 26.57 7.73
C LEU B 514 17.72 26.32 8.30
N GLU B 515 17.61 26.00 9.59
CA GLU B 515 16.30 25.82 10.21
C GLU B 515 15.48 27.09 10.14
N VAL B 516 16.10 28.24 10.42
CA VAL B 516 15.39 29.52 10.36
C VAL B 516 14.90 29.80 8.94
N ASP B 517 15.76 29.54 7.94
CA ASP B 517 15.36 29.76 6.55
C ASP B 517 14.21 28.84 6.16
N LEU B 518 14.28 27.57 6.55
CA LEU B 518 13.20 26.64 6.24
C LEU B 518 11.90 27.09 6.90
N GLN B 519 11.97 27.56 8.15
CA GLN B 519 10.78 28.07 8.81
C GLN B 519 10.21 29.27 8.09
N MET B 520 11.07 30.18 7.64
CA MET B 520 10.61 31.37 6.93
C MET B 520 9.91 30.99 5.63
N LEU B 521 10.54 30.12 4.83
CA LEU B 521 9.93 29.72 3.57
C LEU B 521 8.63 28.95 3.78
N ASN B 522 8.59 28.06 4.78
CA ASN B 522 7.37 27.31 5.04
C ASN B 522 6.26 28.21 5.54
N GLY B 523 6.58 29.17 6.40
CA GLY B 523 5.57 30.12 6.86
C GLY B 523 5.05 30.97 5.74
N ASP B 524 5.92 31.34 4.79
CA ASP B 524 5.46 32.07 3.61
C ASP B 524 4.50 31.22 2.79
N LEU B 525 4.87 29.96 2.51
CA LEU B 525 4.02 29.10 1.70
C LEU B 525 2.68 28.86 2.38
N ALA B 526 2.69 28.69 3.71
CA ALA B 526 1.46 28.49 4.47
C ALA B 526 0.69 29.78 4.71
N GLY B 527 1.37 30.93 4.67
CA GLY B 527 0.73 32.19 5.03
C GLY B 527 0.55 33.18 3.88
N ALA B 528 1.43 34.18 3.82
CA ALA B 528 1.25 35.27 2.86
C ALA B 528 1.42 34.79 1.42
N GLY B 529 2.26 33.79 1.18
CA GLY B 529 2.46 33.28 -0.16
C GLY B 529 3.14 34.23 -1.13
N ARG B 530 4.22 34.88 -0.69
CA ARG B 530 5.00 35.68 -1.63
C ARG B 530 5.66 34.82 -2.69
N MET B 531 6.05 33.59 -2.34
CA MET B 531 6.59 32.66 -3.33
C MET B 531 5.52 32.23 -4.32
N HIS B 532 4.26 32.11 -3.86
CA HIS B 532 3.17 31.82 -4.78
C HIS B 532 2.90 32.99 -5.71
N GLU B 533 3.04 34.22 -5.21
CA GLU B 533 2.92 35.39 -6.07
C GLU B 533 4.04 35.44 -7.09
N ALA B 534 5.25 35.02 -6.71
CA ALA B 534 6.38 35.08 -7.63
C ALA B 534 6.20 34.15 -8.83
N VAL B 535 5.46 33.06 -8.66
CA VAL B 535 5.21 32.11 -9.73
C VAL B 535 3.77 32.18 -10.22
N SER B 536 3.07 33.30 -9.96
CA SER B 536 1.66 33.40 -10.29
C SER B 536 1.39 33.32 -11.78
N SER B 537 2.36 33.68 -12.62
CA SER B 537 2.17 33.56 -14.06
C SER B 537 1.97 32.11 -14.48
N VAL B 538 2.75 31.20 -13.90
CA VAL B 538 2.62 29.78 -14.21
C VAL B 538 1.28 29.24 -13.71
N THR B 539 0.87 29.65 -12.51
CA THR B 539 -0.42 29.21 -11.98
C THR B 539 -1.57 29.71 -12.85
N ASP B 540 -1.49 30.97 -13.28
CA ASP B 540 -2.52 31.52 -14.17
C ASP B 540 -2.53 30.80 -15.51
N SER B 541 -1.34 30.47 -16.03
CA SER B 541 -1.27 29.71 -17.28
C SER B 541 -1.92 28.35 -17.13
N PHE B 542 -1.67 27.67 -16.00
CA PHE B 542 -2.30 26.38 -15.76
C PHE B 542 -3.82 26.51 -15.66
N LEU B 543 -4.30 27.55 -14.97
CA LEU B 543 -5.74 27.74 -14.84
C LEU B 543 -6.38 28.06 -16.19
N ALA B 544 -5.71 28.88 -17.00
CA ALA B 544 -6.25 29.24 -18.31
C ALA B 544 -6.27 28.03 -19.24
N GLU B 545 -5.21 27.22 -19.21
CA GLU B 545 -5.16 26.05 -20.08
C GLU B 545 -6.12 24.96 -19.62
N PHE B 546 -6.19 24.73 -18.32
CA PHE B 546 -6.98 23.63 -17.77
C PHE B 546 -8.10 24.16 -16.89
N ASN C 11 -11.33 -4.49 -42.51
CA ASN C 11 -10.02 -4.61 -41.88
C ASN C 11 -9.29 -3.27 -41.85
N PRO C 12 -8.68 -2.95 -40.71
CA PRO C 12 -8.03 -1.65 -40.57
C PRO C 12 -6.82 -1.51 -41.48
N VAL C 13 -6.56 -0.27 -41.88
CA VAL C 13 -5.37 0.08 -42.65
C VAL C 13 -4.43 0.85 -41.74
N LEU C 14 -3.20 0.39 -41.62
CA LEU C 14 -2.19 1.06 -40.83
C LEU C 14 -1.48 2.09 -41.69
N SER C 15 -1.57 3.36 -41.30
CA SER C 15 -0.96 4.43 -42.07
C SER C 15 -0.28 5.47 -41.19
N GLY C 16 -0.13 5.21 -39.90
CA GLY C 16 0.36 6.21 -38.97
C GLY C 16 -0.72 7.09 -38.39
N ALA C 17 -1.93 7.04 -38.92
CA ALA C 17 -3.05 7.76 -38.34
C ALA C 17 -3.41 7.13 -36.99
N PRO C 18 -4.00 7.90 -36.08
CA PRO C 18 -4.35 7.35 -34.77
C PRO C 18 -5.33 6.20 -34.88
N LEU C 19 -5.13 5.19 -34.02
CA LEU C 19 -5.99 4.03 -33.93
C LEU C 19 -6.84 4.12 -32.67
N SER C 20 -8.01 3.50 -32.72
CA SER C 20 -8.86 3.42 -31.54
C SER C 20 -8.47 2.19 -30.72
N ILE C 21 -8.74 2.26 -29.42
CA ILE C 21 -8.47 1.13 -28.53
C ILE C 21 -9.28 -0.09 -28.97
N ASN C 22 -10.47 0.14 -29.52
CA ASN C 22 -11.28 -0.97 -30.03
C ASN C 22 -10.55 -1.71 -31.15
N VAL C 23 -10.00 -0.96 -32.11
CA VAL C 23 -9.30 -1.59 -33.23
C VAL C 23 -8.03 -2.28 -32.76
N VAL C 24 -7.31 -1.67 -31.82
CA VAL C 24 -6.10 -2.30 -31.29
C VAL C 24 -6.43 -3.61 -30.59
N ALA C 25 -7.49 -3.62 -29.78
CA ALA C 25 -7.88 -4.84 -29.09
C ALA C 25 -8.37 -5.91 -30.06
N ASP C 26 -9.07 -5.51 -31.12
CA ASP C 26 -9.54 -6.48 -32.09
C ASP C 26 -8.40 -7.04 -32.94
N ILE C 27 -7.38 -6.24 -33.20
CA ILE C 27 -6.16 -6.76 -33.83
C ILE C 27 -5.47 -7.75 -32.90
N GLY C 28 -5.38 -7.41 -31.61
CA GLY C 28 -4.84 -8.32 -30.64
C GLY C 28 -5.64 -9.60 -30.51
N ARG C 29 -6.96 -9.51 -30.67
CA ARG C 29 -7.86 -10.65 -30.55
C ARG C 29 -8.01 -11.44 -31.84
N GLN C 30 -7.32 -11.04 -32.92
CA GLN C 30 -7.41 -11.66 -34.24
C GLN C 30 -8.81 -11.53 -34.84
N ARG C 31 -9.58 -10.54 -34.42
CA ARG C 31 -10.84 -10.24 -35.07
C ARG C 31 -10.71 -9.22 -36.18
N LEU C 32 -9.53 -8.62 -36.33
CA LEU C 32 -9.21 -7.74 -37.45
C LEU C 32 -7.81 -8.07 -37.94
N ILE C 33 -7.63 -8.02 -39.25
CA ILE C 33 -6.33 -8.27 -39.87
C ILE C 33 -5.80 -6.94 -40.39
N PRO C 34 -4.73 -6.40 -39.81
CA PRO C 34 -4.19 -5.12 -40.28
C PRO C 34 -3.66 -5.24 -41.71
N SER C 35 -3.76 -4.14 -42.43
CA SER C 35 -3.19 -4.03 -43.76
C SER C 35 -2.31 -2.80 -43.83
N LEU C 36 -1.17 -2.93 -44.51
CA LEU C 36 -0.28 -1.79 -44.68
C LEU C 36 -0.85 -0.81 -45.69
N THR C 37 -0.68 0.48 -45.41
CA THR C 37 -1.24 1.51 -46.27
C THR C 37 -0.54 1.54 -47.63
N ASP C 38 -1.30 1.91 -48.65
CA ASP C 38 -0.75 2.19 -49.97
C ASP C 38 -0.73 3.68 -50.28
N ASP C 39 -1.05 4.53 -49.30
CA ASP C 39 -1.01 5.97 -49.49
C ASP C 39 0.40 6.40 -49.84
N GLU C 40 0.51 7.19 -50.92
CA GLU C 40 1.83 7.62 -51.39
C GLU C 40 2.50 8.56 -50.40
N GLN C 41 1.74 9.44 -49.77
CA GLN C 41 2.32 10.43 -48.87
C GLN C 41 2.97 9.78 -47.65
N VAL C 42 2.31 8.78 -47.08
CA VAL C 42 2.84 8.13 -45.88
C VAL C 42 4.14 7.39 -46.18
N LEU C 43 4.14 6.59 -47.25
CA LEU C 43 5.33 5.83 -47.59
C LEU C 43 6.45 6.73 -48.07
N ASN C 44 6.10 7.83 -48.76
CA ASN C 44 7.11 8.80 -49.16
C ASN C 44 7.74 9.47 -47.96
N ARG C 45 6.94 9.78 -46.93
CA ARG C 45 7.50 10.34 -45.71
C ARG C 45 8.43 9.35 -45.02
N VAL C 46 8.06 8.07 -45.01
CA VAL C 46 8.93 7.06 -44.43
C VAL C 46 10.26 6.98 -45.19
N HIS C 47 10.19 7.01 -46.52
CA HIS C 47 11.40 6.98 -47.33
C HIS C 47 12.26 8.22 -47.10
N ALA C 48 11.63 9.39 -46.97
CA ALA C 48 12.37 10.62 -46.73
C ALA C 48 13.04 10.60 -45.37
N CYS C 49 12.37 10.04 -44.37
CA CYS C 49 13.00 9.90 -43.05
C CYS C 49 14.24 9.01 -43.12
N ARG C 50 14.11 7.87 -43.82
CA ARG C 50 15.27 7.02 -44.00
C ARG C 50 16.37 7.74 -44.79
N ASP C 51 15.99 8.60 -45.73
CA ASP C 51 16.97 9.39 -46.47
C ASP C 51 17.70 10.37 -45.57
N VAL C 52 16.98 10.99 -44.63
CA VAL C 52 17.63 11.88 -43.66
C VAL C 52 18.64 11.11 -42.83
N VAL C 53 18.27 9.90 -42.38
CA VAL C 53 19.22 9.07 -41.64
C VAL C 53 20.44 8.74 -42.49
N GLN C 54 20.22 8.38 -43.76
CA GLN C 54 21.32 8.06 -44.66
C GLN C 54 22.26 9.24 -44.83
N LYS C 55 21.70 10.44 -45.01
CA LYS C 55 22.52 11.63 -45.18
C LYS C 55 23.31 11.93 -43.92
N ALA C 56 22.70 11.72 -42.75
CA ALA C 56 23.43 11.92 -41.50
C ALA C 56 24.58 10.93 -41.36
N VAL C 57 24.38 9.69 -41.81
CA VAL C 57 25.45 8.70 -41.74
C VAL C 57 26.56 9.03 -42.73
N ARG C 58 26.20 9.47 -43.93
CA ARG C 58 27.19 9.69 -44.98
C ARG C 58 28.16 10.82 -44.61
N ASN C 59 27.64 11.89 -44.01
CA ASN C 59 28.47 13.01 -43.62
C ASN C 59 29.10 12.85 -42.24
N ASN C 60 28.91 11.69 -41.60
CA ASN C 60 29.46 11.40 -40.28
C ASN C 60 29.02 12.45 -39.26
N GLU C 61 27.78 12.88 -39.35
CA GLU C 61 27.24 13.82 -38.39
C GLU C 61 27.10 13.16 -37.02
N ARG C 62 27.47 13.88 -35.97
CA ARG C 62 27.39 13.36 -34.61
C ARG C 62 25.94 13.42 -34.15
N ILE C 63 25.32 12.25 -34.00
CA ILE C 63 23.93 12.14 -33.57
C ILE C 63 23.82 11.00 -32.57
N TYR C 64 23.03 11.20 -31.52
CA TYR C 64 22.88 10.17 -30.51
C TYR C 64 22.27 8.91 -31.12
N GLY C 65 22.72 7.76 -30.65
CA GLY C 65 22.24 6.49 -31.16
C GLY C 65 22.89 6.06 -32.44
N ILE C 66 22.87 6.91 -33.46
CA ILE C 66 23.47 6.57 -34.74
C ILE C 66 24.99 6.42 -34.60
N THR C 67 25.64 7.43 -34.01
CA THR C 67 27.09 7.45 -33.94
C THR C 67 27.63 7.50 -32.52
N THR C 68 26.78 7.48 -31.50
CA THR C 68 27.21 7.49 -30.12
C THR C 68 26.82 6.18 -29.45
N GLY C 69 27.18 6.06 -28.17
CA GLY C 69 26.72 4.96 -27.36
C GLY C 69 25.26 5.15 -26.97
N PHE C 70 24.75 4.18 -26.22
CA PHE C 70 23.37 4.19 -25.79
C PHE C 70 23.26 4.88 -24.43
N GLY C 71 22.10 4.74 -23.78
CA GLY C 71 21.70 5.61 -22.69
C GLY C 71 22.75 6.00 -21.67
N GLY C 72 23.25 5.05 -20.89
CA GLY C 72 24.26 5.36 -19.90
C GLY C 72 25.68 5.45 -20.44
N MET C 73 25.94 4.83 -21.59
CA MET C 73 27.26 4.84 -22.20
C MET C 73 27.27 5.65 -23.50
N SER C 74 26.48 6.72 -23.57
CA SER C 74 26.47 7.59 -24.73
C SER C 74 27.70 8.50 -24.80
N ASP C 75 28.54 8.50 -23.77
CA ASP C 75 29.79 9.23 -23.81
C ASP C 75 30.83 8.59 -24.73
N ILE C 76 30.61 7.35 -25.17
CA ILE C 76 31.58 6.63 -25.97
C ILE C 76 31.21 6.81 -27.44
N PRO C 77 32.05 7.45 -28.24
CA PRO C 77 31.77 7.58 -29.67
C PRO C 77 31.92 6.24 -30.38
N ILE C 78 31.22 6.12 -31.51
CA ILE C 78 31.25 4.92 -32.33
C ILE C 78 31.78 5.32 -33.71
N PRO C 79 32.83 4.67 -34.21
CA PRO C 79 33.36 5.02 -35.53
C PRO C 79 32.37 4.65 -36.63
N PRO C 80 32.46 5.31 -37.80
CA PRO C 80 31.44 5.07 -38.84
C PRO C 80 31.29 3.62 -39.26
N GLN C 81 32.41 2.90 -39.42
CA GLN C 81 32.34 1.54 -39.94
C GLN C 81 31.56 0.60 -39.02
N HIS C 82 31.43 0.94 -37.75
CA HIS C 82 30.70 0.12 -36.80
C HIS C 82 29.26 0.56 -36.61
N VAL C 83 28.84 1.66 -37.24
CA VAL C 83 27.52 2.24 -36.98
C VAL C 83 26.43 1.18 -37.08
N ALA C 84 26.33 0.55 -38.26
CA ALA C 84 25.32 -0.48 -38.46
C ALA C 84 25.45 -1.59 -37.42
N GLN C 85 26.68 -2.06 -37.19
CA GLN C 85 26.89 -3.12 -36.21
C GLN C 85 26.30 -2.73 -34.86
N THR C 86 26.48 -1.47 -34.47
CA THR C 86 25.96 -1.01 -33.19
C THR C 86 24.50 -1.38 -33.03
N GLN C 87 23.70 -1.11 -34.07
CA GLN C 87 22.28 -1.41 -34.00
C GLN C 87 22.04 -2.89 -33.76
N ASP C 88 22.72 -3.75 -34.54
CA ASP C 88 22.61 -5.18 -34.30
C ASP C 88 23.03 -5.51 -32.88
N ASN C 89 24.15 -4.92 -32.43
CA ASN C 89 24.64 -5.21 -31.10
C ASN C 89 23.63 -4.81 -30.04
N LEU C 90 22.85 -3.76 -30.30
CA LEU C 90 21.80 -3.37 -29.37
C LEU C 90 20.90 -4.55 -29.08
N LEU C 91 20.38 -5.18 -30.15
CA LEU C 91 19.48 -6.31 -29.96
C LEU C 91 20.16 -7.47 -29.26
N ALA C 92 21.49 -7.56 -29.36
CA ALA C 92 22.20 -8.62 -28.66
C ALA C 92 22.18 -8.39 -27.16
N PHE C 93 22.38 -7.16 -26.69
CA PHE C 93 22.48 -6.98 -25.26
C PHE C 93 21.13 -6.70 -24.59
N LEU C 94 20.08 -6.51 -25.38
CA LEU C 94 18.73 -6.37 -24.86
C LEU C 94 18.00 -7.70 -24.74
N SER C 95 18.65 -8.81 -25.11
CA SER C 95 18.06 -10.14 -25.03
C SER C 95 18.13 -10.63 -23.58
N THR C 96 17.26 -10.06 -22.76
CA THR C 96 17.21 -10.35 -21.33
C THR C 96 15.77 -10.50 -20.88
N SER C 97 14.92 -11.07 -21.74
CA SER C 97 13.50 -11.23 -21.45
C SER C 97 13.26 -12.55 -20.71
N THR C 98 12.63 -12.48 -19.55
CA THR C 98 12.35 -13.65 -18.73
C THR C 98 10.99 -13.50 -18.07
N GLY C 99 10.59 -14.55 -17.36
CA GLY C 99 9.31 -14.58 -16.67
C GLY C 99 8.28 -15.41 -17.39
N ALA C 100 7.03 -15.22 -16.99
CA ALA C 100 5.92 -15.90 -17.64
C ALA C 100 5.64 -15.29 -19.00
N SER C 101 5.20 -16.12 -19.94
CA SER C 101 4.90 -15.65 -21.28
C SER C 101 3.67 -14.75 -21.26
N LEU C 102 3.73 -13.68 -22.06
CA LEU C 102 2.61 -12.76 -22.17
C LEU C 102 1.47 -13.37 -22.99
N ASP C 103 0.27 -12.85 -22.77
CA ASP C 103 -0.85 -13.18 -23.63
C ASP C 103 -0.54 -12.72 -25.04
N PRO C 104 -0.67 -13.59 -26.05
CA PRO C 104 -0.36 -13.18 -27.43
C PRO C 104 -1.17 -11.99 -27.92
N ARG C 105 -2.32 -11.70 -27.31
CA ARG C 105 -3.05 -10.48 -27.66
C ARG C 105 -2.20 -9.24 -27.45
N HIS C 106 -1.46 -9.20 -26.34
CA HIS C 106 -0.57 -8.08 -26.08
C HIS C 106 0.49 -7.95 -27.15
N VAL C 107 1.06 -9.08 -27.59
CA VAL C 107 2.13 -9.05 -28.58
C VAL C 107 1.60 -8.61 -29.94
N ARG C 108 0.42 -9.10 -30.33
CA ARG C 108 -0.18 -8.65 -31.58
C ARG C 108 -0.48 -7.16 -31.55
N ALA C 109 -1.05 -6.68 -30.44
CA ALA C 109 -1.35 -5.27 -30.30
C ALA C 109 -0.07 -4.43 -30.35
N ALA C 110 1.00 -4.90 -29.71
CA ALA C 110 2.26 -4.18 -29.72
C ALA C 110 2.86 -4.13 -31.13
N MET C 111 2.79 -5.22 -31.87
CA MET C 111 3.29 -5.21 -33.24
C MET C 111 2.51 -4.22 -34.10
N ALA C 112 1.18 -4.23 -33.98
CA ALA C 112 0.37 -3.29 -34.75
C ALA C 112 0.67 -1.85 -34.37
N LEU C 113 0.76 -1.57 -33.07
CA LEU C 113 1.03 -0.21 -32.60
C LEU C 113 2.42 0.25 -33.02
N ARG C 114 3.42 -0.63 -32.97
CA ARG C 114 4.76 -0.23 -33.38
C ARG C 114 4.83 0.04 -34.87
N ALA C 115 4.18 -0.80 -35.69
CA ALA C 115 4.14 -0.51 -37.12
C ALA C 115 3.44 0.82 -37.39
N ASN C 116 2.34 1.08 -36.68
CA ASN C 116 1.62 2.34 -36.86
C ASN C 116 2.48 3.53 -36.45
N VAL C 117 3.22 3.41 -35.35
CA VAL C 117 4.11 4.48 -34.91
C VAL C 117 5.21 4.74 -35.93
N LEU C 118 5.83 3.67 -36.44
CA LEU C 118 6.90 3.83 -37.41
C LEU C 118 6.39 4.39 -38.72
N LEU C 119 5.11 4.16 -39.05
CA LEU C 119 4.55 4.68 -40.28
C LEU C 119 4.37 6.19 -40.28
N GLN C 120 4.53 6.86 -39.14
CA GLN C 120 4.41 8.31 -39.09
C GLN C 120 5.62 9.04 -39.63
N GLY C 121 6.70 8.33 -39.94
CA GLY C 121 7.86 8.94 -40.57
C GLY C 121 8.69 9.84 -39.69
N ARG C 122 8.88 9.48 -38.42
CA ARG C 122 9.76 10.21 -37.52
C ARG C 122 10.91 9.36 -36.99
N SER C 123 10.93 8.07 -37.27
CA SER C 123 11.87 7.15 -36.66
C SER C 123 13.05 6.77 -37.55
N GLY C 124 12.97 7.05 -38.86
CA GLY C 124 14.08 6.75 -39.75
C GLY C 124 14.27 5.30 -40.09
N VAL C 125 13.23 4.48 -39.95
CA VAL C 125 13.35 3.06 -40.29
C VAL C 125 13.17 2.87 -41.79
N ARG C 126 13.68 1.75 -42.28
CA ARG C 126 13.33 1.30 -43.62
C ARG C 126 11.88 0.82 -43.64
N LEU C 127 11.22 1.02 -44.77
CA LEU C 127 9.84 0.55 -44.91
C LEU C 127 9.75 -0.95 -44.79
N GLU C 128 10.81 -1.67 -45.18
CA GLU C 128 10.78 -3.14 -45.14
C GLU C 128 10.62 -3.66 -43.73
N LEU C 129 11.13 -2.96 -42.72
CA LEU C 129 10.91 -3.37 -41.34
C LEU C 129 9.43 -3.28 -40.96
N ILE C 130 8.77 -2.19 -41.36
CA ILE C 130 7.34 -2.05 -41.11
C ILE C 130 6.56 -3.13 -41.86
N GLU C 131 6.98 -3.42 -43.09
CA GLU C 131 6.33 -4.47 -43.87
C GLU C 131 6.49 -5.83 -43.20
N ARG C 132 7.67 -6.11 -42.66
CA ARG C 132 7.88 -7.37 -41.96
C ARG C 132 7.01 -7.46 -40.70
N LEU C 133 6.91 -6.36 -39.95
CA LEU C 133 6.02 -6.34 -38.80
C LEU C 133 4.58 -6.65 -39.21
N VAL C 134 4.09 -5.96 -40.24
CA VAL C 134 2.71 -6.14 -40.66
C VAL C 134 2.49 -7.54 -41.19
N GLU C 135 3.48 -8.10 -41.89
CA GLU C 135 3.30 -9.42 -42.47
C GLU C 135 3.37 -10.51 -41.42
N PHE C 136 4.23 -10.36 -40.42
CA PHE C 136 4.20 -11.26 -39.27
C PHE C 136 2.84 -11.23 -38.60
N LEU C 137 2.27 -10.03 -38.43
CA LEU C 137 0.94 -9.93 -37.84
C LEU C 137 -0.13 -10.58 -38.72
N ARG C 138 -0.04 -10.40 -40.03
CA ARG C 138 -1.04 -10.95 -40.94
C ARG C 138 -0.93 -12.47 -41.03
N GLN C 139 0.29 -13.00 -41.02
CA GLN C 139 0.52 -14.44 -41.06
C GLN C 139 0.28 -15.10 -39.72
N ASP C 140 0.01 -14.33 -38.67
CA ASP C 140 -0.19 -14.84 -37.31
C ASP C 140 1.06 -15.58 -36.83
N ALA C 141 2.23 -15.01 -37.13
CA ALA C 141 3.50 -15.49 -36.61
C ALA C 141 3.87 -14.53 -35.47
N ILE C 142 3.51 -14.90 -34.25
CA ILE C 142 3.54 -14.01 -33.10
C ILE C 142 4.71 -14.41 -32.22
N PRO C 143 5.70 -13.54 -32.01
CA PRO C 143 6.81 -13.88 -31.12
C PRO C 143 6.34 -14.13 -29.70
N VAL C 144 6.97 -15.10 -29.05
CA VAL C 144 6.76 -15.34 -27.63
C VAL C 144 7.53 -14.30 -26.83
N VAL C 145 6.83 -13.54 -26.01
CA VAL C 145 7.44 -12.48 -25.21
C VAL C 145 7.10 -12.74 -23.74
N CYS C 146 8.10 -12.69 -22.89
CA CYS C 146 7.91 -12.89 -21.46
C CYS C 146 7.64 -11.55 -20.77
N ASP C 147 7.18 -11.63 -19.53
CA ASP C 147 6.56 -10.50 -18.86
C ASP C 147 7.52 -9.68 -18.00
N LEU C 148 8.81 -10.00 -17.97
CA LEU C 148 9.78 -9.25 -17.20
C LEU C 148 10.83 -8.64 -18.11
N GLY C 149 11.26 -7.43 -17.78
CA GLY C 149 12.39 -6.84 -18.47
C GLY C 149 12.31 -5.37 -18.82
N SER C 150 11.20 -4.70 -18.51
CA SER C 150 11.00 -3.33 -18.92
C SER C 150 10.55 -2.46 -17.75
N ILE C 151 10.99 -1.20 -17.75
CA ILE C 151 10.63 -0.24 -16.73
C ILE C 151 9.86 0.95 -17.30
N GLY C 152 9.38 0.85 -18.53
CA GLY C 152 8.55 1.89 -19.10
C GLY C 152 9.27 3.16 -19.50
N ASP C 154 10.91 0.30 -23.23
CA ASP C 154 10.43 -1.03 -23.62
C ASP C 154 11.44 -1.76 -24.47
N LEU C 155 12.71 -1.60 -24.09
CA LEU C 155 13.81 -2.07 -24.90
C LEU C 155 13.77 -3.58 -25.09
N VAL C 156 13.58 -4.33 -24.01
CA VAL C 156 13.68 -5.79 -24.03
C VAL C 156 12.46 -6.44 -24.68
N PRO C 157 11.22 -6.13 -24.24
CA PRO C 157 10.06 -6.76 -24.89
C PRO C 157 9.94 -6.42 -26.36
N LEU C 158 10.23 -5.17 -26.74
CA LEU C 158 10.20 -4.81 -28.15
C LEU C 158 11.39 -5.41 -28.91
N GLY C 159 12.51 -5.60 -28.22
CA GLY C 159 13.64 -6.26 -28.83
C GLY C 159 13.36 -7.70 -29.18
N VAL C 160 12.51 -8.36 -28.40
CA VAL C 160 12.08 -9.71 -28.76
C VAL C 160 11.41 -9.70 -30.13
N ILE C 161 10.48 -8.76 -30.34
CA ILE C 161 9.78 -8.67 -31.62
C ILE C 161 10.75 -8.31 -32.74
N ALA C 162 11.66 -7.37 -32.48
CA ALA C 162 12.61 -6.97 -33.52
C ALA C 162 13.50 -8.13 -33.94
N ARG C 163 14.05 -8.85 -32.96
CA ARG C 163 14.88 -10.02 -33.25
C ARG C 163 14.08 -11.08 -33.98
N SER C 164 12.80 -11.23 -33.64
CA SER C 164 11.96 -12.21 -34.34
C SER C 164 11.78 -11.84 -35.80
N ILE C 165 11.52 -10.57 -36.10
CA ILE C 165 11.19 -10.21 -37.47
C ILE C 165 12.43 -10.00 -38.35
N ILE C 166 13.61 -9.79 -37.76
CA ILE C 166 14.81 -9.63 -38.59
C ILE C 166 15.66 -10.88 -38.65
N GLY C 167 15.30 -11.94 -37.93
CA GLY C 167 16.15 -13.11 -37.88
C GLY C 167 17.48 -12.86 -37.19
N HIS C 168 17.46 -12.17 -36.06
CA HIS C 168 18.68 -11.88 -35.32
C HIS C 168 19.27 -13.17 -34.74
N PRO C 169 20.60 -13.26 -34.66
CA PRO C 169 21.23 -14.47 -34.10
C PRO C 169 20.82 -14.77 -32.67
N SER C 170 20.44 -13.77 -31.89
CA SER C 170 19.84 -14.05 -30.58
C SER C 170 18.43 -14.59 -30.81
N THR C 171 18.33 -15.90 -31.00
CA THR C 171 17.09 -16.53 -31.44
C THR C 171 15.97 -16.32 -30.43
N THR C 172 14.79 -16.00 -30.94
CA THR C 172 13.56 -15.94 -30.17
C THR C 172 12.65 -17.10 -30.54
N GLN C 173 11.55 -17.22 -29.80
CA GLN C 173 10.53 -18.23 -30.06
C GLN C 173 9.30 -17.56 -30.65
N VAL C 174 8.82 -18.08 -31.77
CA VAL C 174 7.70 -17.52 -32.50
C VAL C 174 6.63 -18.59 -32.66
N LYS C 175 5.40 -18.24 -32.30
CA LYS C 175 4.25 -19.13 -32.51
C LYS C 175 3.69 -18.86 -33.90
N TYR C 176 3.65 -19.91 -34.73
CA TYR C 176 3.18 -19.81 -36.10
C TYR C 176 2.49 -21.11 -36.47
N GLN C 177 1.33 -20.98 -37.12
CA GLN C 177 0.53 -22.13 -37.54
C GLN C 177 0.26 -23.09 -36.38
N GLY C 178 0.05 -22.53 -35.20
CA GLY C 178 -0.27 -23.33 -34.03
C GLY C 178 0.90 -24.01 -33.37
N GLU C 179 2.13 -23.80 -33.85
CA GLU C 179 3.29 -24.45 -33.28
C GLU C 179 4.35 -23.42 -32.93
N GLN C 180 5.09 -23.67 -31.87
CA GLN C 180 6.17 -22.77 -31.45
C GLN C 180 7.47 -23.24 -32.06
N ALA C 181 8.21 -22.32 -32.68
CA ALA C 181 9.44 -22.66 -33.39
C ALA C 181 10.46 -21.56 -33.19
N ASP C 182 11.67 -21.82 -33.66
CA ASP C 182 12.71 -20.81 -33.66
C ASP C 182 12.38 -19.71 -34.66
N SER C 183 12.79 -18.48 -34.32
CA SER C 183 12.53 -17.35 -35.19
C SER C 183 13.08 -17.56 -36.59
N HIS C 184 14.20 -18.27 -36.71
CA HIS C 184 14.78 -18.55 -38.02
C HIS C 184 13.90 -19.48 -38.84
N ASP C 185 13.33 -20.50 -38.20
CA ASP C 185 12.42 -21.41 -38.91
C ASP C 185 11.18 -20.67 -39.40
N VAL C 186 10.59 -19.84 -38.55
CA VAL C 186 9.41 -19.08 -38.94
C VAL C 186 9.75 -18.11 -40.06
N LEU C 187 10.92 -17.45 -39.96
CA LEU C 187 11.37 -16.55 -41.02
C LEU C 187 11.47 -17.28 -42.35
N GLN C 188 12.07 -18.47 -42.35
CA GLN C 188 12.18 -19.25 -43.58
C GLN C 188 10.80 -19.65 -44.09
N GLN C 189 9.89 -20.04 -43.20
CA GLN C 189 8.55 -20.41 -43.62
C GLN C 189 7.79 -19.23 -44.22
N LEU C 190 8.14 -18.00 -43.82
CA LEU C 190 7.54 -16.80 -44.38
C LEU C 190 8.30 -16.28 -45.58
N ASN C 191 9.29 -17.02 -46.06
CA ASN C 191 10.11 -16.63 -47.22
C ASN C 191 10.83 -15.31 -46.99
N TYR C 192 11.23 -15.05 -45.75
CA TYR C 192 12.05 -13.90 -45.40
C TYR C 192 13.47 -14.35 -45.12
N SER C 193 14.43 -13.53 -45.50
CA SER C 193 15.83 -13.75 -45.15
C SER C 193 16.19 -12.92 -43.94
N ALA C 194 17.33 -13.24 -43.35
CA ALA C 194 17.85 -12.45 -42.25
C ALA C 194 18.12 -11.02 -42.70
N LEU C 195 17.82 -10.07 -41.85
CA LEU C 195 17.95 -8.65 -42.19
C LEU C 195 19.00 -8.02 -41.28
N GLN C 196 19.93 -7.30 -41.89
CA GLN C 196 20.92 -6.54 -41.14
C GLN C 196 20.43 -5.11 -40.97
N LEU C 197 20.44 -4.63 -39.73
CA LEU C 197 19.89 -3.33 -39.42
C LEU C 197 20.81 -2.22 -39.91
N GLU C 198 20.20 -1.15 -40.43
CA GLU C 198 20.93 0.05 -40.77
C GLU C 198 20.98 0.96 -39.55
N ALA C 199 21.48 2.18 -39.73
CA ALA C 199 21.65 3.09 -38.61
C ALA C 199 20.30 3.47 -38.01
N LYS C 200 20.26 3.46 -36.67
CA LYS C 200 19.13 3.95 -35.87
C LYS C 200 17.93 3.01 -35.94
N GLU C 201 17.99 2.00 -36.80
CA GLU C 201 16.81 1.16 -37.01
C GLU C 201 16.53 0.28 -35.81
N GLY C 202 17.56 -0.37 -35.28
CA GLY C 202 17.36 -1.20 -34.10
C GLY C 202 16.89 -0.39 -32.91
N LEU C 203 17.46 0.80 -32.73
CA LEU C 203 16.99 1.69 -31.67
C LEU C 203 15.56 2.14 -31.93
N ALA C 204 15.24 2.48 -33.17
CA ALA C 204 13.88 2.93 -33.49
C ALA C 204 12.84 1.84 -33.32
N LEU C 205 13.22 0.57 -33.42
CA LEU C 205 12.26 -0.50 -33.22
C LEU C 205 11.89 -0.70 -31.76
N VAL C 206 12.77 -0.36 -30.83
CA VAL C 206 12.61 -0.74 -29.43
C VAL C 206 12.48 0.45 -28.49
N ASN C 207 12.73 1.67 -28.96
CA ASN C 207 12.84 2.83 -28.06
C ASN C 207 11.50 3.56 -27.97
N GLY C 208 10.52 2.88 -27.38
CA GLY C 208 9.21 3.48 -27.28
C GLY C 208 8.36 2.79 -26.22
N THR C 209 7.11 3.23 -26.13
CA THR C 209 6.16 2.72 -25.15
C THR C 209 5.11 1.81 -25.77
N SER C 210 5.38 1.28 -26.97
CA SER C 210 4.35 0.58 -27.73
C SER C 210 3.85 -0.67 -27.01
N PHE C 211 4.76 -1.42 -26.37
CA PHE C 211 4.34 -2.67 -25.73
C PHE C 211 3.53 -2.39 -24.46
N SER C 212 4.01 -1.45 -23.63
CA SER C 212 3.23 -1.01 -22.48
C SER C 212 1.88 -0.45 -22.91
N SER C 213 1.87 0.35 -23.97
CA SER C 213 0.63 0.91 -24.49
C SER C 213 -0.29 -0.18 -25.01
N ALA C 214 0.25 -1.25 -25.58
CA ALA C 214 -0.56 -2.34 -26.09
C ALA C 214 -1.23 -3.10 -24.96
N ILE C 215 -0.47 -3.44 -23.93
CA ILE C 215 -1.05 -4.09 -22.77
C ILE C 215 -2.11 -3.19 -22.13
N ALA C 216 -1.81 -1.89 -22.02
CA ALA C 216 -2.76 -0.95 -21.44
C ALA C 216 -4.03 -0.82 -22.29
N ALA C 217 -3.89 -0.84 -23.62
CA ALA C 217 -5.05 -0.75 -24.49
C ALA C 217 -5.94 -1.98 -24.35
N ASN C 218 -5.33 -3.17 -24.26
CA ASN C 218 -6.12 -4.37 -23.99
C ASN C 218 -6.82 -4.28 -22.63
N CYS C 219 -6.10 -3.79 -21.62
CA CYS C 219 -6.70 -3.61 -20.29
C CYS C 219 -7.87 -2.65 -20.34
N VAL C 220 -7.75 -1.55 -21.10
CA VAL C 220 -8.81 -0.55 -21.18
C VAL C 220 -10.03 -1.09 -21.91
N PHE C 221 -9.82 -1.79 -23.03
CA PHE C 221 -10.91 -2.42 -23.75
C PHE C 221 -11.68 -3.38 -22.84
N GLU C 222 -10.94 -4.27 -22.16
CA GLU C 222 -11.57 -5.21 -21.26
C GLU C 222 -12.27 -4.49 -20.13
N SER C 223 -11.67 -3.43 -19.60
CA SER C 223 -12.24 -2.73 -18.45
C SER C 223 -13.52 -1.99 -18.82
N GLN C 224 -13.59 -1.44 -20.03
CA GLN C 224 -14.85 -0.85 -20.49
C GLN C 224 -15.94 -1.90 -20.55
N ARG C 225 -15.63 -3.06 -21.14
CA ARG C 225 -16.62 -4.12 -21.22
C ARG C 225 -17.03 -4.62 -19.83
N LEU C 226 -16.05 -4.73 -18.92
CA LEU C 226 -16.32 -5.22 -17.58
C LEU C 226 -17.10 -4.22 -16.76
N LEU C 227 -16.88 -2.92 -16.98
CA LEU C 227 -17.69 -1.91 -16.34
C LEU C 227 -19.14 -2.01 -16.79
N SER C 228 -19.36 -2.18 -18.10
CA SER C 228 -20.73 -2.34 -18.58
C SER C 228 -21.40 -3.58 -17.98
N LEU C 229 -20.66 -4.69 -17.96
CA LEU C 229 -21.20 -5.93 -17.41
C LEU C 229 -21.48 -5.79 -15.91
N SER C 230 -20.58 -5.11 -15.19
CA SER C 230 -20.79 -4.85 -13.76
C SER C 230 -22.05 -4.04 -13.55
N LEU C 231 -22.28 -3.01 -14.36
CA LEU C 231 -23.47 -2.20 -14.20
C LEU C 231 -24.74 -3.00 -14.45
N VAL C 232 -24.74 -3.85 -15.47
CA VAL C 232 -25.94 -4.65 -15.74
C VAL C 232 -26.17 -5.67 -14.63
N LEU C 233 -25.10 -6.30 -14.13
CA LEU C 233 -25.25 -7.24 -13.02
C LEU C 233 -25.73 -6.53 -11.76
N GLN C 234 -25.27 -5.30 -11.55
CA GLN C 234 -25.77 -4.50 -10.43
C GLN C 234 -27.25 -4.21 -10.58
N SER C 235 -27.70 -3.88 -11.79
CA SER C 235 -29.13 -3.66 -11.98
C SER C 235 -29.93 -4.92 -11.68
N ILE C 236 -29.42 -6.08 -12.11
CA ILE C 236 -30.10 -7.34 -11.82
C ILE C 236 -30.15 -7.60 -10.31
N MET C 237 -29.04 -7.36 -9.60
CA MET C 237 -29.02 -7.58 -8.16
C MET C 237 -29.94 -6.61 -7.44
N VAL C 238 -29.98 -5.35 -7.88
CA VAL C 238 -30.89 -4.37 -7.30
C VAL C 238 -32.33 -4.78 -7.49
N ARG C 239 -32.67 -5.29 -8.67
CA ARG C 239 -34.01 -5.81 -8.90
C ARG C 239 -34.29 -7.02 -8.02
N ALA C 240 -33.30 -7.87 -7.82
CA ALA C 240 -33.47 -9.08 -7.00
C ALA C 240 -33.68 -8.71 -5.53
N LEU C 241 -33.00 -7.67 -5.05
CA LEU C 241 -33.22 -7.19 -3.69
C LEU C 241 -34.52 -6.44 -3.54
N GLY C 242 -35.23 -6.17 -4.63
CA GLY C 242 -36.39 -5.30 -4.57
C GLY C 242 -36.02 -3.87 -4.26
N GLY C 243 -34.89 -3.40 -4.78
CA GLY C 243 -34.46 -2.04 -4.52
C GLY C 243 -35.39 -1.03 -5.15
N HIS C 244 -35.44 0.15 -4.55
CA HIS C 244 -36.33 1.21 -5.03
C HIS C 244 -35.67 1.99 -6.15
N PRO C 245 -36.29 2.07 -7.33
CA PRO C 245 -35.72 2.90 -8.42
C PRO C 245 -35.64 4.38 -8.10
N GLU C 246 -36.19 4.83 -6.96
CA GLU C 246 -36.14 6.24 -6.59
C GLU C 246 -34.71 6.77 -6.52
N ALA C 247 -33.75 5.90 -6.25
CA ALA C 247 -32.35 6.31 -6.18
C ALA C 247 -31.84 6.84 -7.50
N PHE C 248 -32.49 6.51 -8.61
CA PHE C 248 -32.00 6.87 -9.94
C PHE C 248 -32.92 7.86 -10.65
N HIS C 249 -33.74 8.58 -9.91
CA HIS C 249 -34.57 9.61 -10.51
C HIS C 249 -33.69 10.69 -11.12
N PRO C 250 -34.10 11.28 -12.24
CA PRO C 250 -33.28 12.32 -12.89
C PRO C 250 -32.98 13.51 -11.99
N PHE C 251 -33.87 13.83 -11.05
CA PHE C 251 -33.65 14.97 -10.18
C PHE C 251 -32.41 14.80 -9.31
N VAL C 252 -32.09 13.56 -8.93
CA VAL C 252 -30.96 13.32 -8.03
C VAL C 252 -29.63 13.62 -8.73
N ASP C 253 -29.44 13.08 -9.94
CA ASP C 253 -28.21 13.37 -10.67
C ASP C 253 -28.21 14.77 -11.27
N GLU C 254 -29.39 15.35 -11.48
CA GLU C 254 -29.46 16.74 -11.93
C GLU C 254 -28.84 17.69 -10.91
N ASN C 255 -28.97 17.37 -9.63
CA ASN C 255 -28.43 18.21 -8.56
C ASN C 255 -27.02 17.83 -8.15
N LYS C 256 -26.45 16.77 -8.72
CA LYS C 256 -25.04 16.41 -8.50
C LYS C 256 -24.43 16.05 -9.85
N PRO C 257 -24.17 17.05 -10.70
CA PRO C 257 -23.92 16.83 -12.12
C PRO C 257 -22.52 16.29 -12.47
N HIS C 258 -22.10 15.26 -11.75
CA HIS C 258 -20.97 14.47 -12.23
C HIS C 258 -21.40 13.73 -13.50
N PRO C 259 -20.64 13.82 -14.59
CA PRO C 259 -21.04 13.11 -15.81
C PRO C 259 -21.18 11.60 -15.60
N GLY C 260 -20.29 11.02 -14.81
CA GLY C 260 -20.39 9.59 -14.52
C GLY C 260 -21.68 9.26 -13.80
N GLN C 261 -22.08 10.10 -12.84
CA GLN C 261 -23.30 9.86 -12.10
C GLN C 261 -24.52 9.96 -13.01
N GLY C 262 -24.55 10.97 -13.88
CA GLY C 262 -25.66 11.10 -14.80
C GLY C 262 -25.78 9.92 -15.75
N TRP C 263 -24.65 9.51 -16.34
CA TRP C 263 -24.69 8.38 -17.25
C TRP C 263 -25.07 7.09 -16.52
N SER C 264 -24.53 6.88 -15.33
CA SER C 264 -24.84 5.67 -14.55
C SER C 264 -26.32 5.64 -14.15
N ALA C 265 -26.88 6.79 -13.74
CA ALA C 265 -28.28 6.84 -13.38
C ALA C 265 -29.17 6.61 -14.60
N GLN C 266 -28.80 7.18 -15.76
CA GLN C 266 -29.56 6.93 -16.98
C GLN C 266 -29.52 5.45 -17.35
N MET C 267 -28.36 4.82 -17.20
CA MET C 267 -28.25 3.38 -17.48
C MET C 267 -29.13 2.58 -16.52
N MET C 268 -29.11 2.93 -15.24
CA MET C 268 -29.93 2.20 -14.27
C MET C 268 -31.42 2.40 -14.56
N ARG C 269 -31.81 3.59 -14.97
CA ARG C 269 -33.21 3.81 -15.36
C ARG C 269 -33.58 2.97 -16.57
N ASP C 270 -32.69 2.88 -17.56
CA ASP C 270 -32.95 2.04 -18.71
C ASP C 270 -33.05 0.57 -18.32
N LEU C 271 -32.17 0.10 -17.44
CA LEU C 271 -32.07 -1.32 -17.13
C LEU C 271 -33.18 -1.79 -16.21
N LEU C 272 -33.64 -0.94 -15.30
CA LEU C 272 -34.67 -1.32 -14.36
C LEU C 272 -36.07 -1.19 -14.95
N ALA C 286 -37.45 2.26 5.33
CA ALA C 286 -37.82 3.55 4.74
C ALA C 286 -36.95 3.85 3.53
N GLN C 287 -35.69 3.44 3.59
CA GLN C 287 -34.74 3.66 2.51
C GLN C 287 -33.86 2.44 2.34
N ASP C 288 -33.38 2.25 1.11
CA ASP C 288 -32.45 1.16 0.85
C ASP C 288 -31.09 1.47 1.46
N ARG C 289 -30.30 0.42 1.64
CA ARG C 289 -28.93 0.58 2.09
C ARG C 289 -28.10 1.23 0.98
N TYR C 290 -26.91 1.71 1.35
CA TYR C 290 -26.17 2.61 0.49
C TYR C 290 -25.71 1.95 -0.80
N SER C 291 -25.39 0.66 -0.77
CA SER C 291 -24.92 -0.03 -1.97
C SER C 291 -25.97 0.00 -3.08
N LEU C 292 -27.25 0.19 -2.74
CA LEU C 292 -28.31 0.37 -3.71
C LEU C 292 -28.67 1.83 -3.92
N ARG C 293 -28.84 2.58 -2.83
CA ARG C 293 -29.34 3.95 -2.92
C ARG C 293 -28.27 4.93 -3.42
N CYS C 294 -27.00 4.64 -3.18
CA CYS C 294 -25.91 5.48 -3.63
C CYS C 294 -25.13 4.86 -4.79
N LEU C 295 -25.79 4.04 -5.60
CA LEU C 295 -25.10 3.27 -6.63
C LEU C 295 -24.52 4.18 -7.71
N ALA C 296 -25.32 5.12 -8.22
CA ALA C 296 -24.83 6.02 -9.26
C ALA C 296 -23.70 6.91 -8.75
N GLN C 297 -23.81 7.40 -7.51
CA GLN C 297 -22.75 8.20 -6.92
C GLN C 297 -21.47 7.39 -6.77
N TYR C 298 -21.59 6.12 -6.39
CA TYR C 298 -20.43 5.24 -6.29
C TYR C 298 -19.81 5.01 -7.66
N PHE C 299 -20.65 4.85 -8.69
CA PHE C 299 -20.15 4.54 -10.03
C PHE C 299 -19.46 5.74 -10.68
N ALA C 300 -19.99 6.95 -10.45
CA ALA C 300 -19.56 8.17 -11.14
C ALA C 300 -18.05 8.30 -11.28
N PRO C 301 -17.26 8.28 -10.19
CA PRO C 301 -15.81 8.41 -10.36
C PRO C 301 -15.19 7.26 -11.12
N ILE C 302 -15.71 6.03 -10.98
CA ILE C 302 -15.18 4.91 -11.74
C ILE C 302 -15.42 5.11 -13.22
N VAL C 303 -16.63 5.51 -13.59
CA VAL C 303 -16.97 5.73 -15.00
C VAL C 303 -16.08 6.81 -15.59
N GLU C 304 -15.99 7.95 -14.91
CA GLU C 304 -15.20 9.06 -15.44
C GLU C 304 -13.71 8.73 -15.48
N GLY C 305 -13.21 8.03 -14.46
CA GLY C 305 -11.81 7.65 -14.47
C GLY C 305 -11.48 6.67 -15.57
N ILE C 306 -12.37 5.71 -15.83
CA ILE C 306 -12.16 4.78 -16.93
C ILE C 306 -12.15 5.51 -18.26
N ALA C 307 -13.05 6.49 -18.42
CA ALA C 307 -13.04 7.30 -19.64
C ALA C 307 -11.73 8.09 -19.79
N GLN C 308 -11.26 8.71 -18.70
CA GLN C 308 -10.02 9.47 -18.75
C GLN C 308 -8.84 8.57 -19.10
N ILE C 309 -8.78 7.39 -18.49
CA ILE C 309 -7.71 6.44 -18.77
C ILE C 309 -7.77 5.98 -20.22
N SER C 310 -8.97 5.74 -20.75
CA SER C 310 -9.12 5.37 -22.15
C SER C 310 -8.52 6.45 -23.04
N GLN C 311 -8.88 7.71 -22.79
CA GLN C 311 -8.37 8.80 -23.62
C GLN C 311 -6.85 8.92 -23.52
N SER C 312 -6.31 8.84 -22.31
CA SER C 312 -4.88 9.01 -22.14
C SER C 312 -4.09 7.86 -22.77
N ILE C 313 -4.58 6.63 -22.62
CA ILE C 313 -3.90 5.48 -23.23
C ILE C 313 -3.98 5.57 -24.75
N SER C 314 -5.13 6.00 -25.28
CA SER C 314 -5.25 6.17 -26.71
C SER C 314 -4.30 7.24 -27.23
N THR C 315 -4.12 8.33 -26.48
CA THR C 315 -3.15 9.34 -26.86
C THR C 315 -1.73 8.80 -26.83
N GLU C 316 -1.39 8.05 -25.79
CA GLU C 316 -0.04 7.53 -25.66
C GLU C 316 0.29 6.53 -26.76
N MET C 317 -0.62 5.61 -27.05
CA MET C 317 -0.33 4.54 -28.01
C MET C 317 -0.24 5.05 -29.44
N ASN C 318 -0.80 6.22 -29.72
CA ASN C 318 -0.73 6.81 -31.06
C ASN C 318 0.37 7.84 -31.19
N ALA C 319 1.14 8.07 -30.13
CA ALA C 319 2.25 9.01 -30.16
C ALA C 319 3.51 8.35 -30.70
N VAL C 320 4.41 9.16 -31.23
CA VAL C 320 5.73 8.71 -31.64
C VAL C 320 6.63 8.76 -30.41
N SER C 321 7.01 7.59 -29.90
CA SER C 321 7.80 7.51 -28.67
C SER C 321 9.29 7.33 -28.93
N ASP C 322 9.73 7.38 -30.18
CA ASP C 322 11.16 7.22 -30.48
C ASP C 322 11.95 8.42 -29.96
N ASN C 323 13.18 8.17 -29.51
CA ASN C 323 13.96 9.25 -28.91
C ASN C 323 14.51 10.19 -29.98
N PRO C 324 15.34 9.75 -30.93
CA PRO C 324 15.73 10.69 -31.98
C PRO C 324 14.56 10.89 -32.92
N LEU C 325 13.89 12.02 -32.80
CA LEU C 325 12.76 12.34 -33.66
C LEU C 325 13.29 13.07 -34.89
N ILE C 326 12.99 12.54 -36.06
CA ILE C 326 13.45 13.12 -37.31
C ILE C 326 12.30 13.91 -37.92
N ASP C 327 12.54 15.19 -38.17
CA ASP C 327 11.60 16.03 -38.88
C ASP C 327 12.10 16.13 -40.33
N VAL C 328 11.33 15.56 -41.26
CA VAL C 328 11.70 15.58 -42.66
C VAL C 328 11.35 16.89 -43.33
N ASP C 329 10.42 17.67 -42.77
CA ASP C 329 10.11 18.98 -43.33
C ASP C 329 11.23 19.97 -43.09
N THR C 330 12.09 19.72 -42.11
CA THR C 330 13.29 20.50 -41.88
C THR C 330 14.56 19.66 -41.94
N GLY C 331 14.45 18.34 -41.95
CA GLY C 331 15.61 17.47 -41.93
C GLY C 331 16.42 17.54 -40.65
N ARG C 332 15.74 17.67 -39.51
CA ARG C 332 16.43 17.86 -38.24
C ARG C 332 16.23 16.66 -37.33
N PHE C 333 17.16 16.51 -36.40
CA PHE C 333 17.09 15.49 -35.36
C PHE C 333 16.81 16.18 -34.04
N HIS C 334 15.84 15.65 -33.30
CA HIS C 334 15.42 16.21 -32.03
C HIS C 334 15.58 15.17 -30.94
N GLN C 335 16.30 15.53 -29.88
CA GLN C 335 16.33 14.69 -28.69
C GLN C 335 14.96 14.68 -28.03
N SER C 336 14.54 13.52 -27.56
CA SER C 336 13.19 13.34 -27.05
C SER C 336 13.21 12.49 -25.79
N GLY C 337 12.16 12.66 -25.00
CA GLY C 337 11.91 11.81 -23.85
C GLY C 337 10.57 11.12 -23.98
N ASN C 338 10.08 11.03 -25.21
CA ASN C 338 8.77 10.46 -25.47
C ASN C 338 8.70 8.97 -25.21
N PHE C 339 9.84 8.31 -24.99
CA PHE C 339 9.87 6.90 -24.60
C PHE C 339 9.46 6.69 -23.14
N LEU C 340 9.32 7.75 -22.37
CA LEU C 340 8.94 7.60 -20.96
C LEU C 340 7.45 7.31 -20.84
N GLY C 341 7.12 6.23 -20.14
CA GLY C 341 5.74 5.80 -20.05
C GLY C 341 5.09 6.08 -18.71
N GLN C 342 5.42 7.22 -18.11
CA GLN C 342 4.87 7.57 -16.81
C GLN C 342 3.34 7.63 -16.84
N TYR C 343 2.78 8.20 -17.90
CA TYR C 343 1.33 8.32 -18.02
C TYR C 343 0.67 6.95 -18.05
N VAL C 344 1.25 6.00 -18.81
CA VAL C 344 0.70 4.65 -18.85
C VAL C 344 0.74 4.01 -17.46
N ALA C 345 1.85 4.18 -16.75
CA ALA C 345 1.99 3.60 -15.42
C ALA C 345 0.91 4.13 -14.48
N MET C 346 0.73 5.44 -14.43
CA MET C 346 -0.25 6.03 -13.52
C MET C 346 -1.67 5.68 -13.93
N SER C 347 -1.96 5.66 -15.24
CA SER C 347 -3.28 5.28 -15.70
C SER C 347 -3.60 3.83 -15.34
N MET C 348 -2.61 2.94 -15.44
CA MET C 348 -2.86 1.54 -15.10
C MET C 348 -3.05 1.36 -13.59
N ASP C 349 -2.30 2.11 -12.78
CA ASP C 349 -2.56 2.11 -11.34
C ASP C 349 -4.02 2.52 -11.06
N GLN C 350 -4.47 3.59 -11.71
CA GLN C 350 -5.83 4.06 -11.50
C GLN C 350 -6.85 3.03 -11.98
N LEU C 351 -6.58 2.38 -13.11
CA LEU C 351 -7.50 1.37 -13.63
C LEU C 351 -7.62 0.18 -12.70
N ARG C 352 -6.50 -0.24 -12.09
CA ARG C 352 -6.57 -1.30 -11.09
C ARG C 352 -7.42 -0.87 -9.90
N ARG C 353 -7.27 0.39 -9.48
CA ARG C 353 -8.16 0.92 -8.43
C ARG C 353 -9.62 0.80 -8.82
N HIS C 354 -9.94 1.19 -10.06
CA HIS C 354 -11.33 1.16 -10.52
C HIS C 354 -11.89 -0.25 -10.51
N LEU C 355 -11.11 -1.22 -10.99
CA LEU C 355 -11.56 -2.61 -10.98
C LEU C 355 -11.76 -3.11 -9.55
N GLY C 356 -10.85 -2.75 -8.64
CA GLY C 356 -11.02 -3.15 -7.25
C GLY C 356 -12.29 -2.58 -6.63
N LEU C 357 -12.59 -1.32 -6.92
CA LEU C 357 -13.79 -0.70 -6.36
C LEU C 357 -15.06 -1.31 -6.94
N LEU C 358 -15.07 -1.60 -8.25
CA LEU C 358 -16.21 -2.31 -8.83
C LEU C 358 -16.41 -3.66 -8.15
N ALA C 359 -15.32 -4.40 -7.96
CA ALA C 359 -15.42 -5.71 -7.32
C ALA C 359 -15.94 -5.61 -5.90
N LYS C 360 -15.48 -4.61 -5.15
CA LYS C 360 -15.92 -4.46 -3.76
C LYS C 360 -17.39 -4.07 -3.67
N HIS C 361 -17.85 -3.21 -4.58
CA HIS C 361 -19.27 -2.90 -4.62
C HIS C 361 -20.11 -4.13 -4.93
N LEU C 362 -19.66 -4.94 -5.90
CA LEU C 362 -20.39 -6.17 -6.20
C LEU C 362 -20.39 -7.13 -5.01
N ASP C 363 -19.26 -7.22 -4.30
CA ASP C 363 -19.20 -8.11 -3.14
C ASP C 363 -20.14 -7.66 -2.03
N VAL C 364 -20.22 -6.35 -1.81
CA VAL C 364 -21.16 -5.82 -0.83
C VAL C 364 -22.59 -6.15 -1.24
N GLN C 365 -22.91 -5.99 -2.52
CA GLN C 365 -24.26 -6.32 -3.01
C GLN C 365 -24.56 -7.80 -2.82
N ILE C 366 -23.59 -8.67 -3.09
CA ILE C 366 -23.81 -10.10 -2.90
C ILE C 366 -23.99 -10.44 -1.43
N ALA C 367 -23.20 -9.82 -0.56
CA ALA C 367 -23.38 -10.03 0.88
C ALA C 367 -24.78 -9.62 1.31
N GLN C 368 -25.32 -8.56 0.72
CA GLN C 368 -26.72 -8.21 0.94
C GLN C 368 -27.64 -9.32 0.46
N LEU C 369 -27.36 -9.85 -0.74
CA LEU C 369 -28.25 -10.83 -1.36
C LEU C 369 -28.29 -12.17 -0.61
N VAL C 370 -27.24 -12.53 0.12
CA VAL C 370 -27.21 -13.85 0.75
C VAL C 370 -27.72 -13.86 2.19
N ALA C 371 -27.80 -12.70 2.85
CA ALA C 371 -28.12 -12.65 4.26
C ALA C 371 -29.59 -12.35 4.46
N PRO C 372 -30.37 -13.25 5.07
CA PRO C 372 -31.80 -12.97 5.26
C PRO C 372 -32.10 -11.72 6.06
N ALA C 373 -31.17 -11.25 6.89
CA ALA C 373 -31.35 -9.97 7.56
C ALA C 373 -31.47 -8.82 6.57
N PHE C 374 -30.86 -8.96 5.39
CA PHE C 374 -30.89 -7.95 4.36
C PHE C 374 -31.49 -8.45 3.04
N ASN C 375 -31.91 -9.72 2.98
CA ASN C 375 -32.40 -10.31 1.74
C ASN C 375 -33.68 -9.64 1.25
N ASN C 376 -34.51 -9.13 2.17
CA ASN C 376 -35.89 -8.75 1.88
C ASN C 376 -36.69 -9.95 1.37
N GLY C 377 -36.47 -11.11 1.98
CA GLY C 377 -37.27 -12.29 1.74
C GLY C 377 -36.60 -13.39 0.93
N LEU C 378 -35.36 -13.22 0.51
CA LEU C 378 -34.70 -14.27 -0.24
C LEU C 378 -34.14 -15.34 0.69
N PRO C 379 -34.02 -16.59 0.20
CA PRO C 379 -33.48 -17.66 1.04
C PRO C 379 -32.01 -17.43 1.39
N ALA C 380 -31.62 -17.96 2.56
CA ALA C 380 -30.25 -17.82 3.02
C ALA C 380 -29.28 -18.49 2.06
N SER C 381 -28.22 -17.75 1.69
CA SER C 381 -27.22 -18.18 0.72
C SER C 381 -27.83 -18.50 -0.64
N LEU C 382 -29.02 -17.97 -0.90
CA LEU C 382 -29.72 -18.16 -2.17
C LEU C 382 -29.91 -19.64 -2.49
N ARG C 383 -30.20 -20.44 -1.47
CA ARG C 383 -30.49 -21.86 -1.68
C ARG C 383 -31.77 -22.02 -2.49
N GLY C 384 -31.75 -22.98 -3.42
CA GLY C 384 -32.87 -23.13 -4.34
C GLY C 384 -34.01 -23.98 -3.82
N ASN C 385 -33.72 -24.99 -3.01
CA ASN C 385 -34.74 -25.91 -2.50
C ASN C 385 -34.76 -25.86 -0.99
N SER C 386 -35.92 -25.53 -0.42
CA SER C 386 -36.11 -25.56 1.02
C SER C 386 -36.47 -26.94 1.55
N SER C 387 -36.82 -27.89 0.67
CA SER C 387 -37.20 -29.22 1.14
C SER C 387 -36.00 -30.00 1.66
N ARG C 388 -34.85 -29.87 1.00
CA ARG C 388 -33.61 -30.45 1.51
C ARG C 388 -33.05 -29.54 2.60
N PRO C 389 -33.15 -29.95 3.87
CA PRO C 389 -32.74 -29.04 4.96
C PRO C 389 -31.26 -28.70 4.96
N PHE C 390 -30.43 -29.50 4.30
CA PHE C 390 -28.98 -29.30 4.32
C PHE C 390 -28.46 -28.60 3.08
N ASN C 391 -29.34 -28.05 2.24
CA ASN C 391 -28.91 -27.29 1.08
C ASN C 391 -28.24 -25.99 1.51
N MET C 392 -27.02 -25.76 1.03
CA MET C 392 -26.29 -24.51 1.24
C MET C 392 -26.01 -23.96 -0.15
N GLY C 393 -26.95 -23.19 -0.70
CA GLY C 393 -26.98 -22.86 -2.10
C GLY C 393 -25.70 -22.30 -2.69
N LEU C 394 -25.36 -21.06 -2.35
CA LEU C 394 -24.22 -20.39 -2.94
C LEU C 394 -23.24 -19.90 -1.87
N LYS C 395 -23.14 -20.65 -0.78
CA LYS C 395 -22.21 -20.27 0.29
C LYS C 395 -20.76 -20.38 -0.17
N GLY C 396 -20.39 -21.52 -0.75
CA GLY C 396 -19.04 -21.67 -1.27
C GLY C 396 -18.74 -20.69 -2.39
N LEU C 397 -19.74 -20.40 -3.22
CA LEU C 397 -19.57 -19.40 -4.26
C LEU C 397 -19.31 -18.01 -3.67
N GLN C 398 -20.02 -17.68 -2.59
CA GLN C 398 -19.76 -16.40 -1.94
C GLN C 398 -18.35 -16.38 -1.35
N ILE C 399 -17.90 -17.50 -0.81
CA ILE C 399 -16.54 -17.56 -0.29
C ILE C 399 -15.52 -17.34 -1.42
N THR C 400 -15.80 -17.91 -2.59
CA THR C 400 -14.93 -17.71 -3.74
C THR C 400 -14.87 -16.23 -4.12
N GLY C 401 -16.03 -15.56 -4.15
CA GLY C 401 -16.04 -14.13 -4.41
C GLY C 401 -15.28 -13.34 -3.36
N ASN C 402 -15.45 -13.72 -2.09
CA ASN C 402 -14.74 -13.06 -1.00
C ASN C 402 -13.24 -13.30 -1.04
N SER C 403 -12.81 -14.37 -1.71
CA SER C 403 -11.38 -14.59 -1.90
C SER C 403 -10.84 -13.82 -3.09
N ILE C 404 -11.67 -13.57 -4.10
CA ILE C 404 -11.18 -12.89 -5.29
C ILE C 404 -11.15 -11.37 -5.08
N MET C 405 -12.22 -10.80 -4.51
CA MET C 405 -12.34 -9.34 -4.43
C MET C 405 -11.16 -8.66 -3.72
N PRO C 406 -10.70 -9.11 -2.54
CA PRO C 406 -9.58 -8.43 -1.90
C PRO C 406 -8.30 -8.45 -2.71
N LEU C 407 -8.10 -9.44 -3.59
CA LEU C 407 -6.96 -9.40 -4.48
C LEU C 407 -7.02 -8.18 -5.41
N LEU C 408 -8.20 -7.88 -5.95
CA LEU C 408 -8.36 -6.70 -6.78
C LEU C 408 -8.17 -5.43 -5.97
N THR C 409 -8.76 -5.37 -4.76
CA THR C 409 -8.57 -4.21 -3.91
C THR C 409 -7.10 -4.00 -3.56
N TYR C 410 -6.38 -5.09 -3.28
CA TYR C 410 -4.95 -5.03 -3.02
C TYR C 410 -4.18 -4.54 -4.23
N LEU C 411 -4.54 -5.01 -5.42
CA LEU C 411 -3.92 -4.51 -6.64
C LEU C 411 -4.26 -3.06 -6.91
N GLY C 412 -5.23 -2.49 -6.18
CA GLY C 412 -5.43 -1.06 -6.21
C GLY C 412 -4.25 -0.24 -5.71
N ASN C 413 -3.30 -0.87 -5.03
CA ASN C 413 -2.10 -0.15 -4.61
C ASN C 413 -1.28 0.26 -5.83
N PRO C 414 -0.65 1.43 -5.80
CA PRO C 414 0.11 1.89 -6.96
C PRO C 414 1.52 1.32 -7.01
N LEU C 415 1.98 1.02 -8.22
CA LEU C 415 3.35 0.59 -8.45
C LEU C 415 4.27 1.73 -8.88
N THR C 416 3.71 2.77 -9.50
CA THR C 416 4.53 3.85 -10.04
C THR C 416 5.40 4.49 -8.97
N GLU C 417 4.87 4.62 -7.74
CA GLU C 417 5.62 5.25 -6.65
C GLU C 417 6.92 4.52 -6.38
N HIS C 418 6.97 3.21 -6.57
CA HIS C 418 8.21 2.46 -6.36
C HIS C 418 9.11 2.50 -7.59
N PHE C 419 9.32 3.69 -8.17
CA PHE C 419 10.16 3.44 -9.34
C PHE C 419 11.63 3.59 -8.97
N PRO C 420 12.50 2.79 -9.59
CA PRO C 420 13.92 2.84 -9.23
C PRO C 420 14.58 4.11 -9.78
N THR C 421 15.31 4.80 -8.91
CA THR C 421 16.04 5.99 -9.29
C THR C 421 17.49 5.71 -9.65
N HIS C 422 17.95 4.48 -9.48
CA HIS C 422 19.29 4.05 -9.80
C HIS C 422 19.35 3.29 -11.12
N ALA C 423 18.24 3.22 -11.85
CA ALA C 423 18.15 2.33 -13.00
C ALA C 423 19.10 2.75 -14.12
N GLU C 424 19.73 1.74 -14.73
CA GLU C 424 20.55 1.91 -15.92
C GLU C 424 21.68 2.91 -15.70
N GLU C 425 22.58 2.55 -14.79
CA GLU C 425 23.75 3.37 -14.45
C GLU C 425 23.36 4.78 -14.00
N PHE C 426 22.24 4.87 -13.30
CA PHE C 426 21.68 6.12 -12.78
C PHE C 426 21.27 7.08 -13.88
N ASN C 427 21.30 6.66 -15.15
CA ASN C 427 20.88 7.52 -16.24
C ASN C 427 19.37 7.60 -16.33
N GLN C 428 18.67 6.50 -16.08
CA GLN C 428 17.21 6.48 -16.07
C GLN C 428 16.69 6.66 -14.64
N ASN C 429 17.01 7.82 -14.07
CA ASN C 429 16.65 8.07 -12.68
C ASN C 429 15.16 8.32 -12.49
N ILE C 430 14.43 8.62 -13.57
CA ILE C 430 12.97 8.52 -13.59
C ILE C 430 12.61 7.60 -14.75
N ASN C 431 11.82 6.57 -14.45
CA ASN C 431 11.35 5.65 -15.50
C ASN C 431 9.83 5.53 -15.53
N GLY C 432 9.21 5.15 -14.43
CA GLY C 432 7.77 5.02 -14.37
C GLY C 432 7.23 3.64 -14.07
N LEU C 433 7.86 2.60 -14.61
CA LEU C 433 7.41 1.21 -14.45
C LEU C 433 6.05 0.98 -15.10
N SER C 434 5.85 1.54 -16.30
CA SER C 434 4.59 1.34 -17.00
C SER C 434 4.40 -0.12 -17.41
N TRP C 435 5.49 -0.83 -17.69
CA TRP C 435 5.42 -2.24 -18.06
C TRP C 435 4.86 -3.08 -16.92
N GLY C 436 5.46 -2.95 -15.74
CA GLY C 436 4.96 -3.69 -14.59
C GLY C 436 3.55 -3.31 -14.21
N SER C 437 3.24 -2.01 -14.28
CA SER C 437 1.91 -1.54 -13.94
C SER C 437 0.87 -2.10 -14.91
N ALA C 438 1.18 -2.13 -16.21
CA ALA C 438 0.24 -2.67 -17.19
C ALA C 438 0.05 -4.17 -17.02
N ASN C 439 1.13 -4.89 -16.70
CA ASN C 439 0.98 -6.32 -16.45
C ASN C 439 0.15 -6.58 -15.19
N LEU C 440 0.32 -5.76 -14.16
CA LEU C 440 -0.54 -5.84 -12.99
C LEU C 440 -1.99 -5.55 -13.36
N ALA C 441 -2.22 -4.57 -14.23
CA ALA C 441 -3.58 -4.24 -14.65
C ALA C 441 -4.22 -5.40 -15.39
N TRP C 442 -3.44 -6.11 -16.22
CA TRP C 442 -3.98 -7.28 -16.89
C TRP C 442 -4.29 -8.39 -15.89
N ARG C 443 -3.44 -8.56 -14.87
CA ARG C 443 -3.75 -9.48 -13.78
C ARG C 443 -5.08 -9.12 -13.12
N SER C 444 -5.30 -7.81 -12.89
CA SER C 444 -6.57 -7.35 -12.35
C SER C 444 -7.73 -7.70 -13.29
N VAL C 445 -7.53 -7.54 -14.58
CA VAL C 445 -8.57 -7.86 -15.55
C VAL C 445 -8.95 -9.34 -15.47
N GLN C 446 -7.95 -10.21 -15.40
CA GLN C 446 -8.23 -11.65 -15.30
C GLN C 446 -8.97 -11.98 -14.01
N LEU C 447 -8.52 -11.41 -12.89
CA LEU C 447 -9.19 -11.62 -11.62
C LEU C 447 -10.63 -11.14 -11.66
N PHE C 448 -10.87 -9.98 -12.28
CA PHE C 448 -12.21 -9.44 -12.33
C PHE C 448 -13.10 -10.22 -13.29
N GLN C 449 -12.53 -10.86 -14.31
CA GLN C 449 -13.31 -11.75 -15.15
C GLN C 449 -13.80 -12.96 -14.36
N HIS C 450 -12.89 -13.56 -13.57
CA HIS C 450 -13.33 -14.65 -12.69
C HIS C 450 -14.40 -14.17 -11.72
N TYR C 451 -14.18 -12.99 -11.13
CA TYR C 451 -15.12 -12.45 -10.16
C TYR C 451 -16.48 -12.20 -10.80
N LEU C 452 -16.50 -11.71 -12.05
CA LEU C 452 -17.75 -11.43 -12.72
C LEU C 452 -18.48 -12.71 -13.11
N SER C 453 -17.75 -13.80 -13.36
CA SER C 453 -18.43 -15.09 -13.50
C SER C 453 -19.18 -15.45 -12.21
N VAL C 454 -18.49 -15.29 -11.07
CA VAL C 454 -19.14 -15.54 -9.78
C VAL C 454 -20.38 -14.65 -9.61
N ALA C 455 -20.22 -13.35 -9.89
CA ALA C 455 -21.31 -12.40 -9.73
C ALA C 455 -22.47 -12.67 -10.68
N SER C 456 -22.18 -13.16 -11.88
CA SER C 456 -23.24 -13.50 -12.83
C SER C 456 -24.08 -14.65 -12.29
N ILE C 457 -23.43 -15.67 -11.74
CA ILE C 457 -24.20 -16.77 -11.16
C ILE C 457 -25.05 -16.26 -10.00
N PHE C 458 -24.48 -15.41 -9.15
CA PHE C 458 -25.24 -14.85 -8.04
C PHE C 458 -26.44 -14.06 -8.52
N ALA C 459 -26.25 -13.22 -9.55
CA ALA C 459 -27.34 -12.39 -10.05
C ALA C 459 -28.46 -13.25 -10.63
N VAL C 460 -28.11 -14.25 -11.43
CA VAL C 460 -29.13 -15.08 -12.06
C VAL C 460 -29.93 -15.84 -11.01
N GLN C 461 -29.24 -16.46 -10.05
CA GLN C 461 -29.93 -17.19 -8.99
C GLN C 461 -30.83 -16.26 -8.18
N ALA C 462 -30.31 -15.07 -7.82
CA ALA C 462 -31.09 -14.15 -7.01
C ALA C 462 -32.34 -13.68 -7.73
N ILE C 463 -32.23 -13.38 -9.02
CA ILE C 463 -33.40 -12.88 -9.74
C ILE C 463 -34.42 -14.00 -9.94
N ASP C 464 -33.97 -15.24 -10.13
CA ASP C 464 -34.90 -16.36 -10.21
C ASP C 464 -35.64 -16.55 -8.88
N LEU C 465 -34.92 -16.46 -7.77
CA LEU C 465 -35.57 -16.61 -6.46
C LEU C 465 -36.55 -15.46 -6.19
N ARG C 466 -36.18 -14.25 -6.60
CA ARG C 466 -37.10 -13.12 -6.43
C ARG C 466 -38.37 -13.29 -7.26
N ALA C 467 -38.22 -13.76 -8.50
CA ALA C 467 -39.39 -14.03 -9.33
C ALA C 467 -40.27 -15.10 -8.69
N GLY C 468 -39.65 -16.16 -8.16
CA GLY C 468 -40.43 -17.17 -7.46
C GLY C 468 -41.16 -16.61 -6.26
N LEU C 469 -40.53 -15.70 -5.53
CA LEU C 469 -41.16 -15.12 -4.35
C LEU C 469 -42.34 -14.23 -4.72
N GLU C 470 -42.19 -13.40 -5.74
CA GLU C 470 -43.27 -12.54 -6.20
C GLU C 470 -44.26 -13.32 -7.06
N GLY C 476 -37.75 -15.33 -13.89
CA GLY C 476 -36.69 -14.36 -13.68
C GLY C 476 -36.72 -13.24 -14.70
N ARG C 477 -36.88 -13.60 -15.97
CA ARG C 477 -36.90 -12.63 -17.06
C ARG C 477 -38.08 -11.67 -16.95
N GLU C 478 -39.14 -12.06 -16.24
CA GLU C 478 -40.30 -11.19 -16.09
C GLU C 478 -39.99 -9.94 -15.29
N LEU C 479 -38.95 -9.96 -14.47
CA LEU C 479 -38.59 -8.82 -13.63
C LEU C 479 -37.54 -7.93 -14.27
N LEU C 480 -37.04 -8.28 -15.44
CA LEU C 480 -35.86 -7.64 -16.01
C LEU C 480 -36.20 -6.89 -17.29
N GLY C 481 -35.43 -5.85 -17.57
CA GLY C 481 -35.52 -5.11 -18.80
C GLY C 481 -34.86 -5.86 -19.95
N GLU C 482 -34.76 -5.20 -21.09
CA GLU C 482 -34.28 -5.87 -22.30
C GLU C 482 -32.82 -6.29 -22.19
N THR C 483 -31.94 -5.36 -21.80
CA THR C 483 -30.53 -5.69 -21.71
C THR C 483 -30.26 -6.72 -20.62
N ALA C 484 -30.91 -6.55 -19.46
CA ALA C 484 -30.73 -7.52 -18.38
C ALA C 484 -31.32 -8.87 -18.74
N THR C 485 -32.46 -8.89 -19.45
CA THR C 485 -33.01 -10.15 -19.93
C THR C 485 -32.06 -10.82 -20.91
N GLU C 486 -31.45 -10.04 -21.81
CA GLU C 486 -30.52 -10.59 -22.77
C GLU C 486 -29.30 -11.19 -22.08
N LEU C 487 -28.77 -10.49 -21.07
CA LEU C 487 -27.65 -11.05 -20.31
C LEU C 487 -28.06 -12.32 -19.56
N TYR C 488 -29.25 -12.31 -18.95
CA TYR C 488 -29.74 -13.49 -18.23
C TYR C 488 -29.88 -14.68 -19.16
N GLU C 489 -30.45 -14.46 -20.35
CA GLU C 489 -30.61 -15.54 -21.32
C GLU C 489 -29.27 -16.01 -21.85
N THR C 490 -28.31 -15.10 -22.04
CA THR C 490 -26.98 -15.50 -22.47
C THR C 490 -26.32 -16.38 -21.42
N VAL C 491 -26.46 -16.01 -20.15
CA VAL C 491 -25.89 -16.84 -19.08
C VAL C 491 -26.57 -18.21 -19.03
N TYR C 492 -27.89 -18.23 -19.20
CA TYR C 492 -28.62 -19.50 -19.21
C TYR C 492 -28.18 -20.38 -20.38
N ASP C 493 -27.93 -19.78 -21.55
CA ASP C 493 -27.57 -20.56 -22.72
C ASP C 493 -26.12 -21.04 -22.64
N LEU C 494 -25.23 -20.22 -22.09
CA LEU C 494 -23.84 -20.65 -21.94
C LEU C 494 -23.72 -21.86 -21.02
N LEU C 495 -24.53 -21.89 -19.97
CA LEU C 495 -24.53 -22.98 -19.01
C LEU C 495 -25.48 -24.11 -19.38
N GLU C 496 -26.19 -23.98 -20.52
CA GLU C 496 -27.10 -25.02 -21.02
C GLU C 496 -28.19 -25.35 -20.01
N ARG C 497 -28.94 -24.32 -19.64
CA ARG C 497 -30.10 -24.49 -18.77
C ARG C 497 -31.37 -24.08 -19.51
N PRO C 504 -35.54 -22.66 -10.18
CA PRO C 504 -34.55 -21.61 -10.37
C PRO C 504 -33.26 -22.14 -11.00
N PHE C 505 -32.25 -21.27 -11.14
CA PHE C 505 -31.00 -21.68 -11.75
C PHE C 505 -30.36 -22.85 -11.01
N LEU C 506 -30.33 -22.77 -9.69
CA LEU C 506 -29.80 -23.82 -8.84
C LEU C 506 -30.87 -24.24 -7.85
N PHE C 507 -31.17 -25.53 -7.80
CA PHE C 507 -32.24 -26.05 -6.96
C PHE C 507 -31.71 -26.93 -5.84
N ASN C 508 -30.98 -27.99 -6.16
CA ASN C 508 -30.28 -28.79 -5.17
C ASN C 508 -28.78 -28.67 -5.40
N ASP C 509 -28.03 -28.72 -4.30
CA ASP C 509 -26.59 -28.51 -4.38
C ASP C 509 -25.90 -29.59 -5.21
N ASP C 510 -26.43 -30.81 -5.21
CA ASP C 510 -25.76 -31.93 -5.86
C ASP C 510 -26.16 -32.09 -7.32
N GLU C 511 -26.98 -31.21 -7.88
CA GLU C 511 -27.47 -31.34 -9.24
C GLU C 511 -26.55 -30.73 -10.28
N GLN C 512 -25.48 -30.05 -9.87
CA GLN C 512 -24.55 -29.45 -10.81
C GLN C 512 -23.23 -29.22 -10.10
N SER C 513 -22.21 -28.88 -10.88
CA SER C 513 -20.93 -28.43 -10.36
C SER C 513 -20.75 -26.97 -10.77
N LEU C 514 -20.68 -26.09 -9.78
CA LEU C 514 -20.51 -24.67 -10.07
C LEU C 514 -19.15 -24.38 -10.70
N GLU C 515 -18.16 -25.25 -10.52
CA GLU C 515 -16.86 -25.06 -11.16
C GLU C 515 -16.99 -25.05 -12.66
N VAL C 516 -17.77 -25.97 -13.22
CA VAL C 516 -17.97 -26.03 -14.67
C VAL C 516 -18.63 -24.75 -15.17
N ASP C 517 -19.65 -24.27 -14.46
CA ASP C 517 -20.32 -23.04 -14.86
C ASP C 517 -19.38 -21.85 -14.80
N LEU C 518 -18.58 -21.75 -13.74
CA LEU C 518 -17.61 -20.66 -13.63
C LEU C 518 -16.60 -20.72 -14.77
N GLN C 519 -16.13 -21.92 -15.11
CA GLN C 519 -15.21 -22.07 -16.23
C GLN C 519 -15.85 -21.63 -17.54
N MET C 520 -17.11 -22.00 -17.75
CA MET C 520 -17.81 -21.62 -18.98
C MET C 520 -17.94 -20.10 -19.08
N LEU C 521 -18.39 -19.46 -18.01
CA LEU C 521 -18.57 -18.01 -18.04
C LEU C 521 -17.24 -17.29 -18.19
N ASN C 522 -16.20 -17.77 -17.49
CA ASN C 522 -14.89 -17.13 -17.62
C ASN C 522 -14.30 -17.31 -19.01
N GLY C 523 -14.47 -18.49 -19.60
CA GLY C 523 -14.00 -18.71 -20.96
C GLY C 523 -14.74 -17.85 -21.95
N ASP C 524 -16.04 -17.64 -21.73
CA ASP C 524 -16.79 -16.72 -22.58
C ASP C 524 -16.25 -15.30 -22.46
N LEU C 525 -16.05 -14.82 -21.23
CA LEU C 525 -15.57 -13.46 -21.04
C LEU C 525 -14.18 -13.28 -21.65
N ALA C 526 -13.32 -14.29 -21.51
CA ALA C 526 -11.99 -14.24 -22.08
C ALA C 526 -11.96 -14.52 -23.58
N GLY C 527 -12.96 -15.21 -24.10
CA GLY C 527 -12.95 -15.63 -25.49
C GLY C 527 -13.99 -14.97 -26.39
N ALA C 528 -15.08 -15.68 -26.68
CA ALA C 528 -16.06 -15.21 -27.65
C ALA C 528 -16.79 -13.97 -27.15
N GLY C 529 -16.99 -13.83 -25.85
CA GLY C 529 -17.67 -12.67 -25.31
C GLY C 529 -19.14 -12.55 -25.67
N ARG C 530 -19.90 -13.64 -25.55
CA ARG C 530 -21.34 -13.55 -25.73
C ARG C 530 -21.98 -12.70 -24.64
N MET C 531 -21.44 -12.75 -23.42
CA MET C 531 -21.93 -11.88 -22.35
C MET C 531 -21.61 -10.42 -22.63
N HIS C 532 -20.48 -10.15 -23.28
CA HIS C 532 -20.17 -8.78 -23.70
C HIS C 532 -21.12 -8.31 -24.79
N GLU C 533 -21.50 -9.21 -25.70
CA GLU C 533 -22.49 -8.87 -26.70
C GLU C 533 -23.85 -8.60 -26.07
N ALA C 534 -24.20 -9.35 -25.02
CA ALA C 534 -25.51 -9.17 -24.39
C ALA C 534 -25.65 -7.80 -23.75
N VAL C 535 -24.55 -7.20 -23.32
CA VAL C 535 -24.57 -5.88 -22.69
C VAL C 535 -23.96 -4.82 -23.60
N SER C 536 -23.90 -5.08 -24.91
CA SER C 536 -23.23 -4.17 -25.82
C SER C 536 -23.91 -2.82 -25.91
N SER C 537 -25.20 -2.73 -25.62
CA SER C 537 -25.88 -1.44 -25.64
C SER C 537 -25.30 -0.50 -24.58
N VAL C 538 -25.02 -1.03 -23.39
CA VAL C 538 -24.44 -0.22 -22.33
C VAL C 538 -23.02 0.21 -22.69
N THR C 539 -22.24 -0.70 -23.27
CA THR C 539 -20.88 -0.35 -23.68
C THR C 539 -20.89 0.72 -24.76
N ASP C 540 -21.79 0.60 -25.73
CA ASP C 540 -21.93 1.61 -26.77
C ASP C 540 -22.38 2.95 -26.19
N SER C 541 -23.29 2.91 -25.22
CA SER C 541 -23.72 4.14 -24.56
C SER C 541 -22.55 4.81 -23.85
N PHE C 542 -21.72 4.02 -23.17
CA PHE C 542 -20.55 4.58 -22.50
C PHE C 542 -19.58 5.19 -23.51
N LEU C 543 -19.35 4.50 -24.63
CA LEU C 543 -18.44 5.02 -25.64
C LEU C 543 -18.98 6.30 -26.27
N ALA C 544 -20.28 6.34 -26.54
CA ALA C 544 -20.88 7.53 -27.13
C ALA C 544 -20.85 8.71 -26.16
N GLU C 545 -21.12 8.47 -24.88
CA GLU C 545 -21.11 9.54 -23.91
C GLU C 545 -19.70 10.01 -23.61
N PHE C 546 -18.76 9.08 -23.47
CA PHE C 546 -17.40 9.40 -23.06
C PHE C 546 -16.41 9.04 -24.16
N ASN D 11 12.69 -42.18 3.94
CA ASN D 11 11.36 -41.63 3.66
C ASN D 11 10.59 -41.38 4.95
N PRO D 12 9.94 -40.22 5.03
CA PRO D 12 9.24 -39.86 6.27
C PRO D 12 8.05 -40.77 6.54
N VAL D 13 7.76 -40.94 7.82
CA VAL D 13 6.58 -41.66 8.28
C VAL D 13 5.59 -40.66 8.83
N LEU D 14 4.38 -40.68 8.33
CA LEU D 14 3.32 -39.80 8.80
C LEU D 14 2.59 -40.48 9.96
N SER D 15 2.64 -39.86 11.13
CA SER D 15 2.01 -40.43 12.31
C SER D 15 1.26 -39.39 13.15
N GLY D 16 1.09 -38.18 12.65
CA GLY D 16 0.54 -37.10 13.44
C GLY D 16 1.57 -36.33 14.23
N ALA D 17 2.80 -36.82 14.31
CA ALA D 17 3.87 -36.07 14.94
C ALA D 17 4.23 -34.85 14.07
N PRO D 18 4.75 -33.80 14.68
CA PRO D 18 5.08 -32.60 13.90
C PRO D 18 6.11 -32.88 12.80
N LEU D 19 5.91 -32.24 11.66
CA LEU D 19 6.81 -32.34 10.52
C LEU D 19 7.63 -31.06 10.41
N SER D 20 8.81 -31.18 9.84
CA SER D 20 9.63 -30.02 9.56
C SER D 20 9.27 -29.45 8.19
N ILE D 21 9.49 -28.15 8.02
CA ILE D 21 9.23 -27.50 6.74
C ILE D 21 10.10 -28.13 5.64
N ASN D 22 11.29 -28.59 6.00
CA ASN D 22 12.16 -29.27 5.04
C ASN D 22 11.50 -30.54 4.50
N VAL D 23 10.94 -31.36 5.40
CA VAL D 23 10.30 -32.59 4.97
C VAL D 23 9.04 -32.31 4.17
N VAL D 24 8.27 -31.29 4.56
CA VAL D 24 7.07 -30.93 3.82
C VAL D 24 7.42 -30.48 2.41
N ALA D 25 8.45 -29.66 2.28
CA ALA D 25 8.87 -29.19 0.96
C ALA D 25 9.42 -30.33 0.11
N ASP D 26 10.14 -31.27 0.72
CA ASP D 26 10.67 -32.39 -0.03
C ASP D 26 9.58 -33.37 -0.46
N ILE D 27 8.53 -33.51 0.35
CA ILE D 27 7.35 -34.27 -0.08
C ILE D 27 6.68 -33.56 -1.24
N GLY D 28 6.53 -32.23 -1.15
CA GLY D 28 5.99 -31.47 -2.25
C GLY D 28 6.84 -31.56 -3.51
N ARG D 29 8.16 -31.65 -3.35
CA ARG D 29 9.10 -31.72 -4.46
C ARG D 29 9.31 -33.13 -5.00
N GLN D 30 8.63 -34.13 -4.42
CA GLN D 30 8.78 -35.54 -4.78
C GLN D 30 10.19 -36.06 -4.49
N ARG D 31 10.92 -35.43 -3.58
CA ARG D 31 12.20 -35.96 -3.13
C ARG D 31 12.05 -36.88 -1.92
N LEU D 32 10.85 -36.95 -1.34
CA LEU D 32 10.54 -37.90 -0.27
C LEU D 32 9.17 -38.49 -0.54
N ILE D 33 9.02 -39.77 -0.25
CA ILE D 33 7.75 -40.47 -0.42
C ILE D 33 7.19 -40.75 0.97
N PRO D 34 6.08 -40.11 1.36
CA PRO D 34 5.52 -40.36 2.69
C PRO D 34 5.03 -41.80 2.83
N SER D 35 5.10 -42.30 4.05
CA SER D 35 4.58 -43.60 4.39
C SER D 35 3.66 -43.47 5.59
N LEU D 36 2.54 -44.20 5.56
CA LEU D 36 1.62 -44.18 6.68
C LEU D 36 2.18 -44.97 7.84
N THR D 37 1.96 -44.46 9.06
CA THR D 37 2.51 -45.10 10.25
C THR D 37 1.85 -46.45 10.51
N ASP D 38 2.62 -47.35 11.10
CA ASP D 38 2.10 -48.61 11.60
C ASP D 38 2.03 -48.64 13.12
N ASP D 39 2.30 -47.51 13.78
CA ASP D 39 2.21 -47.43 15.23
C ASP D 39 0.80 -47.74 15.68
N GLU D 40 0.69 -48.65 16.65
CA GLU D 40 -0.62 -49.08 17.12
C GLU D 40 -1.36 -47.96 17.84
N GLN D 41 -0.64 -47.14 18.61
CA GLN D 41 -1.28 -46.10 19.40
C GLN D 41 -1.95 -45.05 18.50
N VAL D 42 -1.27 -44.64 17.43
CA VAL D 42 -1.80 -43.61 16.55
C VAL D 42 -3.07 -44.09 15.85
N LEU D 43 -3.00 -45.28 15.26
CA LEU D 43 -4.15 -45.80 14.55
C LEU D 43 -5.30 -46.14 15.49
N ASN D 44 -4.97 -46.61 16.71
CA ASN D 44 -6.00 -46.86 17.70
C ASN D 44 -6.69 -45.57 18.13
N ARG D 45 -5.93 -44.47 18.26
CA ARG D 45 -6.54 -43.18 18.56
C ARG D 45 -7.47 -42.73 17.43
N VAL D 46 -7.04 -42.95 16.19
CA VAL D 46 -7.90 -42.60 15.05
C VAL D 46 -9.20 -43.40 15.09
N HIS D 47 -9.09 -44.70 15.36
CA HIS D 47 -10.27 -45.55 15.45
C HIS D 47 -11.18 -45.12 16.61
N ALA D 48 -10.60 -44.75 17.75
CA ALA D 48 -11.39 -44.31 18.89
C ALA D 48 -12.10 -43.00 18.60
N CYS D 49 -11.44 -42.10 17.87
CA CYS D 49 -12.10 -40.86 17.48
C CYS D 49 -13.30 -41.13 16.57
N ARG D 50 -13.12 -42.03 15.59
CA ARG D 50 -14.25 -42.41 14.76
C ARG D 50 -15.34 -43.08 15.58
N ASP D 51 -14.97 -43.83 16.61
CA ASP D 51 -15.95 -44.44 17.50
C ASP D 51 -16.75 -43.39 18.26
N VAL D 52 -16.07 -42.34 18.72
CA VAL D 52 -16.78 -41.24 19.40
C VAL D 52 -17.78 -40.61 18.45
N VAL D 53 -17.38 -40.37 17.20
CA VAL D 53 -18.32 -39.83 16.21
C VAL D 53 -19.51 -40.78 16.01
N GLN D 54 -19.24 -42.08 15.90
CA GLN D 54 -20.30 -43.06 15.73
C GLN D 54 -21.27 -43.04 16.89
N LYS D 55 -20.75 -42.98 18.12
CA LYS D 55 -21.61 -42.95 19.30
C LYS D 55 -22.45 -41.68 19.34
N ALA D 56 -21.86 -40.55 18.92
CA ALA D 56 -22.64 -39.31 18.87
C ALA D 56 -23.75 -39.40 17.83
N VAL D 57 -23.50 -40.06 16.71
CA VAL D 57 -24.53 -40.22 15.69
C VAL D 57 -25.63 -41.17 16.17
N ARG D 58 -25.25 -42.25 16.84
CA ARG D 58 -26.21 -43.28 17.23
C ARG D 58 -27.23 -42.73 18.23
N ASN D 59 -26.77 -41.92 19.18
CA ASN D 59 -27.66 -41.36 20.19
C ASN D 59 -28.31 -40.05 19.75
N ASN D 60 -28.10 -39.64 18.50
CA ASN D 60 -28.68 -38.42 17.95
C ASN D 60 -28.30 -37.20 18.80
N GLU D 61 -27.07 -37.17 19.28
CA GLU D 61 -26.59 -36.03 20.03
C GLU D 61 -26.47 -34.81 19.13
N ARG D 62 -26.89 -33.66 19.63
CA ARG D 62 -26.84 -32.41 18.86
C ARG D 62 -25.41 -31.90 18.88
N ILE D 63 -24.75 -31.95 17.72
CA ILE D 63 -23.37 -31.50 17.57
C ILE D 63 -23.25 -30.73 16.27
N TYR D 64 -22.50 -29.64 16.29
CA TYR D 64 -22.33 -28.83 15.08
C TYR D 64 -21.66 -29.64 13.98
N GLY D 65 -22.09 -29.41 12.75
CA GLY D 65 -21.55 -30.14 11.61
C GLY D 65 -22.15 -31.50 11.41
N ILE D 66 -22.13 -32.34 12.45
CA ILE D 66 -22.69 -33.68 12.33
C ILE D 66 -24.20 -33.63 12.12
N THR D 67 -24.90 -32.88 12.98
CA THR D 67 -26.35 -32.85 12.94
C THR D 67 -26.93 -31.47 12.71
N THR D 68 -26.11 -30.44 12.52
CA THR D 68 -26.58 -29.10 12.26
C THR D 68 -26.16 -28.66 10.87
N GLY D 69 -26.56 -27.46 10.49
CA GLY D 69 -26.08 -26.85 9.27
C GLY D 69 -24.64 -26.38 9.42
N PHE D 70 -24.13 -25.81 8.35
CA PHE D 70 -22.75 -25.34 8.32
C PHE D 70 -22.70 -23.87 8.74
N GLY D 71 -21.57 -23.22 8.50
CA GLY D 71 -21.22 -21.96 9.17
C GLY D 71 -22.32 -20.93 9.33
N GLY D 72 -22.81 -20.37 8.23
CA GLY D 72 -23.85 -19.36 8.32
C GLY D 72 -25.25 -19.93 8.47
N MET D 73 -25.46 -21.18 8.08
CA MET D 73 -26.76 -21.83 8.16
C MET D 73 -26.78 -22.94 9.20
N SER D 74 -26.02 -22.79 10.29
CA SER D 74 -26.00 -23.77 11.36
C SER D 74 -27.26 -23.72 12.22
N ASP D 75 -28.12 -22.72 12.01
CA ASP D 75 -29.40 -22.67 12.72
C ASP D 75 -30.38 -23.74 12.24
N ILE D 76 -30.12 -24.37 11.09
CA ILE D 76 -31.05 -25.33 10.51
C ILE D 76 -30.63 -26.73 10.98
N PRO D 77 -31.48 -27.43 11.73
CA PRO D 77 -31.16 -28.80 12.13
C PRO D 77 -31.24 -29.76 10.95
N ILE D 78 -30.51 -30.85 11.05
CA ILE D 78 -30.46 -31.89 10.04
C ILE D 78 -30.98 -33.19 10.68
N PRO D 79 -31.98 -33.83 10.10
CA PRO D 79 -32.49 -35.09 10.68
C PRO D 79 -31.45 -36.20 10.55
N PRO D 80 -31.53 -37.22 11.40
CA PRO D 80 -30.47 -38.26 11.41
C PRO D 80 -30.27 -38.94 10.07
N GLN D 81 -31.35 -39.27 9.36
CA GLN D 81 -31.22 -40.03 8.12
C GLN D 81 -30.43 -39.28 7.05
N HIS D 82 -30.35 -37.96 7.15
CA HIS D 82 -29.62 -37.15 6.18
C HIS D 82 -28.20 -36.84 6.62
N VAL D 83 -27.81 -37.24 7.84
CA VAL D 83 -26.52 -36.83 8.39
C VAL D 83 -25.40 -37.09 7.40
N ALA D 84 -25.24 -38.36 7.01
CA ALA D 84 -24.18 -38.71 6.06
C ALA D 84 -24.30 -37.91 4.77
N GLN D 85 -25.52 -37.81 4.23
CA GLN D 85 -25.72 -37.06 3.00
C GLN D 85 -25.18 -35.64 3.15
N THR D 86 -25.42 -35.03 4.31
CA THR D 86 -24.96 -33.67 4.53
C THR D 86 -23.48 -33.53 4.18
N GLN D 87 -22.67 -34.48 4.66
CA GLN D 87 -21.24 -34.41 4.40
C GLN D 87 -20.97 -34.44 2.90
N ASP D 88 -21.58 -35.40 2.19
CA ASP D 88 -21.43 -35.43 0.74
C ASP D 88 -21.88 -34.11 0.13
N ASN D 89 -23.03 -33.59 0.60
CA ASN D 89 -23.55 -32.36 0.05
C ASN D 89 -22.59 -31.21 0.28
N LEU D 90 -21.83 -31.24 1.38
CA LEU D 90 -20.83 -30.22 1.62
C LEU D 90 -19.89 -30.12 0.42
N LEU D 91 -19.32 -31.27 0.02
CA LEU D 91 -18.39 -31.26 -1.10
C LEU D 91 -19.05 -30.82 -2.38
N ALA D 92 -20.37 -30.98 -2.50
CA ALA D 92 -21.07 -30.51 -3.69
C ALA D 92 -21.09 -29.00 -3.75
N PHE D 93 -21.35 -28.32 -2.63
CA PHE D 93 -21.50 -26.87 -2.74
C PHE D 93 -20.17 -26.13 -2.54
N LEU D 94 -19.11 -26.83 -2.17
CA LEU D 94 -17.78 -26.24 -2.10
C LEU D 94 -17.01 -26.36 -3.41
N SER D 95 -17.61 -26.95 -4.44
CA SER D 95 -16.98 -27.10 -5.74
C SER D 95 -17.07 -25.77 -6.50
N THR D 96 -16.25 -24.82 -6.07
CA THR D 96 -16.23 -23.47 -6.64
C THR D 96 -14.79 -23.01 -6.81
N SER D 97 -13.91 -23.93 -7.20
CA SER D 97 -12.49 -23.63 -7.36
C SER D 97 -12.23 -23.15 -8.79
N THR D 98 -11.63 -21.97 -8.92
CA THR D 98 -11.33 -21.37 -10.21
C THR D 98 -9.99 -20.65 -10.16
N GLY D 99 -9.57 -20.14 -11.31
CA GLY D 99 -8.33 -19.43 -11.42
C GLY D 99 -7.24 -20.25 -12.09
N ALA D 100 -6.02 -19.78 -11.94
CA ALA D 100 -4.86 -20.50 -12.45
C ALA D 100 -4.57 -21.72 -11.58
N SER D 101 -4.07 -22.77 -12.22
CA SER D 101 -3.75 -23.99 -11.49
C SER D 101 -2.55 -23.77 -10.57
N LEU D 102 -2.62 -24.35 -9.38
CA LEU D 102 -1.53 -24.24 -8.42
C LEU D 102 -0.35 -25.13 -8.83
N ASP D 103 0.82 -24.77 -8.32
CA ASP D 103 1.98 -25.64 -8.46
C ASP D 103 1.70 -26.95 -7.75
N PRO D 104 1.89 -28.10 -8.41
CA PRO D 104 1.60 -29.39 -7.76
C PRO D 104 2.38 -29.62 -6.47
N ARG D 105 3.50 -28.93 -6.26
CA ARG D 105 4.20 -29.02 -4.98
C ARG D 105 3.30 -28.61 -3.83
N HIS D 106 2.53 -27.53 -4.02
CA HIS D 106 1.60 -27.09 -2.99
C HIS D 106 0.56 -28.16 -2.70
N VAL D 107 0.05 -28.82 -3.73
CA VAL D 107 -1.00 -29.82 -3.55
C VAL D 107 -0.45 -31.06 -2.84
N ARG D 108 0.75 -31.50 -3.22
CA ARG D 108 1.38 -32.62 -2.53
C ARG D 108 1.62 -32.30 -1.06
N ALA D 109 2.15 -31.09 -0.79
CA ALA D 109 2.39 -30.69 0.59
C ALA D 109 1.09 -30.62 1.38
N ALA D 110 0.02 -30.11 0.76
CA ALA D 110 -1.27 -30.04 1.44
C ALA D 110 -1.83 -31.41 1.74
N MET D 111 -1.70 -32.37 0.81
CA MET D 111 -2.16 -33.72 1.06
C MET D 111 -1.39 -34.36 2.22
N ALA D 112 -0.06 -34.19 2.22
CA ALA D 112 0.74 -34.74 3.31
C ALA D 112 0.37 -34.11 4.65
N LEU D 113 0.23 -32.78 4.68
CA LEU D 113 -0.10 -32.08 5.91
C LEU D 113 -1.48 -32.45 6.41
N ARG D 114 -2.45 -32.60 5.51
CA ARG D 114 -3.79 -32.98 5.93
C ARG D 114 -3.83 -34.39 6.48
N ALA D 115 -3.13 -35.33 5.83
CA ALA D 115 -3.06 -36.68 6.38
C ALA D 115 -2.40 -36.67 7.76
N ASN D 116 -1.32 -35.89 7.92
CA ASN D 116 -0.65 -35.80 9.20
C ASN D 116 -1.56 -35.20 10.27
N VAL D 117 -2.33 -34.18 9.92
CA VAL D 117 -3.26 -33.57 10.87
C VAL D 117 -4.34 -34.56 11.29
N LEU D 118 -4.91 -35.28 10.31
CA LEU D 118 -5.95 -36.24 10.62
C LEU D 118 -5.43 -37.41 11.44
N LEU D 119 -4.14 -37.73 11.30
CA LEU D 119 -3.56 -38.82 12.07
C LEU D 119 -3.43 -38.53 13.55
N GLN D 120 -3.65 -37.29 13.99
CA GLN D 120 -3.57 -36.96 15.41
C GLN D 120 -4.80 -37.40 16.19
N GLY D 121 -5.84 -37.87 15.52
CA GLY D 121 -7.00 -38.42 16.21
C GLY D 121 -7.89 -37.41 16.90
N ARG D 122 -8.10 -36.25 16.30
CA ARG D 122 -9.03 -35.25 16.82
C ARG D 122 -10.16 -34.93 15.86
N SER D 123 -10.13 -35.45 14.64
CA SER D 123 -11.06 -35.06 13.59
C SER D 123 -12.20 -36.04 13.36
N GLY D 124 -12.09 -37.27 13.88
CA GLY D 124 -13.16 -38.23 13.73
C GLY D 124 -13.29 -38.85 12.36
N VAL D 125 -12.23 -38.83 11.55
CA VAL D 125 -12.29 -39.43 10.22
C VAL D 125 -12.06 -40.94 10.33
N ARG D 126 -12.52 -41.65 9.30
CA ARG D 126 -12.12 -43.03 9.12
C ARG D 126 -10.66 -43.09 8.70
N LEU D 127 -9.97 -44.15 9.13
CA LEU D 127 -8.57 -44.32 8.74
C LEU D 127 -8.43 -44.48 7.23
N GLU D 128 -9.45 -45.04 6.57
CA GLU D 128 -9.38 -45.27 5.13
C GLU D 128 -9.24 -43.98 4.35
N LEU D 129 -9.80 -42.88 4.84
CA LEU D 129 -9.59 -41.58 4.18
C LEU D 129 -8.14 -41.15 4.24
N ILE D 130 -7.50 -41.32 5.40
CA ILE D 130 -6.09 -41.00 5.54
C ILE D 130 -5.26 -41.91 4.64
N GLU D 131 -5.63 -43.18 4.57
CA GLU D 131 -4.92 -44.12 3.72
C GLU D 131 -5.05 -43.72 2.24
N ARG D 132 -6.24 -43.29 1.83
CA ARG D 132 -6.42 -42.84 0.45
C ARG D 132 -5.59 -41.60 0.16
N LEU D 133 -5.54 -40.65 1.10
CA LEU D 133 -4.68 -39.48 0.93
C LEU D 133 -3.23 -39.89 0.74
N VAL D 134 -2.73 -40.76 1.63
CA VAL D 134 -1.33 -41.16 1.57
C VAL D 134 -1.05 -41.93 0.30
N GLU D 135 -2.00 -42.76 -0.15
CA GLU D 135 -1.76 -43.58 -1.33
C GLU D 135 -1.82 -42.75 -2.60
N PHE D 136 -2.71 -41.77 -2.66
CA PHE D 136 -2.68 -40.81 -3.76
C PHE D 136 -1.35 -40.09 -3.82
N LEU D 137 -0.82 -39.69 -2.66
CA LEU D 137 0.48 -39.04 -2.63
C LEU D 137 1.60 -39.99 -3.07
N ARG D 138 1.54 -41.25 -2.65
CA ARG D 138 2.59 -42.21 -2.99
C ARG D 138 2.53 -42.59 -4.47
N GLN D 139 1.32 -42.72 -5.02
CA GLN D 139 1.15 -43.04 -6.44
C GLN D 139 1.37 -41.83 -7.34
N ASP D 140 1.59 -40.65 -6.77
CA ASP D 140 1.77 -39.41 -7.53
C ASP D 140 0.53 -39.11 -8.38
N ALA D 141 -0.64 -39.34 -7.80
CA ALA D 141 -1.91 -38.96 -8.40
C ALA D 141 -2.35 -37.68 -7.68
N ILE D 142 -2.01 -36.54 -8.27
CA ILE D 142 -2.11 -35.24 -7.61
C ILE D 142 -3.29 -34.49 -8.21
N PRO D 143 -4.31 -34.16 -7.42
CA PRO D 143 -5.43 -33.39 -7.95
C PRO D 143 -4.99 -32.03 -8.45
N VAL D 144 -5.62 -31.59 -9.54
CA VAL D 144 -5.43 -30.23 -10.04
C VAL D 144 -6.26 -29.28 -9.19
N VAL D 145 -5.62 -28.31 -8.57
CA VAL D 145 -6.28 -27.34 -7.71
C VAL D 145 -5.97 -25.95 -8.22
N CYS D 146 -7.01 -25.14 -8.36
CA CYS D 146 -6.84 -23.76 -8.83
C CYS D 146 -6.64 -22.82 -7.64
N ASP D 147 -6.21 -21.60 -7.94
CA ASP D 147 -5.66 -20.71 -6.93
C ASP D 147 -6.67 -19.74 -6.32
N LEU D 148 -7.95 -19.82 -6.68
CA LEU D 148 -8.96 -18.95 -6.11
C LEU D 148 -10.00 -19.78 -5.38
N GLY D 149 -10.48 -19.24 -4.26
CA GLY D 149 -11.62 -19.84 -3.58
C GLY D 149 -11.57 -19.90 -2.07
N SER D 150 -10.50 -19.43 -1.44
CA SER D 150 -10.34 -19.58 -0.01
C SER D 150 -9.95 -18.25 0.62
N ILE D 151 -10.43 -18.03 1.85
CA ILE D 151 -10.13 -16.83 2.61
C ILE D 151 -9.39 -17.15 3.91
N GLY D 152 -8.87 -18.35 4.06
CA GLY D 152 -8.06 -18.69 5.22
C GLY D 152 -8.81 -18.87 6.52
N ASP D 154 -10.25 -23.13 4.37
CA ASP D 154 -9.71 -23.74 3.15
C ASP D 154 -10.67 -24.75 2.56
N LEU D 155 -11.96 -24.39 2.61
CA LEU D 155 -13.01 -25.32 2.28
C LEU D 155 -12.92 -25.78 0.82
N VAL D 156 -12.73 -24.85 -0.11
CA VAL D 156 -12.78 -25.15 -1.54
C VAL D 156 -11.51 -25.87 -2.01
N PRO D 157 -10.31 -25.33 -1.76
CA PRO D 157 -9.10 -26.05 -2.23
C PRO D 157 -8.95 -27.42 -1.61
N LEU D 158 -9.27 -27.58 -0.32
CA LEU D 158 -9.22 -28.89 0.30
C LEU D 158 -10.36 -29.79 -0.18
N GLY D 159 -11.50 -29.19 -0.53
CA GLY D 159 -12.59 -29.95 -1.09
C GLY D 159 -12.24 -30.55 -2.43
N VAL D 160 -11.40 -29.88 -3.20
CA VAL D 160 -10.91 -30.47 -4.45
C VAL D 160 -10.20 -31.79 -4.16
N ILE D 161 -9.30 -31.79 -3.18
CA ILE D 161 -8.57 -33.00 -2.83
C ILE D 161 -9.51 -34.07 -2.29
N ALA D 162 -10.46 -33.67 -1.44
CA ALA D 162 -11.40 -34.65 -0.88
C ALA D 162 -12.23 -35.31 -1.96
N ARG D 163 -12.79 -34.50 -2.87
CA ARG D 163 -13.57 -35.04 -3.98
C ARG D 163 -12.71 -35.92 -4.87
N SER D 164 -11.44 -35.57 -5.05
CA SER D 164 -10.55 -36.41 -5.85
C SER D 164 -10.34 -37.77 -5.21
N ILE D 165 -10.12 -37.81 -3.89
CA ILE D 165 -9.76 -39.08 -3.27
C ILE D 165 -10.96 -39.95 -2.94
N ILE D 166 -12.18 -39.37 -2.87
CA ILE D 166 -13.36 -40.20 -2.59
C ILE D 166 -14.17 -40.52 -3.83
N GLY D 167 -13.79 -40.00 -5.00
CA GLY D 167 -14.61 -40.20 -6.19
C GLY D 167 -15.95 -39.53 -6.10
N HIS D 168 -16.00 -38.29 -5.64
CA HIS D 168 -17.24 -37.54 -5.53
C HIS D 168 -17.80 -37.24 -6.92
N PRO D 169 -19.13 -37.23 -7.07
CA PRO D 169 -19.74 -36.93 -8.38
C PRO D 169 -19.36 -35.56 -8.93
N SER D 170 -19.03 -34.59 -8.09
CA SER D 170 -18.46 -33.34 -8.59
C SER D 170 -17.03 -33.62 -9.04
N THR D 171 -16.88 -34.05 -10.28
CA THR D 171 -15.60 -34.55 -10.78
C THR D 171 -14.52 -33.49 -10.74
N THR D 172 -13.34 -33.89 -10.29
CA THR D 172 -12.13 -33.07 -10.34
C THR D 172 -11.17 -33.62 -11.39
N GLN D 173 -10.09 -32.89 -11.61
CA GLN D 173 -9.03 -33.29 -12.52
C GLN D 173 -7.81 -33.70 -11.72
N VAL D 174 -7.28 -34.89 -12.01
CA VAL D 174 -6.16 -35.46 -11.28
C VAL D 174 -5.05 -35.77 -12.27
N LYS D 175 -3.84 -35.31 -11.97
CA LYS D 175 -2.66 -35.65 -12.76
C LYS D 175 -2.07 -36.95 -12.23
N TYR D 176 -1.97 -37.95 -13.09
CA TYR D 176 -1.46 -39.26 -12.73
C TYR D 176 -0.72 -39.84 -13.91
N GLN D 177 0.45 -40.42 -13.63
CA GLN D 177 1.30 -41.03 -14.66
C GLN D 177 1.57 -40.05 -15.81
N GLY D 178 1.73 -38.78 -15.48
CA GLY D 178 2.04 -37.78 -16.47
C GLY D 178 0.88 -37.29 -17.30
N GLU D 179 -0.34 -37.77 -17.04
CA GLU D 179 -1.50 -37.37 -17.81
C GLU D 179 -2.59 -36.88 -16.89
N GLN D 180 -3.35 -35.89 -17.36
CA GLN D 180 -4.48 -35.36 -16.60
C GLN D 180 -5.75 -36.09 -16.98
N ALA D 181 -6.50 -36.55 -15.98
CA ALA D 181 -7.69 -37.35 -16.21
C ALA D 181 -8.76 -36.99 -15.20
N ASP D 182 -9.95 -37.54 -15.40
CA ASP D 182 -11.03 -37.39 -14.44
C ASP D 182 -10.70 -38.15 -13.16
N SER D 183 -11.16 -37.60 -12.03
CA SER D 183 -10.91 -38.23 -10.75
C SER D 183 -11.42 -39.66 -10.71
N HIS D 184 -12.51 -39.95 -11.42
CA HIS D 184 -13.04 -41.31 -11.46
C HIS D 184 -12.11 -42.26 -12.19
N ASP D 185 -11.51 -41.81 -13.30
CA ASP D 185 -10.56 -42.64 -14.03
C ASP D 185 -9.33 -42.95 -13.18
N VAL D 186 -8.79 -41.93 -12.51
CA VAL D 186 -7.63 -42.13 -11.65
C VAL D 186 -7.98 -43.06 -10.50
N LEU D 187 -9.17 -42.87 -9.90
CA LEU D 187 -9.62 -43.77 -8.84
C LEU D 187 -9.65 -45.21 -9.30
N GLN D 188 -10.21 -45.46 -10.49
CA GLN D 188 -10.26 -46.81 -11.02
C GLN D 188 -8.86 -47.35 -11.28
N GLN D 189 -7.95 -46.51 -11.81
CA GLN D 189 -6.59 -46.94 -12.05
C GLN D 189 -5.86 -47.29 -10.75
N LEU D 190 -6.26 -46.68 -9.64
CA LEU D 190 -5.69 -46.98 -8.33
C LEU D 190 -6.43 -48.08 -7.61
N ASN D 191 -7.38 -48.73 -8.28
CA ASN D 191 -8.17 -49.82 -7.71
C ASN D 191 -8.95 -49.38 -6.47
N TYR D 192 -9.40 -48.12 -6.47
CA TYR D 192 -10.26 -47.59 -5.42
C TYR D 192 -11.67 -47.45 -5.96
N SER D 193 -12.65 -47.71 -5.11
CA SER D 193 -14.05 -47.45 -5.43
C SER D 193 -14.48 -46.11 -4.85
N ALA D 194 -15.62 -45.63 -5.31
CA ALA D 194 -16.20 -44.42 -4.76
C ALA D 194 -16.51 -44.62 -3.28
N LEU D 195 -16.26 -43.58 -2.50
CA LEU D 195 -16.42 -43.65 -1.05
C LEU D 195 -17.53 -42.68 -0.63
N GLN D 196 -18.47 -43.18 0.17
CA GLN D 196 -19.50 -42.34 0.75
C GLN D 196 -19.06 -41.88 2.13
N LEU D 197 -19.12 -40.57 2.36
CA LEU D 197 -18.63 -40.01 3.60
C LEU D 197 -19.57 -40.31 4.75
N GLU D 198 -18.99 -40.59 5.91
CA GLU D 198 -19.75 -40.73 7.14
C GLU D 198 -19.87 -39.37 7.81
N ALA D 199 -20.40 -39.33 9.02
CA ALA D 199 -20.63 -38.06 9.70
C ALA D 199 -19.32 -37.36 10.00
N LYS D 200 -19.31 -36.04 9.74
CA LYS D 200 -18.22 -35.13 10.10
C LYS D 200 -16.99 -35.33 9.23
N GLU D 201 -16.98 -36.37 8.39
CA GLU D 201 -15.77 -36.70 7.65
C GLU D 201 -15.50 -35.67 6.56
N GLY D 202 -16.52 -35.31 5.79
CA GLY D 202 -16.33 -34.30 4.76
C GLY D 202 -15.92 -32.96 5.34
N LEU D 203 -16.54 -32.57 6.47
CA LEU D 203 -16.13 -31.36 7.15
C LEU D 203 -14.71 -31.48 7.68
N ALA D 204 -14.36 -32.63 8.26
CA ALA D 204 -13.01 -32.80 8.80
C ALA D 204 -11.94 -32.81 7.73
N LEU D 205 -12.28 -33.15 6.49
CA LEU D 205 -11.28 -33.13 5.43
C LEU D 205 -10.94 -31.72 4.97
N VAL D 206 -11.87 -30.77 5.10
CA VAL D 206 -11.73 -29.47 4.47
C VAL D 206 -11.68 -28.32 5.46
N ASN D 207 -11.95 -28.55 6.74
CA ASN D 207 -12.12 -27.46 7.70
C ASN D 207 -10.82 -27.19 8.44
N GLY D 208 -9.82 -26.71 7.70
CA GLY D 208 -8.53 -26.45 8.29
C GLY D 208 -7.70 -25.51 7.45
N THR D 209 -6.47 -25.29 7.90
CA THR D 209 -5.53 -24.39 7.24
C THR D 209 -4.43 -25.13 6.49
N SER D 210 -4.65 -26.42 6.19
CA SER D 210 -3.57 -27.26 5.68
C SER D 210 -3.05 -26.77 4.32
N PHE D 211 -3.95 -26.32 3.44
CA PHE D 211 -3.51 -25.91 2.11
C PHE D 211 -2.75 -24.58 2.17
N SER D 212 -3.28 -23.61 2.92
CA SER D 212 -2.55 -22.37 3.15
C SER D 212 -1.21 -22.64 3.82
N SER D 213 -1.20 -23.53 4.82
CA SER D 213 0.04 -23.88 5.50
C SER D 213 1.02 -24.58 4.56
N ALA D 214 0.52 -25.34 3.59
CA ALA D 214 1.39 -26.03 2.65
C ALA D 214 2.05 -25.04 1.70
N ILE D 215 1.27 -24.12 1.15
CA ILE D 215 1.84 -23.08 0.31
C ILE D 215 2.84 -22.25 1.09
N ALA D 216 2.51 -21.91 2.34
CA ALA D 216 3.40 -21.13 3.19
C ALA D 216 4.69 -21.89 3.51
N ALA D 217 4.58 -23.21 3.74
CA ALA D 217 5.77 -24.01 4.03
C ALA D 217 6.70 -24.07 2.82
N ASN D 218 6.12 -24.22 1.62
CA ASN D 218 6.95 -24.16 0.41
C ASN D 218 7.60 -22.79 0.27
N CYS D 219 6.84 -21.72 0.53
CA CYS D 219 7.40 -20.37 0.47
C CYS D 219 8.54 -20.19 1.47
N VAL D 220 8.39 -20.73 2.68
CA VAL D 220 9.42 -20.59 3.71
C VAL D 220 10.68 -21.37 3.35
N PHE D 221 10.52 -22.61 2.87
CA PHE D 221 11.67 -23.39 2.41
C PHE D 221 12.43 -22.66 1.32
N GLU D 222 11.71 -22.18 0.31
CA GLU D 222 12.34 -21.45 -0.77
C GLU D 222 12.99 -20.18 -0.26
N SER D 223 12.34 -19.48 0.67
CA SER D 223 12.86 -18.20 1.15
C SER D 223 14.12 -18.38 1.98
N GLN D 224 14.20 -19.46 2.76
CA GLN D 224 15.45 -19.76 3.46
C GLN D 224 16.58 -19.98 2.46
N ARG D 225 16.32 -20.78 1.43
CA ARG D 225 17.36 -21.03 0.43
C ARG D 225 17.74 -19.75 -0.31
N LEU D 226 16.74 -18.91 -0.61
CA LEU D 226 16.99 -17.68 -1.35
C LEU D 226 17.71 -16.65 -0.49
N LEU D 227 17.44 -16.63 0.81
CA LEU D 227 18.20 -15.78 1.71
C LEU D 227 19.67 -16.19 1.74
N SER D 228 19.94 -17.50 1.83
CA SER D 228 21.32 -17.96 1.81
C SER D 228 22.01 -17.59 0.49
N LEU D 229 21.32 -17.80 -0.62
CA LEU D 229 21.88 -17.47 -1.93
C LEU D 229 22.11 -15.96 -2.07
N SER D 230 21.17 -15.16 -1.56
CA SER D 230 21.33 -13.70 -1.57
C SER D 230 22.55 -13.30 -0.78
N LEU D 231 22.77 -13.89 0.39
CA LEU D 231 23.93 -13.54 1.19
C LEU D 231 25.23 -13.89 0.48
N VAL D 232 25.29 -15.06 -0.16
CA VAL D 232 26.52 -15.43 -0.85
C VAL D 232 26.76 -14.52 -2.06
N LEU D 233 25.69 -14.19 -2.80
CA LEU D 233 25.84 -13.26 -3.93
C LEU D 233 26.27 -11.89 -3.45
N GLN D 234 25.76 -11.46 -2.30
CA GLN D 234 26.19 -10.19 -1.71
C GLN D 234 27.67 -10.23 -1.36
N SER D 235 28.15 -11.34 -0.80
CA SER D 235 29.57 -11.44 -0.50
C SER D 235 30.41 -11.35 -1.77
N ILE D 236 29.95 -12.01 -2.84
CA ILE D 236 30.66 -11.94 -4.12
C ILE D 236 30.67 -10.51 -4.66
N MET D 237 29.54 -9.81 -4.59
CA MET D 237 29.48 -8.43 -5.07
C MET D 237 30.35 -7.51 -4.23
N VAL D 238 30.36 -7.70 -2.91
CA VAL D 238 31.21 -6.92 -2.03
C VAL D 238 32.68 -7.13 -2.36
N ARG D 239 33.06 -8.38 -2.63
CA ARG D 239 34.43 -8.65 -3.05
C ARG D 239 34.73 -8.01 -4.40
N ALA D 240 33.76 -8.00 -5.30
CA ALA D 240 33.95 -7.41 -6.63
C ALA D 240 34.10 -5.90 -6.55
N LEU D 241 33.38 -5.26 -5.64
CA LEU D 241 33.54 -3.83 -5.41
C LEU D 241 34.81 -3.49 -4.67
N GLY D 242 35.54 -4.49 -4.18
CA GLY D 242 36.67 -4.22 -3.30
C GLY D 242 36.24 -3.66 -1.97
N GLY D 243 35.11 -4.12 -1.44
CA GLY D 243 34.63 -3.63 -0.17
C GLY D 243 35.53 -4.03 0.98
N HIS D 244 35.53 -3.22 2.02
CA HIS D 244 36.39 -3.45 3.16
C HIS D 244 35.74 -4.43 4.13
N PRO D 245 36.39 -5.55 4.45
CA PRO D 245 35.82 -6.49 5.45
C PRO D 245 35.69 -5.89 6.85
N GLU D 246 36.18 -4.67 7.08
CA GLU D 246 36.08 -4.05 8.40
C GLU D 246 34.63 -3.93 8.87
N ALA D 247 33.69 -3.86 7.93
CA ALA D 247 32.28 -3.76 8.28
C ALA D 247 31.79 -4.98 9.04
N PHE D 248 32.48 -6.11 8.94
CA PHE D 248 32.02 -7.36 9.53
C PHE D 248 32.92 -7.84 10.66
N HIS D 249 33.69 -6.95 11.26
CA HIS D 249 34.50 -7.32 12.41
C HIS D 249 33.60 -7.75 13.56
N PRO D 250 34.03 -8.73 14.37
CA PRO D 250 33.19 -9.19 15.47
C PRO D 250 32.82 -8.10 16.46
N PHE D 251 33.68 -7.08 16.63
CA PHE D 251 33.38 -6.02 17.58
C PHE D 251 32.13 -5.24 17.20
N VAL D 252 31.84 -5.11 15.91
CA VAL D 252 30.70 -4.32 15.47
C VAL D 252 29.38 -4.99 15.87
N ASP D 253 29.24 -6.29 15.56
CA ASP D 253 28.03 -6.99 15.94
C ASP D 253 27.99 -7.31 17.43
N GLU D 254 29.16 -7.37 18.08
CA GLU D 254 29.19 -7.55 19.52
C GLU D 254 28.52 -6.39 20.25
N ASN D 255 28.61 -5.20 19.70
CA ASN D 255 28.02 -4.01 20.30
C ASN D 255 26.61 -3.72 19.82
N LYS D 256 26.09 -4.50 18.86
CA LYS D 256 24.70 -4.40 18.42
C LYS D 256 24.13 -5.82 18.31
N PRO D 257 23.86 -6.47 19.45
CA PRO D 257 23.66 -7.92 19.49
C PRO D 257 22.29 -8.41 18.98
N HIS D 258 21.89 -7.91 17.83
CA HIS D 258 20.81 -8.56 17.11
C HIS D 258 21.29 -9.93 16.64
N PRO D 259 20.56 -11.02 16.91
CA PRO D 259 21.02 -12.34 16.45
C PRO D 259 21.21 -12.40 14.94
N GLY D 260 20.31 -11.77 14.19
CA GLY D 260 20.46 -11.75 12.74
C GLY D 260 21.73 -11.06 12.31
N GLN D 261 22.06 -9.95 12.97
CA GLN D 261 23.29 -9.22 12.62
C GLN D 261 24.52 -10.05 12.93
N GLY D 262 24.54 -10.72 14.08
CA GLY D 262 25.67 -11.56 14.42
C GLY D 262 25.86 -12.71 13.44
N TRP D 263 24.77 -13.41 13.12
CA TRP D 263 24.87 -14.51 12.18
C TRP D 263 25.27 -14.02 10.79
N SER D 264 24.70 -12.91 10.34
CA SER D 264 25.04 -12.37 9.03
C SER D 264 26.50 -11.93 8.96
N ALA D 265 27.01 -11.29 10.02
CA ALA D 265 28.40 -10.88 10.05
C ALA D 265 29.33 -12.08 10.08
N GLN D 266 28.97 -13.13 10.84
CA GLN D 266 29.77 -14.34 10.84
C GLN D 266 29.80 -14.99 9.46
N MET D 267 28.65 -15.01 8.78
CA MET D 267 28.61 -15.54 7.42
C MET D 267 29.48 -14.73 6.48
N MET D 268 29.42 -13.40 6.57
CA MET D 268 30.23 -12.56 5.71
C MET D 268 31.72 -12.75 5.99
N ARG D 269 32.08 -12.92 7.26
CA ARG D 269 33.48 -13.22 7.59
C ARG D 269 33.92 -14.55 7.00
N ASP D 270 33.06 -15.57 7.07
CA ASP D 270 33.38 -16.85 6.47
C ASP D 270 33.52 -16.74 4.96
N LEU D 271 32.63 -16.00 4.31
CA LEU D 271 32.57 -15.96 2.85
C LEU D 271 33.67 -15.10 2.25
N LEU D 272 34.08 -14.04 2.92
CA LEU D 272 35.10 -13.14 2.40
C LEU D 272 36.50 -13.65 2.68
N ALA D 286 37.18 6.95 2.28
CA ALA D 286 37.52 6.62 3.67
C ALA D 286 36.68 5.46 4.17
N GLN D 287 35.43 5.40 3.72
CA GLN D 287 34.51 4.35 4.12
C GLN D 287 33.68 3.92 2.93
N ASP D 288 33.23 2.66 2.96
CA ASP D 288 32.36 2.16 1.91
C ASP D 288 30.97 2.78 2.05
N ARG D 289 30.21 2.74 0.97
CA ARG D 289 28.83 3.16 1.01
C ARG D 289 28.00 2.17 1.82
N TYR D 290 26.79 2.58 2.19
CA TYR D 290 26.04 1.88 3.21
C TYR D 290 25.64 0.47 2.80
N SER D 291 25.36 0.25 1.52
CA SER D 291 24.95 -1.08 1.06
C SER D 291 26.03 -2.13 1.32
N LEU D 292 27.29 -1.71 1.48
CA LEU D 292 28.37 -2.59 1.87
C LEU D 292 28.69 -2.51 3.36
N ARG D 293 28.81 -1.30 3.89
CA ARG D 293 29.25 -1.11 5.26
C ARG D 293 28.17 -1.46 6.29
N CYS D 294 26.90 -1.32 5.92
CA CYS D 294 25.79 -1.64 6.81
C CYS D 294 25.07 -2.92 6.39
N LEU D 295 25.78 -3.85 5.75
CA LEU D 295 25.15 -5.03 5.18
C LEU D 295 24.57 -5.94 6.26
N ALA D 296 25.35 -6.23 7.30
CA ALA D 296 24.86 -7.10 8.37
C ALA D 296 23.69 -6.48 9.11
N GLN D 297 23.75 -5.16 9.36
CA GLN D 297 22.64 -4.47 10.01
C GLN D 297 21.39 -4.51 9.15
N TYR D 298 21.54 -4.38 7.83
CA TYR D 298 20.41 -4.49 6.92
C TYR D 298 19.83 -5.90 6.92
N PHE D 299 20.71 -6.91 6.99
CA PHE D 299 20.25 -8.30 6.92
C PHE D 299 19.55 -8.73 8.21
N ALA D 300 20.02 -8.26 9.37
CA ALA D 300 19.57 -8.73 10.68
C ALA D 300 18.06 -8.89 10.79
N PRO D 301 17.25 -7.85 10.55
CA PRO D 301 15.80 -8.04 10.66
C PRO D 301 15.24 -9.03 9.66
N ILE D 302 15.80 -9.10 8.44
CA ILE D 302 15.33 -10.08 7.47
C ILE D 302 15.61 -11.49 7.95
N VAL D 303 16.81 -11.73 8.45
CA VAL D 303 17.19 -13.06 8.93
C VAL D 303 16.28 -13.47 10.09
N GLU D 304 16.12 -12.59 11.07
CA GLU D 304 15.32 -12.93 12.24
C GLU D 304 13.84 -13.08 11.88
N GLY D 305 13.33 -12.23 10.99
CA GLY D 305 11.95 -12.36 10.57
C GLY D 305 11.68 -13.64 9.81
N ILE D 306 12.61 -14.05 8.94
CA ILE D 306 12.46 -15.30 8.23
C ILE D 306 12.47 -16.47 9.21
N ALA D 307 13.34 -16.42 10.22
CA ALA D 307 13.34 -17.46 11.25
C ALA D 307 12.00 -17.51 12.01
N GLN D 308 11.49 -16.34 12.41
CA GLN D 308 10.22 -16.29 13.12
C GLN D 308 9.08 -16.83 12.27
N ILE D 309 9.04 -16.46 10.99
CA ILE D 309 8.02 -16.95 10.09
C ILE D 309 8.13 -18.46 9.90
N SER D 310 9.36 -18.98 9.80
CA SER D 310 9.55 -20.42 9.72
C SER D 310 8.94 -21.11 10.92
N GLN D 311 9.26 -20.62 12.12
CA GLN D 311 8.73 -21.25 13.33
C GLN D 311 7.21 -21.18 13.40
N SER D 312 6.64 -20.02 13.06
CA SER D 312 5.19 -19.88 13.16
C SER D 312 4.46 -20.73 12.13
N ILE D 313 4.99 -20.80 10.90
CA ILE D 313 4.37 -21.64 9.88
C ILE D 313 4.49 -23.11 10.25
N SER D 314 5.64 -23.51 10.81
CA SER D 314 5.79 -24.88 11.25
C SER D 314 4.82 -25.22 12.37
N THR D 315 4.59 -24.29 13.29
CA THR D 315 3.59 -24.51 14.33
C THR D 315 2.19 -24.63 13.75
N GLU D 316 1.85 -23.75 12.81
CA GLU D 316 0.50 -23.77 12.23
C GLU D 316 0.25 -25.05 11.45
N MET D 317 1.20 -25.48 10.63
CA MET D 317 0.97 -26.63 9.75
C MET D 317 0.91 -27.94 10.52
N ASN D 318 1.43 -27.98 11.74
CA ASN D 318 1.38 -29.18 12.56
C ASN D 318 0.25 -29.16 13.57
N ALA D 319 -0.56 -28.10 13.57
CA ALA D 319 -1.70 -28.00 14.47
C ALA D 319 -2.92 -28.69 13.88
N VAL D 320 -3.83 -29.09 14.76
CA VAL D 320 -5.12 -29.62 14.35
C VAL D 320 -6.06 -28.44 14.15
N SER D 321 -6.41 -28.17 12.89
CA SER D 321 -7.23 -27.01 12.56
C SER D 321 -8.70 -27.34 12.39
N ASP D 322 -9.12 -28.57 12.66
CA ASP D 322 -10.52 -28.95 12.51
C ASP D 322 -11.38 -28.25 13.57
N ASN D 323 -12.61 -27.89 13.21
CA ASN D 323 -13.44 -27.13 14.13
C ASN D 323 -14.00 -28.02 15.24
N PRO D 324 -14.78 -29.06 14.97
CA PRO D 324 -15.17 -29.93 16.08
C PRO D 324 -13.99 -30.77 16.48
N LEU D 325 -13.35 -30.42 17.59
CA LEU D 325 -12.22 -31.16 18.10
C LEU D 325 -12.73 -32.26 19.03
N ILE D 326 -12.38 -33.50 18.74
CA ILE D 326 -12.82 -34.63 19.53
C ILE D 326 -11.68 -35.04 20.45
N ASP D 327 -11.96 -35.05 21.76
CA ASP D 327 -11.03 -35.56 22.74
C ASP D 327 -11.49 -36.98 23.09
N VAL D 328 -10.67 -37.97 22.74
CA VAL D 328 -11.01 -39.36 23.00
C VAL D 328 -10.69 -39.76 24.43
N ASP D 329 -9.80 -39.04 25.11
CA ASP D 329 -9.52 -39.32 26.51
C ASP D 329 -10.68 -38.94 27.41
N THR D 330 -11.56 -38.05 26.96
CA THR D 330 -12.79 -37.73 27.64
C THR D 330 -14.04 -37.99 26.80
N GLY D 331 -13.87 -38.24 25.51
CA GLY D 331 -15.00 -38.42 24.62
C GLY D 331 -15.85 -37.18 24.42
N ARG D 332 -15.21 -36.01 24.35
CA ARG D 332 -15.94 -34.76 24.28
C ARG D 332 -15.72 -34.07 22.93
N PHE D 333 -16.67 -33.23 22.58
CA PHE D 333 -16.60 -32.39 21.39
C PHE D 333 -16.38 -30.96 21.82
N HIS D 334 -15.42 -30.30 21.20
CA HIS D 334 -15.05 -28.93 21.52
C HIS D 334 -15.21 -28.06 20.29
N GLN D 335 -15.97 -26.98 20.41
CA GLN D 335 -16.00 -25.97 19.36
C GLN D 335 -14.65 -25.27 19.27
N SER D 336 -14.20 -25.02 18.05
CA SER D 336 -12.86 -24.50 17.82
C SER D 336 -12.89 -23.43 16.75
N GLY D 337 -11.86 -22.58 16.79
CA GLY D 337 -11.63 -21.61 15.75
C GLY D 337 -10.26 -21.82 15.14
N ASN D 338 -9.73 -23.02 15.29
CA ASN D 338 -8.39 -23.35 14.83
C ASN D 338 -8.28 -23.36 13.31
N PHE D 339 -9.40 -23.32 12.59
CA PHE D 339 -9.40 -23.20 11.14
C PHE D 339 -9.02 -21.79 10.66
N LEU D 340 -8.94 -20.82 11.56
CA LEU D 340 -8.61 -19.46 11.17
C LEU D 340 -7.10 -19.35 10.90
N GLY D 341 -6.75 -18.85 9.71
CA GLY D 341 -5.36 -18.79 9.31
C GLY D 341 -4.76 -17.40 9.35
N GLN D 342 -5.15 -16.61 10.35
CA GLN D 342 -4.64 -15.24 10.46
C GLN D 342 -3.12 -15.21 10.57
N TYR D 343 -2.55 -16.13 11.35
CA TYR D 343 -1.11 -16.17 11.53
C TYR D 343 -0.40 -16.44 10.21
N VAL D 344 -0.92 -17.38 9.41
CA VAL D 344 -0.32 -17.66 8.10
C VAL D 344 -0.39 -16.42 7.21
N ALA D 345 -1.52 -15.73 7.21
CA ALA D 345 -1.67 -14.53 6.39
C ALA D 345 -0.64 -13.47 6.76
N MET D 346 -0.51 -13.17 8.05
CA MET D 346 0.43 -12.13 8.48
C MET D 346 1.87 -12.55 8.25
N SER D 347 2.20 -13.83 8.49
CA SER D 347 3.54 -14.31 8.24
C SER D 347 3.90 -14.22 6.76
N MET D 348 2.95 -14.51 5.87
CA MET D 348 3.24 -14.43 4.45
C MET D 348 3.37 -12.98 3.99
N ASP D 349 2.59 -12.07 4.55
CA ASP D 349 2.81 -10.65 4.28
C ASP D 349 4.23 -10.25 4.68
N GLN D 350 4.67 -10.67 5.86
CA GLN D 350 6.01 -10.33 6.32
C GLN D 350 7.09 -10.96 5.44
N LEU D 351 6.87 -12.19 4.99
CA LEU D 351 7.83 -12.87 4.13
C LEU D 351 7.97 -12.17 2.79
N ARG D 352 6.85 -11.69 2.24
CA ARG D 352 6.93 -10.91 1.01
C ARG D 352 7.73 -9.63 1.23
N ARG D 353 7.52 -8.98 2.38
CA ARG D 353 8.35 -7.82 2.72
C ARG D 353 9.83 -8.18 2.73
N HIS D 354 10.18 -9.31 3.35
CA HIS D 354 11.58 -9.71 3.45
C HIS D 354 12.19 -9.95 2.07
N LEU D 355 11.45 -10.63 1.19
CA LEU D 355 11.95 -10.86 -0.16
C LEU D 355 12.13 -9.55 -0.92
N GLY D 356 11.18 -8.62 -0.76
CA GLY D 356 11.33 -7.33 -1.41
C GLY D 356 12.55 -6.58 -0.93
N LEU D 357 12.82 -6.61 0.37
CA LEU D 357 13.98 -5.90 0.91
C LEU D 357 15.29 -6.54 0.46
N LEU D 358 15.35 -7.88 0.41
CA LEU D 358 16.52 -8.54 -0.14
C LEU D 358 16.75 -8.13 -1.59
N ALA D 359 15.68 -8.11 -2.38
CA ALA D 359 15.82 -7.73 -3.79
C ALA D 359 16.29 -6.29 -3.94
N LYS D 360 15.77 -5.38 -3.11
CA LYS D 360 16.17 -3.98 -3.22
C LYS D 360 17.62 -3.77 -2.81
N HIS D 361 18.08 -4.48 -1.77
CA HIS D 361 19.49 -4.41 -1.42
C HIS D 361 20.37 -4.92 -2.55
N LEU D 362 19.98 -6.04 -3.17
CA LEU D 362 20.75 -6.55 -4.30
C LEU D 362 20.76 -5.55 -5.47
N ASP D 363 19.62 -4.91 -5.73
CA ASP D 363 19.55 -3.94 -6.82
C ASP D 363 20.44 -2.73 -6.56
N VAL D 364 20.47 -2.27 -5.31
CA VAL D 364 21.37 -1.19 -4.94
C VAL D 364 22.82 -1.59 -5.16
N GLN D 365 23.17 -2.81 -4.75
CA GLN D 365 24.53 -3.30 -4.94
C GLN D 365 24.89 -3.39 -6.43
N ILE D 366 23.95 -3.84 -7.26
CA ILE D 366 24.20 -3.92 -8.69
C ILE D 366 24.36 -2.53 -9.30
N ALA D 367 23.53 -1.59 -8.87
CA ALA D 367 23.67 -0.21 -9.34
C ALA D 367 25.05 0.34 -8.98
N GLN D 368 25.57 -0.03 -7.81
CA GLN D 368 26.95 0.31 -7.48
C GLN D 368 27.92 -0.35 -8.44
N LEU D 369 27.70 -1.63 -8.75
CA LEU D 369 28.63 -2.39 -9.57
C LEU D 369 28.70 -1.90 -11.02
N VAL D 370 27.64 -1.30 -11.54
CA VAL D 370 27.64 -0.93 -12.96
C VAL D 370 28.10 0.51 -13.22
N ALA D 371 28.13 1.37 -12.21
CA ALA D 371 28.40 2.79 -12.42
C ALA D 371 29.86 3.08 -12.12
N PRO D 372 30.65 3.55 -13.09
CA PRO D 372 32.07 3.83 -12.82
C PRO D 372 32.30 4.86 -11.73
N ALA D 373 31.33 5.73 -11.45
CA ALA D 373 31.44 6.64 -10.32
C ALA D 373 31.56 5.88 -9.00
N PHE D 374 30.99 4.68 -8.93
CA PHE D 374 31.01 3.85 -7.75
C PHE D 374 31.66 2.49 -7.97
N ASN D 375 32.12 2.21 -9.20
CA ASN D 375 32.68 0.89 -9.52
C ASN D 375 33.95 0.58 -8.74
N ASN D 376 34.73 1.61 -8.39
CA ASN D 376 36.10 1.44 -7.91
C ASN D 376 36.96 0.74 -8.97
N GLY D 377 36.77 1.12 -10.24
CA GLY D 377 37.62 0.68 -11.32
C GLY D 377 37.01 -0.35 -12.27
N LEU D 378 35.77 -0.76 -12.06
CA LEU D 378 35.16 -1.71 -12.97
C LEU D 378 34.62 -1.03 -14.22
N PRO D 379 34.55 -1.74 -15.35
CA PRO D 379 34.03 -1.13 -16.57
C PRO D 379 32.54 -0.80 -16.46
N ALA D 380 32.14 0.23 -17.21
CA ALA D 380 30.75 0.67 -17.20
C ALA D 380 29.83 -0.44 -17.70
N SER D 381 28.76 -0.69 -16.94
CA SER D 381 27.80 -1.76 -17.21
C SER D 381 28.46 -3.14 -17.25
N LEU D 382 29.64 -3.25 -16.64
CA LEU D 382 30.39 -4.51 -16.57
C LEU D 382 30.62 -5.09 -17.96
N ARG D 383 30.92 -4.23 -18.93
CA ARG D 383 31.26 -4.70 -20.27
C ARG D 383 32.56 -5.48 -20.24
N GLY D 384 32.61 -6.57 -21.00
CA GLY D 384 33.76 -7.46 -20.95
C GLY D 384 34.91 -7.07 -21.85
N ASN D 385 34.64 -6.48 -23.01
CA ASN D 385 35.67 -6.12 -23.97
C ASN D 385 35.65 -4.62 -24.21
N SER D 386 36.78 -3.97 -23.96
CA SER D 386 36.93 -2.55 -24.26
C SER D 386 37.32 -2.28 -25.70
N SER D 387 37.73 -3.30 -26.45
CA SER D 387 38.14 -3.08 -27.84
C SER D 387 36.95 -2.75 -28.73
N ARG D 388 35.81 -3.42 -28.51
CA ARG D 388 34.58 -3.08 -29.21
C ARG D 388 33.96 -1.85 -28.55
N PRO D 389 34.04 -0.67 -29.18
CA PRO D 389 33.57 0.55 -28.51
C PRO D 389 32.08 0.56 -28.22
N PHE D 390 31.29 -0.26 -28.90
CA PHE D 390 29.84 -0.26 -28.75
C PHE D 390 29.33 -1.36 -27.84
N ASN D 391 30.22 -2.05 -27.12
CA ASN D 391 29.79 -3.06 -26.17
C ASN D 391 29.07 -2.42 -24.99
N MET D 392 27.86 -2.89 -24.71
CA MET D 392 27.08 -2.48 -23.55
C MET D 392 26.81 -3.75 -22.75
N GLY D 393 27.75 -4.10 -21.86
CA GLY D 393 27.80 -5.42 -21.29
C GLY D 393 26.52 -5.94 -20.65
N LEU D 394 26.13 -5.38 -19.50
CA LEU D 394 24.98 -5.88 -18.77
C LEU D 394 23.96 -4.77 -18.52
N LYS D 395 23.85 -3.84 -19.46
CA LYS D 395 22.88 -2.75 -19.32
C LYS D 395 21.45 -3.27 -19.39
N GLY D 396 21.14 -4.08 -20.40
CA GLY D 396 19.80 -4.66 -20.49
C GLY D 396 19.50 -5.58 -19.33
N LEU D 397 20.52 -6.31 -18.86
CA LEU D 397 20.35 -7.14 -17.68
C LEU D 397 20.02 -6.31 -16.44
N GLN D 398 20.69 -5.17 -16.29
CA GLN D 398 20.36 -4.30 -15.17
C GLN D 398 18.94 -3.77 -15.30
N ILE D 399 18.51 -3.46 -16.52
CA ILE D 399 17.13 -3.01 -16.71
C ILE D 399 16.16 -4.11 -16.32
N THR D 400 16.48 -5.36 -16.65
CA THR D 400 15.63 -6.48 -16.24
C THR D 400 15.54 -6.58 -14.73
N GLY D 401 16.67 -6.45 -14.04
CA GLY D 401 16.63 -6.43 -12.58
C GLY D 401 15.82 -5.27 -12.03
N ASN D 402 15.96 -4.09 -12.63
CA ASN D 402 15.20 -2.92 -12.21
C ASN D 402 13.72 -3.06 -12.49
N SER D 403 13.34 -3.94 -13.42
CA SER D 403 11.93 -4.21 -13.64
C SER D 403 11.39 -5.25 -12.67
N ILE D 404 12.25 -6.18 -12.23
CA ILE D 404 11.77 -7.23 -11.32
C ILE D 404 11.68 -6.73 -9.88
N MET D 405 12.71 -6.03 -9.40
CA MET D 405 12.77 -5.68 -7.98
C MET D 405 11.55 -4.89 -7.48
N PRO D 406 11.08 -3.83 -8.16
CA PRO D 406 9.92 -3.11 -7.65
C PRO D 406 8.66 -3.96 -7.55
N LEU D 407 8.53 -5.02 -8.35
CA LEU D 407 7.40 -5.92 -8.18
C LEU D 407 7.45 -6.60 -6.81
N LEU D 408 8.63 -7.04 -6.38
CA LEU D 408 8.78 -7.62 -5.06
C LEU D 408 8.52 -6.59 -3.97
N THR D 409 9.06 -5.39 -4.12
CA THR D 409 8.81 -4.34 -3.14
C THR D 409 7.33 -4.00 -3.05
N TYR D 410 6.65 -3.96 -4.19
CA TYR D 410 5.21 -3.73 -4.23
C TYR D 410 4.45 -4.85 -3.53
N LEU D 411 4.87 -6.11 -3.76
CA LEU D 411 4.27 -7.23 -3.07
C LEU D 411 4.56 -7.21 -1.58
N GLY D 412 5.48 -6.36 -1.13
CA GLY D 412 5.64 -6.11 0.29
C GLY D 412 4.42 -5.51 0.96
N ASN D 413 3.47 -4.99 0.19
CA ASN D 413 2.24 -4.49 0.78
C ASN D 413 1.44 -5.64 1.39
N PRO D 414 0.76 -5.41 2.52
CA PRO D 414 0.02 -6.48 3.17
C PRO D 414 -1.37 -6.68 2.57
N LEU D 415 -1.78 -7.94 2.50
CA LEU D 415 -3.13 -8.30 2.08
C LEU D 415 -4.07 -8.53 3.24
N THR D 416 -3.54 -8.93 4.40
CA THR D 416 -4.37 -9.29 5.54
C THR D 416 -5.30 -8.15 5.95
N GLU D 417 -4.80 -6.90 5.86
CA GLU D 417 -5.60 -5.74 6.25
C GLU D 417 -6.89 -5.65 5.45
N HIS D 418 -6.89 -6.09 4.19
CA HIS D 418 -8.11 -6.07 3.38
C HIS D 418 -8.97 -7.29 3.62
N PHE D 419 -9.21 -7.65 4.90
CA PHE D 419 -9.99 -8.87 4.85
C PHE D 419 -11.48 -8.54 4.89
N PRO D 420 -12.31 -9.32 4.19
CA PRO D 420 -13.74 -9.01 4.14
C PRO D 420 -14.42 -9.33 5.46
N THR D 421 -15.21 -8.37 5.95
CA THR D 421 -15.97 -8.55 7.18
C THR D 421 -17.39 -9.01 6.93
N HIS D 422 -17.81 -9.08 5.67
CA HIS D 422 -19.13 -9.53 5.28
C HIS D 422 -19.13 -10.97 4.78
N ALA D 423 -18.00 -11.65 4.88
CA ALA D 423 -17.84 -12.95 4.23
C ALA D 423 -18.77 -14.00 4.82
N GLU D 424 -19.35 -14.81 3.93
CA GLU D 424 -20.14 -15.98 4.29
C GLU D 424 -21.31 -15.61 5.20
N GLU D 425 -22.23 -14.82 4.65
CA GLU D 425 -23.43 -14.37 5.36
C GLU D 425 -23.10 -13.66 6.66
N PHE D 426 -22.00 -12.91 6.65
CA PHE D 426 -21.51 -12.14 7.80
C PHE D 426 -21.09 -13.03 8.96
N ASN D 427 -21.08 -14.35 8.78
CA ASN D 427 -20.65 -15.25 9.85
C ASN D 427 -19.14 -15.28 9.99
N GLN D 428 -18.42 -15.21 8.88
CA GLN D 428 -16.95 -15.15 8.90
C GLN D 428 -16.49 -13.70 8.82
N ASN D 429 -16.86 -12.93 9.84
CA ASN D 429 -16.55 -11.50 9.84
C ASN D 429 -15.07 -11.23 10.10
N ILE D 430 -14.32 -12.20 10.61
CA ILE D 430 -12.87 -12.19 10.56
C ILE D 430 -12.44 -13.48 9.88
N ASN D 431 -11.62 -13.36 8.84
CA ASN D 431 -11.09 -14.54 8.15
C ASN D 431 -9.57 -14.55 8.08
N GLY D 432 -8.97 -13.51 7.51
CA GLY D 432 -7.53 -13.43 7.41
C GLY D 432 -6.95 -13.36 6.02
N LEU D 433 -7.52 -14.13 5.09
CA LEU D 433 -7.03 -14.22 3.71
C LEU D 433 -5.64 -14.86 3.64
N SER D 434 -5.43 -15.92 4.42
CA SER D 434 -4.14 -16.60 4.38
C SER D 434 -3.89 -17.26 3.04
N TRP D 435 -4.95 -17.71 2.37
CA TRP D 435 -4.82 -18.34 1.06
C TRP D 435 -4.27 -17.36 0.03
N GLY D 436 -4.90 -16.19 -0.09
CA GLY D 436 -4.41 -15.19 -1.01
C GLY D 436 -3.03 -14.69 -0.67
N SER D 437 -2.76 -14.50 0.64
CA SER D 437 -1.45 -14.05 1.07
C SER D 437 -0.37 -15.06 0.73
N ALA D 438 -0.64 -16.35 0.94
CA ALA D 438 0.34 -17.39 0.62
C ALA D 438 0.58 -17.49 -0.88
N ASN D 439 -0.48 -17.35 -1.68
CA ASN D 439 -0.29 -17.37 -3.13
C ASN D 439 0.51 -16.15 -3.60
N LEU D 440 0.28 -14.99 -2.99
CA LEU D 440 1.11 -13.83 -3.26
C LEU D 440 2.56 -14.08 -2.87
N ALA D 441 2.78 -14.75 -1.73
CA ALA D 441 4.14 -15.06 -1.29
C ALA D 441 4.84 -15.98 -2.27
N TRP D 442 4.11 -16.95 -2.84
CA TRP D 442 4.71 -17.81 -3.85
C TRP D 442 5.03 -17.02 -5.12
N ARG D 443 4.15 -16.09 -5.50
CA ARG D 443 4.47 -15.18 -6.60
C ARG D 443 5.77 -14.42 -6.33
N SER D 444 5.93 -13.93 -5.09
CA SER D 444 7.17 -13.27 -4.70
C SER D 444 8.36 -14.22 -4.83
N VAL D 445 8.19 -15.47 -4.43
CA VAL D 445 9.27 -16.45 -4.54
C VAL D 445 9.70 -16.63 -5.99
N GLN D 446 8.74 -16.76 -6.89
CA GLN D 446 9.06 -16.92 -8.31
C GLN D 446 9.78 -15.69 -8.86
N LEU D 447 9.27 -14.50 -8.52
CA LEU D 447 9.91 -13.27 -8.95
C LEU D 447 11.34 -13.17 -8.43
N PHE D 448 11.55 -13.55 -7.17
CA PHE D 448 12.88 -13.45 -6.59
C PHE D 448 13.82 -14.51 -7.16
N GLN D 449 13.30 -15.65 -7.60
CA GLN D 449 14.13 -16.62 -8.30
C GLN D 449 14.64 -16.05 -9.62
N HIS D 450 13.74 -15.42 -10.39
CA HIS D 450 14.18 -14.74 -11.61
C HIS D 450 15.21 -13.66 -11.29
N TYR D 451 14.94 -12.87 -10.25
CA TYR D 451 15.83 -11.79 -9.87
C TYR D 451 17.19 -12.33 -9.46
N LEU D 452 17.23 -13.46 -8.75
CA LEU D 452 18.49 -14.01 -8.32
C LEU D 452 19.27 -14.61 -9.48
N SER D 453 18.59 -15.09 -10.52
CA SER D 453 19.32 -15.44 -11.74
C SER D 453 20.04 -14.22 -12.31
N VAL D 454 19.32 -13.10 -12.39
CA VAL D 454 19.94 -11.85 -12.86
C VAL D 454 21.14 -11.48 -11.98
N ALA D 455 20.94 -11.51 -10.66
CA ALA D 455 21.99 -11.14 -9.72
C ALA D 455 23.18 -12.08 -9.78
N SER D 456 22.95 -13.37 -10.04
CA SER D 456 24.05 -14.32 -10.17
C SER D 456 24.91 -13.99 -11.37
N ILE D 457 24.29 -13.66 -12.50
CA ILE D 457 25.08 -13.27 -13.67
C ILE D 457 25.88 -12.00 -13.36
N PHE D 458 25.25 -11.03 -12.70
CA PHE D 458 25.96 -9.80 -12.35
C PHE D 458 27.14 -10.09 -11.44
N ALA D 459 26.95 -10.94 -10.43
CA ALA D 459 28.03 -11.25 -9.49
C ALA D 459 29.20 -11.93 -10.19
N VAL D 460 28.90 -12.93 -11.03
CA VAL D 460 29.97 -13.66 -11.70
C VAL D 460 30.77 -12.75 -12.62
N GLN D 461 30.06 -11.94 -13.43
CA GLN D 461 30.75 -11.02 -14.32
C GLN D 461 31.59 -10.02 -13.54
N ALA D 462 31.03 -9.46 -12.46
CA ALA D 462 31.74 -8.46 -11.68
C ALA D 462 33.00 -9.04 -11.05
N ILE D 463 32.92 -10.24 -10.50
CA ILE D 463 34.09 -10.82 -9.86
C ILE D 463 35.15 -11.19 -10.89
N ASP D 464 34.75 -11.63 -12.08
CA ASP D 464 35.72 -11.88 -13.15
C ASP D 464 36.43 -10.59 -13.55
N LEU D 465 35.68 -9.51 -13.70
CA LEU D 465 36.30 -8.23 -14.07
C LEU D 465 37.22 -7.72 -12.97
N ARG D 466 36.83 -7.90 -11.71
CA ARG D 466 37.70 -7.49 -10.60
C ARG D 466 38.99 -8.30 -10.59
N ALA D 467 38.90 -9.61 -10.81
CA ALA D 467 40.10 -10.43 -10.89
C ALA D 467 41.00 -9.98 -12.03
N GLY D 468 40.40 -9.67 -13.19
CA GLY D 468 41.20 -9.15 -14.29
C GLY D 468 41.87 -7.84 -13.95
N LEU D 469 41.18 -6.98 -13.21
CA LEU D 469 41.76 -5.68 -12.85
C LEU D 469 42.92 -5.84 -11.87
N GLU D 470 42.77 -6.70 -10.87
CA GLU D 470 43.83 -6.95 -9.90
C GLU D 470 44.87 -7.91 -10.48
N GLY D 476 38.63 -15.20 -11.35
CA GLY D 476 37.54 -14.86 -10.47
C GLY D 476 37.56 -15.64 -9.18
N ARG D 477 37.76 -16.96 -9.29
CA ARG D 477 37.79 -17.84 -8.13
C ARG D 477 38.93 -17.52 -7.17
N GLU D 478 39.98 -16.85 -7.66
CA GLU D 478 41.10 -16.50 -6.80
C GLU D 478 40.73 -15.49 -5.73
N LEU D 479 39.67 -14.73 -5.94
CA LEU D 479 39.25 -13.71 -4.99
C LEU D 479 38.19 -14.20 -4.03
N LEU D 480 37.73 -15.44 -4.16
CA LEU D 480 36.54 -15.91 -3.45
C LEU D 480 36.89 -17.01 -2.47
N GLY D 481 36.09 -17.12 -1.41
CA GLY D 481 36.20 -18.19 -0.46
C GLY D 481 35.60 -19.47 -1.00
N GLU D 482 35.51 -20.48 -0.13
CA GLU D 482 35.09 -21.81 -0.58
C GLU D 482 33.64 -21.83 -1.05
N THR D 483 32.72 -21.31 -0.23
CA THR D 483 31.31 -21.33 -0.61
C THR D 483 31.05 -20.46 -1.84
N ALA D 484 31.66 -19.27 -1.88
CA ALA D 484 31.48 -18.39 -3.03
C ALA D 484 32.14 -18.98 -4.27
N THR D 485 33.28 -19.64 -4.13
CA THR D 485 33.89 -20.33 -5.27
C THR D 485 32.99 -21.45 -5.76
N GLU D 486 32.39 -22.20 -4.84
CA GLU D 486 31.50 -23.29 -5.22
C GLU D 486 30.28 -22.76 -5.98
N LEU D 487 29.70 -21.65 -5.51
CA LEU D 487 28.58 -21.05 -6.23
C LEU D 487 29.01 -20.54 -7.60
N TYR D 488 30.18 -19.90 -7.68
CA TYR D 488 30.69 -19.40 -8.95
C TYR D 488 30.91 -20.54 -9.94
N GLU D 489 31.50 -21.64 -9.48
CA GLU D 489 31.72 -22.79 -10.36
C GLU D 489 30.41 -23.45 -10.76
N THR D 490 29.44 -23.49 -9.85
CA THR D 490 28.13 -24.03 -10.21
C THR D 490 27.47 -23.19 -11.29
N VAL D 491 27.56 -21.87 -11.16
CA VAL D 491 26.99 -21.00 -12.19
C VAL D 491 27.71 -21.18 -13.53
N TYR D 492 29.04 -21.30 -13.48
CA TYR D 492 29.80 -21.53 -14.70
C TYR D 492 29.44 -22.85 -15.35
N ASP D 493 29.20 -23.90 -14.55
CA ASP D 493 28.90 -25.21 -15.11
C ASP D 493 27.47 -25.27 -15.64
N LEU D 494 26.53 -24.61 -14.96
CA LEU D 494 25.15 -24.59 -15.45
C LEU D 494 25.05 -23.92 -16.81
N LEU D 495 25.84 -22.86 -17.02
CA LEU D 495 25.84 -22.13 -18.27
C LEU D 495 26.84 -22.67 -19.28
N GLU D 496 27.57 -23.73 -18.93
CA GLU D 496 28.52 -24.40 -19.81
C GLU D 496 29.61 -23.43 -20.30
N ARG D 497 30.32 -22.84 -19.34
CA ARG D 497 31.45 -21.98 -19.64
C ARG D 497 32.73 -22.59 -19.06
N PRO D 504 36.58 -13.01 -19.31
CA PRO D 504 35.55 -13.04 -18.27
C PRO D 504 34.31 -13.80 -18.71
N PHE D 505 33.27 -13.82 -17.86
CA PHE D 505 32.05 -14.54 -18.19
C PHE D 505 31.44 -14.05 -19.49
N LEU D 506 31.36 -12.74 -19.66
CA LEU D 506 30.84 -12.12 -20.87
C LEU D 506 31.90 -11.19 -21.43
N PHE D 507 32.24 -11.37 -22.70
CA PHE D 507 33.31 -10.61 -23.34
C PHE D 507 32.78 -9.69 -24.42
N ASN D 508 32.09 -10.23 -25.43
CA ASN D 508 31.39 -9.43 -26.42
C ASN D 508 29.90 -9.69 -26.31
N ASP D 509 29.11 -8.64 -26.58
CA ASP D 509 27.67 -8.73 -26.40
C ASP D 509 27.04 -9.77 -27.33
N ASP D 510 27.62 -9.99 -28.50
CA ASP D 510 27.01 -10.86 -29.50
C ASP D 510 27.45 -12.31 -29.37
N GLU D 511 28.25 -12.65 -28.37
CA GLU D 511 28.79 -14.00 -28.24
C GLU D 511 27.88 -14.94 -27.46
N GLN D 512 26.78 -14.45 -26.92
CA GLN D 512 25.85 -15.29 -26.17
C GLN D 512 24.50 -14.60 -26.12
N SER D 513 23.50 -15.34 -25.66
CA SER D 513 22.18 -14.79 -25.35
C SER D 513 21.97 -14.92 -23.86
N LEU D 514 21.84 -13.78 -23.17
CA LEU D 514 21.62 -13.81 -21.73
C LEU D 514 20.28 -14.42 -21.36
N GLU D 515 19.32 -14.44 -22.28
CA GLU D 515 18.03 -15.07 -22.01
C GLU D 515 18.20 -16.55 -21.72
N VAL D 516 19.03 -17.24 -22.49
CA VAL D 516 19.27 -18.67 -22.27
C VAL D 516 19.90 -18.90 -20.90
N ASP D 517 20.88 -18.07 -20.54
CA ASP D 517 21.52 -18.20 -19.24
C ASP D 517 20.53 -17.96 -18.10
N LEU D 518 19.70 -16.93 -18.23
CA LEU D 518 18.70 -16.65 -17.21
C LEU D 518 17.72 -17.81 -17.08
N GLN D 519 17.30 -18.39 -18.21
CA GLN D 519 16.42 -19.54 -18.17
C GLN D 519 17.08 -20.72 -17.47
N MET D 520 18.36 -20.97 -17.76
CA MET D 520 19.08 -22.08 -17.13
C MET D 520 19.16 -21.88 -15.62
N LEU D 521 19.57 -20.69 -15.18
CA LEU D 521 19.69 -20.44 -13.75
C LEU D 521 18.34 -20.50 -13.05
N ASN D 522 17.29 -19.95 -13.67
CA ASN D 522 15.96 -19.99 -13.07
C ASN D 522 15.43 -21.42 -13.00
N GLY D 523 15.65 -22.20 -14.05
CA GLY D 523 15.22 -23.60 -14.01
C GLY D 523 15.97 -24.39 -12.96
N ASP D 524 17.25 -24.08 -12.76
CA ASP D 524 17.99 -24.72 -11.67
C ASP D 524 17.40 -24.36 -10.32
N LEU D 525 17.15 -23.06 -10.08
CA LEU D 525 16.62 -22.64 -8.80
C LEU D 525 15.24 -23.25 -8.54
N ALA D 526 14.41 -23.33 -9.59
CA ALA D 526 13.09 -23.94 -9.47
C ALA D 526 13.12 -25.45 -9.46
N GLY D 527 14.17 -26.06 -10.01
CA GLY D 527 14.21 -27.51 -10.17
C GLY D 527 15.25 -28.23 -9.31
N ALA D 528 16.36 -28.61 -9.93
CA ALA D 528 17.35 -29.44 -9.25
C ALA D 528 18.03 -28.70 -8.11
N GLY D 529 18.19 -27.38 -8.22
CA GLY D 529 18.81 -26.62 -7.16
C GLY D 529 20.29 -26.89 -6.93
N ARG D 530 21.08 -26.95 -8.00
CA ARG D 530 22.52 -27.06 -7.84
C ARG D 530 23.10 -25.81 -7.20
N MET D 531 22.53 -24.64 -7.48
CA MET D 531 22.95 -23.41 -6.82
C MET D 531 22.59 -23.42 -5.34
N HIS D 532 21.47 -24.05 -4.98
CA HIS D 532 21.13 -24.21 -3.58
C HIS D 532 22.09 -25.16 -2.88
N GLU D 533 22.53 -26.21 -3.58
CA GLU D 533 23.54 -27.10 -3.03
C GLU D 533 24.87 -26.38 -2.84
N ALA D 534 25.21 -25.48 -3.77
CA ALA D 534 26.50 -24.78 -3.67
C ALA D 534 26.57 -23.89 -2.44
N VAL D 535 25.44 -23.39 -1.97
CA VAL D 535 25.40 -22.53 -0.79
C VAL D 535 24.78 -23.24 0.40
N SER D 536 24.76 -24.58 0.39
CA SER D 536 24.09 -25.33 1.44
C SER D 536 24.72 -25.14 2.80
N SER D 537 26.00 -24.79 2.87
CA SER D 537 26.63 -24.54 4.16
C SER D 537 25.99 -23.35 4.86
N VAL D 538 25.70 -22.29 4.12
CA VAL D 538 25.06 -21.11 4.70
C VAL D 538 23.64 -21.43 5.15
N THR D 539 22.90 -22.20 4.34
CA THR D 539 21.55 -22.59 4.72
C THR D 539 21.55 -23.45 5.98
N ASP D 540 22.49 -24.39 6.06
CA ASP D 540 22.61 -25.22 7.26
C ASP D 540 23.00 -24.38 8.47
N SER D 541 23.89 -23.41 8.28
CA SER D 541 24.25 -22.52 9.38
C SER D 541 23.05 -21.73 9.87
N PHE D 542 22.22 -21.23 8.93
CA PHE D 542 21.01 -20.52 9.33
C PHE D 542 20.05 -21.43 10.08
N LEU D 543 19.88 -22.67 9.61
CA LEU D 543 18.98 -23.59 10.29
C LEU D 543 19.49 -23.95 11.68
N ALA D 544 20.81 -24.16 11.82
CA ALA D 544 21.37 -24.49 13.12
C ALA D 544 21.27 -23.33 14.09
N GLU D 545 21.52 -22.11 13.61
CA GLU D 545 21.44 -20.95 14.48
C GLU D 545 20.01 -20.61 14.84
N PHE D 546 19.10 -20.68 13.88
CA PHE D 546 17.72 -20.27 14.08
C PHE D 546 16.77 -21.45 13.90
#